data_5J7V
#
_entry.id   5J7V
#
_cell.length_a   1
_cell.length_b   1
_cell.length_c   1
_cell.angle_alpha   90
_cell.angle_beta   90
_cell.angle_gamma   90
#
_symmetry.space_group_name_H-M   'P 1'
#
_entity_poly.entity_id   1
_entity_poly.type   'polypeptide(L)'
_entity_poly.pdbx_seq_one_letter_code
;EAGGVFKLIANDGKADRMIMANDLLNDRIKSIMCLRAKQGFSDPTPTLVDIERTHILLINSHYKPFAAMGYEYQKTRPNT
GNPTYNSTIQFSIPQFGDFFSDMVVHVQLAATSASAGTVPALPAFIGADDQVLTSTSVVSATENTTSGVYTLYTQSYVNQ
QGTTQTVAAAATNFVRYCEYPGLRLFKRVKFEVNGNPLDEYTALAAIMYNKFHVPDFKLTGWKRLIGQEVPVEAASNLVN
IASTTPWGSPIVALSDVNGTAVTGSPVNAAITARKLTQVVFGAQTPKATQEQLNMFVPLLFWFRDPRLAIASVSIPYGQR
FITVDIEQQSNILFTAPGNLFLQTTVETLLTTGAGKGTATGVLLTQYNRYTTYTPTLASGSSIDGTQAVQNIELYINNIF
VTPEIHDIYIKRIGFTLIRVYREQVQREVNAADQVLQSQLKWPVEFIYLGLRPANNIAAGNTYQWRDWHHLTSVTNEPVY
DVSQSYARVSIDDTVAPVGSTTFKQSASQVMQNQYIVPVETETLDTVRVKAHGIELYAQYRAQFYRDYIPWNYGSFNLVT
PQDKGALFLNFCLYPGTYQPSGHVNISRAREFYIEYTSSFCDSSNPCDLISIAKCINFLLISDGSAVLRYSTKEFYLQCL
ILRCI
;
_entity_poly.pdbx_strand_id   A,B,C
#
# COMPACT_ATOMS: atom_id res chain seq x y z
N ASP A 12 -13.11 13.22 41.67
CA ASP A 12 -13.05 12.09 42.59
C ASP A 12 -13.97 10.98 42.05
N GLY A 13 -13.88 9.74 42.57
CA GLY A 13 -13.08 9.38 43.74
C GLY A 13 -12.00 8.33 43.59
N LYS A 14 -12.29 7.13 44.10
CA LYS A 14 -11.26 6.10 44.28
C LYS A 14 -10.41 5.91 43.03
N ALA A 15 -11.06 5.77 41.88
CA ALA A 15 -10.33 5.57 40.63
C ALA A 15 -9.48 6.79 40.28
N ASP A 16 -10.01 7.99 40.54
CA ASP A 16 -9.28 9.21 40.21
C ASP A 16 -8.16 9.51 41.20
N ARG A 17 -8.26 9.03 42.45
CA ARG A 17 -7.16 9.22 43.40
C ARG A 17 -5.93 8.41 43.00
N MET A 18 -6.13 7.27 42.34
CA MET A 18 -5.01 6.42 41.94
C MET A 18 -4.41 6.81 40.59
N ILE A 19 -5.13 7.58 39.78
CA ILE A 19 -4.67 7.92 38.44
C ILE A 19 -4.02 9.30 38.45
N MET A 20 -4.53 10.20 39.26
CA MET A 20 -4.04 11.58 39.29
C MET A 20 -3.54 12.03 40.66
N ALA A 21 -4.07 11.47 41.75
CA ALA A 21 -3.62 11.79 43.10
C ALA A 21 -3.58 13.30 43.33
N ASN A 22 -4.68 13.97 43.00
CA ASN A 22 -4.70 15.43 43.04
C ASN A 22 -4.80 15.97 44.45
N ASP A 23 -5.39 15.21 45.38
CA ASP A 23 -5.38 15.62 46.78
C ASP A 23 -4.00 15.45 47.39
N LEU A 24 -3.25 14.42 46.96
CA LEU A 24 -1.85 14.30 47.35
C LEU A 24 -1.03 15.44 46.78
N LEU A 25 -1.24 15.75 45.50
CA LEU A 25 -0.46 16.80 44.84
C LEU A 25 -0.65 18.15 45.51
N ASN A 26 -1.90 18.49 45.84
CA ASN A 26 -2.16 19.78 46.51
C ASN A 26 -1.52 19.81 47.89
N ASP A 27 -1.59 18.70 48.63
CA ASP A 27 -0.96 18.66 49.94
C ASP A 27 0.56 18.74 49.83
N ARG A 28 1.14 18.18 48.77
CA ARG A 28 2.57 18.37 48.54
C ARG A 28 2.88 19.84 48.27
N ILE A 29 2.03 20.52 47.50
CA ILE A 29 2.24 21.93 47.21
C ILE A 29 2.14 22.75 48.49
N LYS A 30 1.11 22.50 49.30
CA LYS A 30 0.95 23.23 50.54
C LYS A 30 2.12 23.00 51.48
N SER A 31 2.65 21.77 51.50
CA SER A 31 3.78 21.47 52.38
C SER A 31 5.04 22.19 51.94
N ILE A 32 5.35 22.15 50.64
CA ILE A 32 6.60 22.71 50.16
C ILE A 32 6.60 24.22 50.28
N MET A 33 5.46 24.87 49.98
CA MET A 33 5.39 26.32 50.10
C MET A 33 5.59 26.78 51.54
N CYS A 34 5.20 25.96 52.52
CA CYS A 34 5.38 26.34 53.91
C CYS A 34 6.81 26.11 54.36
N LEU A 35 7.42 25.00 53.97
CA LEU A 35 8.81 24.74 54.34
C LEU A 35 9.75 25.77 53.71
N ARG A 36 9.45 26.20 52.48
CA ARG A 36 10.23 27.26 51.87
C ARG A 36 10.06 28.57 52.62
N ALA A 37 8.83 28.86 53.08
CA ALA A 37 8.61 30.05 53.88
C ALA A 37 9.30 29.94 55.24
N LYS A 38 9.28 28.73 55.83
CA LYS A 38 9.96 28.52 57.10
C LYS A 38 11.46 28.75 56.97
N GLN A 39 12.06 28.25 55.89
CA GLN A 39 13.51 28.34 55.70
C GLN A 39 13.95 29.70 55.19
N GLY A 40 13.03 30.62 54.91
CA GLY A 40 13.39 31.97 54.52
C GLY A 40 13.61 32.18 53.04
N PHE A 41 12.98 31.38 52.19
CA PHE A 41 13.08 31.61 50.75
C PHE A 41 12.22 32.79 50.33
N SER A 42 12.75 33.61 49.43
CA SER A 42 11.99 34.76 48.94
C SER A 42 10.77 34.32 48.16
N ASP A 43 10.91 33.28 47.34
CA ASP A 43 9.82 32.77 46.50
C ASP A 43 9.38 31.41 47.01
N PRO A 44 8.25 31.32 47.71
CA PRO A 44 7.83 30.02 48.28
C PRO A 44 7.17 29.09 47.28
N THR A 45 6.86 29.55 46.07
CA THR A 45 6.18 28.71 45.10
C THR A 45 7.08 27.55 44.68
N PRO A 46 6.54 26.34 44.58
CA PRO A 46 7.39 25.15 44.36
C PRO A 46 8.09 25.18 43.01
N THR A 47 9.08 24.32 42.90
CA THR A 47 9.80 24.09 41.66
C THR A 47 9.11 22.99 40.86
N LEU A 48 9.18 23.10 39.53
CA LEU A 48 8.65 22.03 38.68
C LEU A 48 9.26 20.68 39.03
N VAL A 49 10.53 20.66 39.45
CA VAL A 49 11.16 19.43 39.88
C VAL A 49 10.44 18.85 41.10
N ASP A 50 10.12 19.71 42.07
CA ASP A 50 9.43 19.25 43.27
C ASP A 50 8.08 18.62 42.93
N ILE A 51 7.37 19.21 41.96
CA ILE A 51 6.12 18.61 41.51
C ILE A 51 6.38 17.28 40.83
N GLU A 52 7.43 17.21 40.02
CA GLU A 52 7.70 16.03 39.21
C GLU A 52 8.30 14.87 39.99
N ARG A 53 8.57 15.04 41.29
CA ARG A 53 9.05 13.91 42.09
C ARG A 53 7.94 12.89 42.34
N THR A 54 6.67 13.28 42.20
CA THR A 54 5.55 12.38 42.34
C THR A 54 4.63 12.36 41.13
N HIS A 55 4.37 13.52 40.53
CA HIS A 55 3.41 13.64 39.43
C HIS A 55 4.11 14.04 38.14
N ILE A 56 3.54 13.62 37.01
CA ILE A 56 4.07 13.95 35.70
C ILE A 56 3.28 15.12 35.13
N LEU A 57 3.97 16.02 34.43
CA LEU A 57 3.38 17.20 33.84
C LEU A 57 3.14 16.93 32.36
N LEU A 58 1.87 16.76 31.99
CA LEU A 58 1.55 16.40 30.62
C LEU A 58 1.85 17.53 29.65
N ILE A 59 1.61 18.78 30.06
CA ILE A 59 2.07 19.94 29.32
C ILE A 59 3.37 20.40 29.95
N ASN A 60 4.46 20.32 29.19
CA ASN A 60 5.79 20.61 29.72
C ASN A 60 6.72 20.86 28.56
N SER A 61 7.17 22.10 28.40
CA SER A 61 8.08 22.48 27.33
C SER A 61 9.54 22.37 27.75
N HIS A 62 9.82 21.61 28.80
CA HIS A 62 11.20 21.47 29.28
C HIS A 62 12.00 20.58 28.34
N TYR A 63 13.27 20.94 28.16
CA TYR A 63 14.24 20.13 27.46
C TYR A 63 15.57 20.33 28.16
N LYS A 64 16.51 19.44 27.88
CA LYS A 64 17.82 19.69 28.45
C LYS A 64 18.83 19.99 27.34
N PRO A 65 19.79 20.88 27.60
CA PRO A 65 20.79 21.18 26.57
C PRO A 65 21.65 19.95 26.31
N PHE A 66 22.01 19.75 25.04
CA PHE A 66 22.90 18.67 24.68
C PHE A 66 24.32 19.20 24.54
N ALA A 67 25.28 18.37 24.93
CA ALA A 67 26.68 18.69 24.71
C ALA A 67 26.92 18.94 23.24
N ALA A 68 27.64 20.02 22.93
CA ALA A 68 27.83 20.46 21.56
C ALA A 68 28.33 19.32 20.68
N MET A 69 27.76 19.21 19.49
CA MET A 69 28.07 18.12 18.58
C MET A 69 27.50 18.41 17.21
N GLY A 70 28.29 18.14 16.17
CA GLY A 70 27.82 18.24 14.81
C GLY A 70 28.37 17.09 13.99
N TYR A 71 27.74 16.87 12.84
CA TYR A 71 28.15 15.79 11.95
C TYR A 71 28.25 16.29 10.51
N GLU A 72 29.07 15.59 9.73
CA GLU A 72 29.22 15.85 8.31
C GLU A 72 29.62 14.56 7.61
N TYR A 73 29.07 14.34 6.42
CA TYR A 73 29.40 13.16 5.64
C TYR A 73 30.69 13.39 4.86
N GLN A 74 31.32 12.28 4.45
CA GLN A 74 32.52 12.33 3.65
C GLN A 74 32.53 11.18 2.65
N LYS A 75 33.08 11.44 1.47
CA LYS A 75 33.11 10.52 0.36
C LYS A 75 34.51 9.94 0.21
N THR A 76 34.59 8.65 -0.13
CA THR A 76 35.88 7.98 -0.23
C THR A 76 35.86 6.96 -1.36
N ARG A 77 36.92 6.99 -2.22
CA ARG A 77 37.21 6.04 -3.27
C ARG A 77 38.02 4.87 -2.72
N PRO A 78 37.93 3.69 -3.33
CA PRO A 78 38.56 2.50 -2.75
C PRO A 78 40.07 2.48 -2.96
N ASN A 79 40.73 1.63 -2.16
CA ASN A 79 42.17 1.42 -2.27
C ASN A 79 42.53 0.43 -3.37
N THR A 80 41.55 -0.28 -3.92
CA THR A 80 41.81 -1.44 -4.78
C THR A 80 41.66 -1.13 -6.27
N GLY A 81 41.89 0.11 -6.66
CA GLY A 81 41.89 0.42 -8.09
C GLY A 81 40.50 0.44 -8.70
N ASN A 82 40.47 0.23 -10.01
CA ASN A 82 39.25 0.38 -10.79
C ASN A 82 38.25 -0.71 -10.41
N PRO A 83 37.01 -0.36 -10.07
CA PRO A 83 36.04 -1.37 -9.63
C PRO A 83 35.47 -2.17 -10.78
N THR A 84 35.32 -3.47 -10.54
CA THR A 84 34.73 -4.40 -11.51
C THR A 84 33.74 -5.30 -10.79
N TYR A 85 32.96 -6.04 -11.57
CA TYR A 85 32.21 -7.16 -11.02
C TYR A 85 33.18 -8.26 -10.57
N ASN A 86 32.67 -9.16 -9.74
CA ASN A 86 33.41 -10.35 -9.32
C ASN A 86 34.79 -10.00 -8.79
N SER A 87 34.84 -9.07 -7.83
CA SER A 87 36.11 -8.64 -7.28
C SER A 87 35.89 -8.12 -5.86
N THR A 88 36.98 -8.03 -5.13
CA THR A 88 36.98 -7.55 -3.75
C THR A 88 37.36 -6.08 -3.74
N ILE A 89 36.49 -5.25 -3.17
CA ILE A 89 36.71 -3.81 -3.07
C ILE A 89 36.83 -3.45 -1.59
N GLN A 90 37.91 -2.76 -1.24
CA GLN A 90 38.21 -2.41 0.14
C GLN A 90 38.33 -0.89 0.27
N PHE A 91 37.69 -0.34 1.30
CA PHE A 91 37.76 1.08 1.58
C PHE A 91 38.51 1.35 2.86
N SER A 92 39.23 2.46 2.89
CA SER A 92 39.72 3.00 4.15
C SER A 92 38.64 3.87 4.79
N ILE A 93 38.67 3.93 6.11
CA ILE A 93 37.76 4.80 6.85
C ILE A 93 38.56 6.01 7.29
N PRO A 94 38.49 7.14 6.57
CA PRO A 94 39.41 8.24 6.81
C PRO A 94 39.26 8.83 8.20
N GLN A 95 40.29 9.57 8.63
CA GLN A 95 40.26 10.28 9.90
C GLN A 95 39.64 11.65 9.67
N PHE A 96 38.49 11.88 10.29
CA PHE A 96 37.77 13.14 10.13
C PHE A 96 37.10 13.53 11.44
N GLY A 97 35.99 12.86 11.77
CA GLY A 97 35.29 13.14 13.01
C GLY A 97 35.86 12.40 14.19
N ASP A 98 35.40 12.80 15.39
CA ASP A 98 35.78 12.08 16.60
C ASP A 98 35.12 10.71 16.64
N PHE A 99 33.94 10.57 16.05
CA PHE A 99 33.26 9.30 15.88
C PHE A 99 32.82 9.18 14.43
N PHE A 100 32.61 7.95 13.98
CA PHE A 100 31.98 7.71 12.69
C PHE A 100 30.78 6.79 12.88
N SER A 101 29.76 7.02 12.06
CA SER A 101 28.45 6.40 12.28
C SER A 101 27.91 5.73 11.02
N ASP A 102 26.75 6.21 10.55
CA ASP A 102 26.04 5.51 9.47
C ASP A 102 26.83 5.59 8.16
N MET A 103 26.77 4.49 7.40
CA MET A 103 27.50 4.37 6.15
C MET A 103 26.57 3.96 5.02
N VAL A 104 26.88 4.44 3.82
CA VAL A 104 26.16 4.08 2.61
C VAL A 104 27.14 4.16 1.45
N VAL A 105 26.96 3.27 0.47
CA VAL A 105 27.91 3.11 -0.63
C VAL A 105 27.19 3.41 -1.93
N HIS A 106 27.70 4.38 -2.68
CA HIS A 106 27.16 4.72 -3.99
C HIS A 106 27.77 3.80 -5.04
N VAL A 107 26.93 3.02 -5.71
CA VAL A 107 27.36 2.13 -6.79
C VAL A 107 26.73 2.62 -8.08
N GLN A 108 27.54 2.72 -9.14
CA GLN A 108 27.10 3.21 -10.43
C GLN A 108 27.43 2.17 -11.49
N LEU A 109 26.39 1.62 -12.12
CA LEU A 109 26.54 0.60 -13.15
C LEU A 109 26.21 1.20 -14.50
N ALA A 110 27.09 0.96 -15.48
CA ALA A 110 26.97 1.61 -16.79
C ALA A 110 25.69 1.17 -17.49
N ALA A 111 25.18 2.08 -18.34
CA ALA A 111 24.10 1.71 -19.24
C ALA A 111 24.57 0.59 -20.16
N THR A 112 23.69 -0.38 -20.41
CA THR A 112 24.10 -1.59 -21.10
C THR A 112 22.94 -2.16 -21.90
N SER A 113 23.29 -2.83 -23.00
CA SER A 113 22.31 -3.44 -23.89
C SER A 113 22.84 -4.80 -24.33
N ALA A 114 21.93 -5.63 -24.84
CA ALA A 114 22.30 -6.95 -25.32
C ALA A 114 22.89 -6.87 -26.72
N SER A 115 23.74 -7.84 -27.04
CA SER A 115 24.31 -7.92 -28.37
C SER A 115 23.25 -8.35 -29.37
N ALA A 116 23.48 -7.98 -30.63
CA ALA A 116 22.52 -8.30 -31.68
C ALA A 116 22.43 -9.80 -31.91
N GLY A 117 21.21 -10.29 -32.08
CA GLY A 117 20.99 -11.70 -32.35
C GLY A 117 20.08 -11.91 -33.55
N THR A 118 19.41 -13.06 -33.60
CA THR A 118 18.56 -13.40 -34.73
C THR A 118 17.22 -13.93 -34.26
N VAL A 119 16.28 -13.99 -35.19
CA VAL A 119 14.97 -14.59 -34.96
C VAL A 119 15.15 -16.09 -34.96
N PRO A 120 14.75 -16.79 -33.90
CA PRO A 120 15.02 -18.24 -33.81
C PRO A 120 14.20 -19.06 -34.81
N ALA A 121 14.46 -20.36 -34.86
CA ALA A 121 13.73 -21.24 -35.75
C ALA A 121 12.29 -21.42 -35.26
N LEU A 122 11.39 -21.65 -36.21
CA LEU A 122 9.98 -21.79 -35.91
C LEU A 122 9.72 -23.14 -35.21
N PRO A 123 8.62 -23.23 -34.45
CA PRO A 123 8.32 -24.47 -33.74
C PRO A 123 8.07 -25.62 -34.70
N ALA A 124 7.98 -26.83 -34.12
CA ALA A 124 7.68 -28.02 -34.90
C ALA A 124 6.22 -28.02 -35.33
N PHE A 125 5.92 -28.89 -36.29
CA PHE A 125 4.55 -29.03 -36.78
C PHE A 125 3.64 -29.55 -35.67
N ILE A 126 2.39 -29.08 -35.69
CA ILE A 126 1.39 -29.52 -34.72
C ILE A 126 0.49 -30.57 -35.36
N GLY A 127 -0.23 -30.16 -36.41
CA GLY A 127 -1.05 -31.11 -37.14
C GLY A 127 -0.23 -32.00 -38.06
N ALA A 128 -0.82 -33.15 -38.40
CA ALA A 128 -0.15 -34.13 -39.25
C ALA A 128 -0.35 -33.88 -40.73
N ASP A 129 -1.30 -33.03 -41.11
CA ASP A 129 -1.63 -32.79 -42.51
C ASP A 129 -1.28 -31.37 -42.92
N ASP A 130 -1.13 -31.17 -44.23
CA ASP A 130 -0.98 -29.86 -44.85
C ASP A 130 0.13 -29.05 -44.16
N GLN A 131 1.31 -29.66 -44.05
CA GLN A 131 2.42 -29.06 -43.33
C GLN A 131 3.28 -28.23 -44.28
N VAL A 132 3.44 -26.95 -43.96
CA VAL A 132 4.25 -26.03 -44.75
C VAL A 132 5.14 -25.24 -43.81
N LEU A 133 6.40 -25.04 -44.22
CA LEU A 133 7.35 -24.24 -43.46
C LEU A 133 7.96 -23.20 -44.40
N THR A 134 7.79 -21.92 -44.06
CA THR A 134 8.42 -20.82 -44.78
C THR A 134 9.33 -20.07 -43.82
N SER A 135 9.85 -18.93 -44.30
CA SER A 135 10.68 -18.08 -43.46
C SER A 135 9.85 -17.28 -42.47
N THR A 136 8.53 -17.25 -42.62
CA THR A 136 7.67 -16.40 -41.82
C THR A 136 6.60 -17.14 -41.02
N SER A 137 6.33 -18.41 -41.31
CA SER A 137 5.27 -19.12 -40.61
C SER A 137 5.48 -20.62 -40.74
N VAL A 138 4.86 -21.36 -39.82
CA VAL A 138 4.83 -22.82 -39.83
C VAL A 138 3.37 -23.24 -39.71
N VAL A 139 2.88 -23.99 -40.71
CA VAL A 139 1.46 -24.30 -40.84
C VAL A 139 1.28 -25.80 -40.87
N SER A 140 0.30 -26.29 -40.11
CA SER A 140 -0.08 -27.70 -40.11
C SER A 140 -1.57 -27.78 -39.84
N ALA A 141 -2.14 -28.96 -40.05
CA ALA A 141 -3.59 -29.10 -39.96
C ALA A 141 -3.98 -30.49 -39.47
N THR A 142 -5.13 -30.56 -38.81
CA THR A 142 -5.75 -31.82 -38.40
C THR A 142 -7.10 -31.92 -39.10
N GLU A 143 -7.27 -32.97 -39.90
CA GLU A 143 -8.54 -33.20 -40.58
C GLU A 143 -9.51 -33.95 -39.69
N ASN A 144 -10.79 -33.79 -39.98
CA ASN A 144 -11.85 -34.51 -39.26
C ASN A 144 -13.06 -34.60 -40.19
N THR A 145 -13.08 -35.67 -41.00
CA THR A 145 -14.18 -35.87 -41.93
C THR A 145 -15.47 -36.29 -41.23
N THR A 146 -15.38 -36.78 -39.99
CA THR A 146 -16.58 -37.21 -39.28
C THR A 146 -17.42 -36.02 -38.83
N SER A 147 -16.79 -35.04 -38.20
CA SER A 147 -17.51 -33.84 -37.75
C SER A 147 -17.51 -32.72 -38.77
N GLY A 148 -16.66 -32.80 -39.80
CA GLY A 148 -16.56 -31.74 -40.78
C GLY A 148 -15.78 -30.53 -40.34
N VAL A 149 -15.07 -30.61 -39.22
CA VAL A 149 -14.28 -29.49 -38.70
C VAL A 149 -12.84 -29.65 -39.15
N TYR A 150 -12.33 -28.65 -39.88
CA TYR A 150 -10.96 -28.63 -40.35
C TYR A 150 -10.17 -27.65 -39.48
N THR A 151 -9.20 -28.17 -38.75
CA THR A 151 -8.43 -27.38 -37.79
C THR A 151 -7.07 -27.04 -38.38
N LEU A 152 -6.73 -25.74 -38.39
CA LEU A 152 -5.50 -25.24 -38.97
C LEU A 152 -4.65 -24.59 -37.89
N TYR A 153 -3.38 -24.99 -37.82
CA TYR A 153 -2.44 -24.45 -36.84
C TYR A 153 -1.41 -23.59 -37.56
N THR A 154 -1.24 -22.35 -37.08
CA THR A 154 -0.26 -21.43 -37.65
C THR A 154 0.52 -20.77 -36.52
N GLN A 155 1.84 -20.81 -36.59
CA GLN A 155 2.71 -20.15 -35.63
C GLN A 155 3.73 -19.30 -36.36
N SER A 156 3.93 -18.08 -35.87
CA SER A 156 4.82 -17.12 -36.51
C SER A 156 5.33 -16.14 -35.48
N TYR A 157 6.41 -15.45 -35.84
CA TYR A 157 7.00 -14.42 -34.98
C TYR A 157 6.56 -13.05 -35.47
N VAL A 158 6.18 -12.18 -34.52
CA VAL A 158 5.75 -10.83 -34.79
C VAL A 158 6.38 -9.89 -33.78
N ASN A 159 6.26 -8.60 -34.03
CA ASN A 159 6.62 -7.58 -33.05
C ASN A 159 5.34 -7.10 -32.36
N GLN A 160 5.46 -6.02 -31.58
CA GLN A 160 4.29 -5.52 -30.86
C GLN A 160 3.23 -5.00 -31.81
N GLN A 161 3.64 -4.38 -32.91
CA GLN A 161 2.71 -3.87 -33.90
C GLN A 161 2.08 -4.96 -34.74
N GLY A 162 2.55 -6.21 -34.62
CA GLY A 162 2.00 -7.32 -35.37
C GLY A 162 2.70 -7.63 -36.67
N THR A 163 3.74 -6.87 -37.02
CA THR A 163 4.47 -7.14 -38.25
C THR A 163 5.25 -8.45 -38.13
N THR A 164 5.05 -9.34 -39.10
CA THR A 164 5.69 -10.64 -39.07
C THR A 164 7.20 -10.51 -39.23
N GLN A 165 7.94 -11.26 -38.40
CA GLN A 165 9.39 -11.27 -38.44
C GLN A 165 9.88 -12.51 -39.18
N THR A 166 11.00 -12.34 -39.90
CA THR A 166 11.57 -13.41 -40.70
C THR A 166 12.60 -14.19 -39.90
N VAL A 167 12.56 -15.53 -40.03
CA VAL A 167 13.52 -16.38 -39.35
C VAL A 167 14.94 -16.01 -39.78
N ALA A 168 15.84 -15.92 -38.80
CA ALA A 168 17.27 -15.62 -38.91
C ALA A 168 17.55 -14.16 -39.21
N ALA A 169 16.53 -13.30 -39.30
CA ALA A 169 16.75 -11.87 -39.44
C ALA A 169 17.16 -11.27 -38.09
N ALA A 170 17.37 -9.96 -38.06
CA ALA A 170 17.89 -9.31 -36.87
C ALA A 170 16.85 -9.26 -35.75
N ALA A 171 17.32 -9.50 -34.52
CA ALA A 171 16.46 -9.41 -33.34
C ALA A 171 17.37 -9.36 -32.12
N THR A 172 17.08 -8.45 -31.19
CA THR A 172 17.91 -8.23 -30.01
C THR A 172 17.10 -8.42 -28.74
N ASN A 173 17.69 -9.11 -27.77
CA ASN A 173 17.05 -9.27 -26.46
C ASN A 173 17.08 -7.96 -25.69
N PHE A 174 16.14 -7.84 -24.75
CA PHE A 174 16.19 -6.77 -23.75
C PHE A 174 17.04 -7.22 -22.57
N VAL A 175 17.28 -6.29 -21.65
CA VAL A 175 18.05 -6.59 -20.45
C VAL A 175 17.28 -6.09 -19.23
N ARG A 176 17.44 -6.82 -18.13
CA ARG A 176 16.82 -6.48 -16.86
C ARG A 176 17.80 -6.77 -15.74
N TYR A 177 17.59 -6.12 -14.61
CA TYR A 177 18.31 -6.46 -13.39
C TYR A 177 17.48 -7.43 -12.56
N CYS A 178 18.16 -8.20 -11.73
CA CYS A 178 17.47 -8.98 -10.72
C CYS A 178 16.73 -8.04 -9.78
N GLU A 179 15.75 -8.59 -9.06
CA GLU A 179 15.09 -7.80 -8.03
C GLU A 179 16.06 -7.50 -6.90
N TYR A 180 15.96 -6.27 -6.37
CA TYR A 180 16.83 -5.80 -5.31
C TYR A 180 18.31 -5.97 -5.66
N PRO A 181 18.77 -5.37 -6.77
CA PRO A 181 20.17 -5.58 -7.19
C PRO A 181 21.17 -5.05 -6.18
N GLY A 182 20.81 -4.01 -5.42
CA GLY A 182 21.72 -3.51 -4.40
C GLY A 182 22.00 -4.51 -3.30
N LEU A 183 21.04 -5.39 -3.02
CA LEU A 183 21.24 -6.37 -1.96
C LEU A 183 22.06 -7.57 -2.43
N ARG A 184 21.89 -7.99 -3.67
CA ARG A 184 22.66 -9.13 -4.18
C ARG A 184 24.04 -8.73 -4.66
N LEU A 185 24.24 -7.47 -5.05
CA LEU A 185 25.54 -7.05 -5.57
C LEU A 185 26.62 -7.17 -4.51
N PHE A 186 26.33 -6.73 -3.29
CA PHE A 186 27.29 -6.84 -2.19
C PHE A 186 27.23 -8.27 -1.68
N LYS A 187 28.00 -9.15 -2.31
CA LYS A 187 28.05 -10.55 -1.92
C LYS A 187 28.47 -10.70 -0.46
N ARG A 188 29.33 -9.81 0.03
CA ARG A 188 29.86 -9.93 1.38
C ARG A 188 30.32 -8.56 1.84
N VAL A 189 29.80 -8.09 2.98
CA VAL A 189 30.16 -6.80 3.55
C VAL A 189 30.75 -7.05 4.93
N LYS A 190 31.94 -6.50 5.18
CA LYS A 190 32.67 -6.79 6.42
C LYS A 190 33.39 -5.56 6.93
N PHE A 191 33.47 -5.49 8.26
CA PHE A 191 34.11 -4.39 8.99
C PHE A 191 35.38 -4.96 9.64
N GLU A 192 36.55 -4.62 9.08
CA GLU A 192 37.82 -5.13 9.56
C GLU A 192 38.44 -4.15 10.55
N VAL A 193 38.86 -4.67 11.70
CA VAL A 193 39.56 -3.88 12.71
C VAL A 193 40.81 -4.66 13.12
N ASN A 194 41.98 -4.14 12.71
CA ASN A 194 43.27 -4.77 13.03
C ASN A 194 43.35 -6.18 12.46
N GLY A 195 43.03 -6.30 11.17
CA GLY A 195 43.12 -7.58 10.49
C GLY A 195 41.92 -8.47 10.67
N ASN A 196 41.32 -8.44 11.86
CA ASN A 196 40.23 -9.39 12.12
C ASN A 196 38.89 -8.76 11.78
N PRO A 197 37.99 -9.53 11.16
CA PRO A 197 36.63 -9.04 10.94
C PRO A 197 35.90 -8.83 12.27
N LEU A 198 35.54 -7.57 12.52
CA LEU A 198 34.75 -7.25 13.71
C LEU A 198 33.30 -7.67 13.54
N ASP A 199 32.76 -7.49 12.33
CA ASP A 199 31.42 -7.96 11.99
C ASP A 199 31.34 -8.06 10.48
N GLU A 200 30.54 -9.01 9.99
CA GLU A 200 30.36 -9.17 8.56
C GLU A 200 29.02 -9.84 8.31
N TYR A 201 28.51 -9.65 7.09
CA TYR A 201 27.26 -10.26 6.68
C TYR A 201 27.28 -10.49 5.18
N THR A 202 26.28 -11.22 4.69
CA THR A 202 26.16 -11.60 3.29
C THR A 202 24.86 -11.04 2.72
N ALA A 203 24.57 -11.42 1.47
CA ALA A 203 23.29 -11.04 0.88
C ALA A 203 22.11 -11.70 1.59
N LEU A 204 22.34 -12.84 2.23
CA LEU A 204 21.27 -13.49 2.98
C LEU A 204 20.83 -12.64 4.17
N ALA A 205 21.79 -12.02 4.87
CA ALA A 205 21.42 -11.08 5.93
C ALA A 205 20.77 -9.83 5.37
N ALA A 206 21.18 -9.41 4.17
CA ALA A 206 20.61 -8.20 3.57
C ALA A 206 19.15 -8.40 3.18
N ILE A 207 18.77 -9.60 2.72
CA ILE A 207 17.39 -9.82 2.36
C ILE A 207 16.52 -10.14 3.57
N MET A 208 17.11 -10.61 4.67
CA MET A 208 16.36 -10.73 5.92
C MET A 208 16.02 -9.35 6.46
N TYR A 209 16.92 -8.39 6.29
CA TYR A 209 16.59 -6.99 6.58
C TYR A 209 15.50 -6.50 5.65
N ASN A 210 15.56 -6.90 4.39
CA ASN A 210 14.56 -6.47 3.41
C ASN A 210 13.17 -6.94 3.79
N LYS A 211 13.06 -8.15 4.36
CA LYS A 211 11.76 -8.71 4.69
C LYS A 211 11.24 -8.22 6.04
N PHE A 212 12.13 -7.95 6.99
CA PHE A 212 11.73 -7.76 8.38
C PHE A 212 11.84 -6.33 8.90
N HIS A 213 12.66 -5.48 8.28
CA HIS A 213 13.01 -4.20 8.90
C HIS A 213 12.82 -3.00 7.97
N VAL A 214 11.96 -3.08 6.98
CA VAL A 214 11.66 -1.91 6.16
C VAL A 214 10.15 -1.67 6.17
N PRO A 215 9.64 -0.87 7.11
CA PRO A 215 8.22 -0.54 7.10
C PRO A 215 7.87 0.35 5.93
N ASP A 216 6.56 0.52 5.72
CA ASP A 216 6.08 1.22 4.53
C ASP A 216 6.54 2.68 4.50
N PHE A 217 6.70 3.32 5.66
CA PHE A 217 7.13 4.71 5.62
C PHE A 217 8.61 4.86 5.26
N LYS A 218 9.33 3.76 5.04
CA LYS A 218 10.69 3.79 4.51
C LYS A 218 10.84 3.01 3.23
N LEU A 219 9.76 2.41 2.70
CA LEU A 219 9.90 1.38 1.68
C LEU A 219 10.33 1.96 0.33
N THR A 220 9.72 3.07 -0.08
CA THR A 220 9.99 3.62 -1.41
C THR A 220 11.46 4.02 -1.55
N GLY A 221 12.02 4.63 -0.51
CA GLY A 221 13.41 5.07 -0.59
C GLY A 221 14.37 3.89 -0.50
N TRP A 222 14.08 2.95 0.39
CA TRP A 222 14.79 1.67 0.42
C TRP A 222 14.88 1.09 -0.98
N LYS A 223 13.73 0.91 -1.64
CA LYS A 223 13.71 0.39 -3.00
C LYS A 223 14.56 1.23 -3.94
N ARG A 224 14.44 2.56 -3.86
CA ARG A 224 15.28 3.42 -4.69
C ARG A 224 16.75 3.32 -4.29
N LEU A 225 17.03 3.06 -3.02
CA LEU A 225 18.43 2.97 -2.57
C LEU A 225 19.12 1.75 -3.16
N ILE A 226 18.43 0.61 -3.23
CA ILE A 226 19.07 -0.64 -3.64
C ILE A 226 18.62 -1.07 -5.04
N GLY A 227 18.13 -0.14 -5.85
CA GLY A 227 17.91 -0.42 -7.26
C GLY A 227 16.62 -1.15 -7.59
N GLN A 228 15.63 -1.14 -6.71
CA GLN A 228 14.34 -1.75 -6.99
C GLN A 228 13.40 -0.71 -7.59
N GLU A 229 12.77 -1.05 -8.71
CA GLU A 229 11.85 -0.13 -9.36
C GLU A 229 10.61 0.07 -8.48
N VAL A 230 10.06 1.27 -8.56
CA VAL A 230 8.93 1.69 -7.73
C VAL A 230 7.69 1.78 -8.62
N PRO A 231 6.57 1.18 -8.24
CA PRO A 231 5.36 1.26 -9.06
C PRO A 231 4.84 2.69 -9.17
N VAL A 232 4.23 2.99 -10.31
CA VAL A 232 3.69 4.31 -10.60
C VAL A 232 2.20 4.16 -10.85
N GLU A 233 1.39 4.88 -10.08
CA GLU A 233 -0.06 4.83 -10.24
C GLU A 233 -0.50 5.60 -11.48
N ALA A 234 -1.42 5.00 -12.25
CA ALA A 234 -1.90 5.58 -13.49
C ALA A 234 -3.42 5.52 -13.54
N ALA A 235 -4.04 6.62 -13.97
CA ALA A 235 -5.49 6.75 -14.01
C ALA A 235 -6.01 6.61 -15.43
N SER A 236 -7.17 5.97 -15.56
CA SER A 236 -7.78 5.71 -16.86
C SER A 236 -8.85 6.75 -17.16
N ASN A 237 -9.51 6.57 -18.31
CA ASN A 237 -10.71 7.33 -18.60
C ASN A 237 -11.85 6.89 -17.69
N LEU A 238 -12.95 7.64 -17.72
CA LEU A 238 -14.14 7.26 -16.97
C LEU A 238 -14.70 5.94 -17.49
N VAL A 239 -14.98 5.01 -16.58
CA VAL A 239 -15.52 3.71 -16.96
C VAL A 239 -16.97 3.65 -16.54
N ASN A 240 -17.30 4.33 -15.45
CA ASN A 240 -18.68 4.52 -15.03
C ASN A 240 -19.02 6.00 -15.12
N ILE A 241 -20.17 6.31 -15.73
CA ILE A 241 -20.72 7.66 -15.76
C ILE A 241 -22.17 7.58 -15.30
N ALA A 242 -22.50 8.32 -14.24
CA ALA A 242 -23.81 8.22 -13.63
C ALA A 242 -24.92 8.43 -14.65
N SER A 243 -25.92 7.56 -14.61
CA SER A 243 -27.12 7.61 -15.45
C SER A 243 -26.85 7.32 -16.92
N THR A 244 -25.76 6.62 -17.23
CA THR A 244 -25.53 6.13 -18.59
C THR A 244 -24.64 4.90 -18.51
N THR A 245 -24.37 4.31 -19.68
CA THR A 245 -23.76 3.00 -19.76
C THR A 245 -22.95 2.87 -21.04
N PRO A 246 -21.94 2.01 -21.07
CA PRO A 246 -21.27 1.69 -22.34
C PRO A 246 -22.03 0.68 -23.19
N TRP A 247 -23.02 -0.01 -22.63
CA TRP A 247 -23.71 -1.06 -23.35
C TRP A 247 -24.76 -0.48 -24.30
N GLY A 248 -24.91 -1.12 -25.44
CA GLY A 248 -25.92 -0.68 -26.39
C GLY A 248 -27.32 -0.80 -25.82
N SER A 249 -28.21 0.06 -26.32
CA SER A 249 -29.60 0.04 -25.87
C SER A 249 -30.27 -1.34 -25.86
N PRO A 250 -30.09 -2.21 -26.86
CA PRO A 250 -30.87 -3.47 -26.89
C PRO A 250 -30.70 -4.38 -25.68
N ILE A 251 -29.64 -4.21 -24.86
CA ILE A 251 -29.40 -5.11 -23.74
C ILE A 251 -29.52 -4.40 -22.40
N VAL A 252 -29.87 -3.12 -22.38
CA VAL A 252 -29.87 -2.32 -21.16
C VAL A 252 -31.27 -2.25 -20.58
N ALA A 253 -31.40 -2.57 -19.29
CA ALA A 253 -32.64 -2.41 -18.52
C ALA A 253 -33.80 -3.18 -19.16
N LEU A 254 -33.59 -4.47 -19.38
CA LEU A 254 -34.62 -5.33 -19.91
C LEU A 254 -35.50 -5.86 -18.78
N SER A 255 -36.75 -6.17 -19.13
CA SER A 255 -37.68 -6.86 -18.24
C SER A 255 -38.25 -8.05 -18.99
N ASP A 256 -38.49 -9.14 -18.26
CA ASP A 256 -39.11 -10.29 -18.90
C ASP A 256 -40.62 -10.08 -19.03
N VAL A 257 -41.32 -11.09 -19.52
CA VAL A 257 -42.76 -10.98 -19.74
C VAL A 257 -43.55 -10.87 -18.45
N ASN A 258 -42.92 -11.15 -17.30
CA ASN A 258 -43.58 -11.02 -16.01
C ASN A 258 -43.32 -9.69 -15.32
N GLY A 259 -42.53 -8.81 -15.94
CA GLY A 259 -42.20 -7.54 -15.36
C GLY A 259 -40.92 -7.53 -14.53
N THR A 260 -40.29 -8.69 -14.35
CA THR A 260 -39.08 -8.77 -13.54
C THR A 260 -37.87 -8.32 -14.35
N ALA A 261 -37.01 -7.52 -13.71
CA ALA A 261 -35.76 -7.11 -14.34
C ALA A 261 -34.94 -8.34 -14.73
N VAL A 262 -34.31 -8.26 -15.89
CA VAL A 262 -33.61 -9.41 -16.47
C VAL A 262 -32.24 -9.55 -15.82
N THR A 263 -31.94 -10.77 -15.36
CA THR A 263 -30.59 -11.08 -14.89
C THR A 263 -29.63 -11.05 -16.06
N GLY A 264 -28.56 -10.27 -15.94
CA GLY A 264 -27.60 -10.12 -17.01
C GLY A 264 -27.84 -8.94 -17.92
N SER A 265 -28.90 -8.16 -17.70
CA SER A 265 -29.14 -6.95 -18.45
C SER A 265 -28.53 -5.78 -17.70
N PRO A 266 -27.48 -5.13 -18.21
CA PRO A 266 -26.88 -4.01 -17.49
C PRO A 266 -27.84 -2.83 -17.39
N VAL A 267 -27.68 -2.07 -16.30
CA VAL A 267 -28.40 -0.83 -16.10
C VAL A 267 -27.40 0.31 -16.07
N ASN A 268 -27.92 1.54 -16.10
CA ASN A 268 -27.06 2.71 -16.06
C ASN A 268 -26.21 2.70 -14.80
N ALA A 269 -25.02 3.30 -14.89
CA ALA A 269 -24.15 3.40 -13.73
C ALA A 269 -24.76 4.33 -12.68
N ALA A 270 -24.49 4.01 -11.41
CA ALA A 270 -24.96 4.84 -10.32
C ALA A 270 -23.93 5.85 -9.86
N ILE A 271 -22.64 5.60 -10.12
CA ILE A 271 -21.57 6.51 -9.76
C ILE A 271 -20.76 6.84 -11.01
N THR A 272 -19.93 7.87 -10.89
CA THR A 272 -18.97 8.25 -11.92
C THR A 272 -17.58 7.90 -11.38
N ALA A 273 -16.94 6.90 -11.98
CA ALA A 273 -15.69 6.38 -11.45
C ALA A 273 -14.73 6.04 -12.59
N ARG A 274 -13.44 6.12 -12.28
CA ARG A 274 -12.37 5.75 -13.20
C ARG A 274 -11.44 4.77 -12.50
N LYS A 275 -10.70 4.02 -13.30
CA LYS A 275 -9.81 2.99 -12.76
C LYS A 275 -8.42 3.55 -12.50
N LEU A 276 -7.77 2.99 -11.48
CA LEU A 276 -6.34 3.14 -11.27
C LEU A 276 -5.65 1.81 -11.61
N THR A 277 -4.44 1.91 -12.12
CA THR A 277 -3.58 0.74 -12.27
C THR A 277 -2.15 1.18 -12.05
N GLN A 278 -1.29 0.21 -11.78
CA GLN A 278 0.11 0.46 -11.50
C GLN A 278 0.98 -0.07 -12.63
N VAL A 279 1.97 0.74 -13.01
CA VAL A 279 2.95 0.35 -14.03
C VAL A 279 4.34 0.50 -13.43
N VAL A 280 5.25 -0.35 -13.87
CA VAL A 280 6.66 -0.28 -13.50
C VAL A 280 7.48 -0.21 -14.79
N PHE A 281 8.51 0.63 -14.77
CA PHE A 281 9.38 0.78 -15.92
C PHE A 281 10.79 1.14 -15.44
N GLY A 282 11.31 0.35 -14.50
CA GLY A 282 12.63 0.58 -13.96
C GLY A 282 13.62 -0.53 -14.29
N ALA A 283 14.59 -0.74 -13.41
CA ALA A 283 15.70 -1.65 -13.69
C ALA A 283 15.26 -3.11 -13.81
N GLN A 284 14.14 -3.48 -13.20
CA GLN A 284 13.64 -4.84 -13.32
C GLN A 284 12.70 -5.04 -14.49
N THR A 285 12.30 -3.97 -15.17
CA THR A 285 11.48 -4.07 -16.36
C THR A 285 12.38 -4.21 -17.58
N PRO A 286 12.22 -5.26 -18.39
CA PRO A 286 13.12 -5.45 -19.53
C PRO A 286 13.06 -4.27 -20.50
N LYS A 287 14.24 -3.83 -20.95
CA LYS A 287 14.36 -2.70 -21.85
C LYS A 287 15.45 -2.96 -22.87
N ALA A 288 15.31 -2.33 -24.04
CA ALA A 288 16.37 -2.39 -25.05
C ALA A 288 17.67 -1.85 -24.48
N THR A 289 17.59 -0.76 -23.72
CA THR A 289 18.75 -0.18 -23.04
C THR A 289 18.36 0.11 -21.60
N GLN A 290 19.02 -0.55 -20.67
CA GLN A 290 18.88 -0.24 -19.25
C GLN A 290 19.85 0.89 -18.93
N GLU A 291 19.31 2.08 -18.68
CA GLU A 291 20.15 3.25 -18.48
C GLU A 291 20.96 3.10 -17.18
N GLN A 292 21.93 4.01 -17.02
CA GLN A 292 22.88 3.92 -15.91
C GLN A 292 22.17 3.81 -14.57
N LEU A 293 22.51 2.77 -13.82
CA LEU A 293 21.86 2.46 -12.55
C LEU A 293 22.69 3.02 -11.40
N ASN A 294 22.09 3.88 -10.58
CA ASN A 294 22.74 4.49 -9.43
C ASN A 294 22.07 4.00 -8.16
N MET A 295 22.84 3.31 -7.31
CA MET A 295 22.35 2.80 -6.04
C MET A 295 23.17 3.37 -4.90
N PHE A 296 22.50 3.62 -3.78
CA PHE A 296 23.13 4.02 -2.52
C PHE A 296 22.82 2.92 -1.51
N VAL A 297 23.64 1.87 -1.52
CA VAL A 297 23.40 0.70 -0.67
C VAL A 297 23.89 0.97 0.73
N PRO A 298 23.02 1.04 1.72
CA PRO A 298 23.46 1.25 3.10
C PRO A 298 24.13 0.01 3.66
N LEU A 299 25.10 0.24 4.53
CA LEU A 299 25.76 -0.87 5.23
C LEU A 299 25.08 -1.06 6.57
N LEU A 300 24.64 -2.30 6.81
CA LEU A 300 23.70 -2.60 7.90
C LEU A 300 24.42 -2.96 9.21
N PHE A 301 25.35 -2.12 9.63
CA PHE A 301 26.09 -2.38 10.84
C PHE A 301 25.45 -1.71 12.04
N TRP A 302 25.75 -2.26 13.22
CA TRP A 302 25.14 -1.82 14.47
C TRP A 302 25.38 -0.34 14.72
N PHE A 303 26.59 0.15 14.41
CA PHE A 303 26.95 1.54 14.70
C PHE A 303 26.30 2.54 13.76
N ARG A 304 25.25 2.14 13.03
CA ARG A 304 24.47 3.11 12.28
C ARG A 304 23.69 4.02 13.21
N ASP A 305 23.24 3.48 14.34
CA ASP A 305 22.64 4.28 15.40
C ASP A 305 23.63 5.36 15.85
N PRO A 306 23.23 6.63 15.87
CA PRO A 306 24.18 7.69 16.30
C PRO A 306 24.74 7.47 17.69
N ARG A 307 23.91 7.00 18.64
CA ARG A 307 24.39 6.77 20.00
C ARG A 307 25.58 5.82 20.02
N LEU A 308 25.54 4.81 19.16
CA LEU A 308 26.56 3.77 19.13
C LEU A 308 27.70 4.09 18.16
N ALA A 309 27.87 5.36 17.81
CA ALA A 309 28.96 5.76 16.93
C ALA A 309 30.30 5.35 17.56
N ILE A 310 31.24 4.97 16.71
CA ILE A 310 32.49 4.36 17.15
C ILE A 310 33.55 5.45 17.31
N ALA A 311 34.13 5.53 18.50
CA ALA A 311 35.19 6.51 18.75
C ALA A 311 36.39 6.21 17.86
N SER A 312 36.85 7.26 17.16
CA SER A 312 37.96 7.08 16.23
C SER A 312 39.26 6.76 16.96
N VAL A 313 39.41 7.20 18.20
CA VAL A 313 40.65 6.96 18.94
C VAL A 313 40.75 5.50 19.35
N SER A 314 39.62 4.83 19.57
CA SER A 314 39.66 3.43 19.99
C SER A 314 39.86 2.48 18.80
N ILE A 315 39.43 2.89 17.61
CA ILE A 315 39.70 2.16 16.38
C ILE A 315 40.38 3.13 15.42
N PRO A 316 41.70 3.33 15.53
CA PRO A 316 42.35 4.39 14.77
C PRO A 316 42.43 4.07 13.28
N TYR A 317 42.81 5.11 12.53
CA TYR A 317 43.07 4.99 11.10
C TYR A 317 44.19 3.99 10.84
N GLY A 318 44.20 3.45 9.63
CA GLY A 318 45.17 2.44 9.22
C GLY A 318 44.82 1.03 9.65
N GLN A 319 44.01 0.88 10.70
CA GLN A 319 43.56 -0.43 11.18
C GLN A 319 42.04 -0.50 11.20
N ARG A 320 41.40 0.06 10.18
CA ARG A 320 39.95 -0.02 10.04
C ARG A 320 39.61 0.03 8.56
N PHE A 321 38.78 -0.91 8.11
CA PHE A 321 38.48 -1.04 6.69
C PHE A 321 37.06 -1.52 6.50
N ILE A 322 36.48 -1.15 5.37
CA ILE A 322 35.24 -1.72 4.86
C ILE A 322 35.57 -2.49 3.59
N THR A 323 35.21 -3.76 3.55
CA THR A 323 35.54 -4.63 2.43
C THR A 323 34.26 -5.21 1.86
N VAL A 324 34.07 -5.05 0.55
CA VAL A 324 32.85 -5.48 -0.14
C VAL A 324 33.25 -6.46 -1.23
N ASP A 325 32.72 -7.68 -1.14
CA ASP A 325 32.84 -8.65 -2.23
C ASP A 325 31.70 -8.44 -3.21
N ILE A 326 32.04 -8.28 -4.48
CA ILE A 326 31.08 -7.92 -5.52
C ILE A 326 30.69 -9.17 -6.29
N GLU A 327 29.38 -9.37 -6.45
CA GLU A 327 28.84 -10.52 -7.17
C GLU A 327 29.25 -10.46 -8.65
N GLN A 328 29.06 -11.60 -9.33
CA GLN A 328 29.28 -11.66 -10.77
C GLN A 328 28.13 -10.97 -11.51
N GLN A 329 28.45 -10.44 -12.69
CA GLN A 329 27.44 -9.78 -13.50
C GLN A 329 26.33 -10.73 -13.92
N SER A 330 26.66 -12.01 -14.14
CA SER A 330 25.67 -12.98 -14.59
C SER A 330 24.56 -13.20 -13.57
N ASN A 331 24.77 -12.80 -12.31
CA ASN A 331 23.75 -12.89 -11.28
C ASN A 331 23.03 -11.57 -11.05
N ILE A 332 23.45 -10.50 -11.71
CA ILE A 332 22.84 -9.19 -11.55
C ILE A 332 22.07 -8.76 -12.80
N LEU A 333 22.64 -9.01 -13.98
CA LEU A 333 22.08 -8.55 -15.25
C LEU A 333 21.69 -9.75 -16.09
N PHE A 334 20.45 -9.74 -16.61
CA PHE A 334 19.90 -10.85 -17.35
C PHE A 334 19.27 -10.36 -18.65
N THR A 335 19.19 -11.25 -19.63
CA THR A 335 18.44 -10.97 -20.84
C THR A 335 16.97 -11.31 -20.65
N ALA A 336 16.13 -10.69 -21.47
CA ALA A 336 14.69 -10.93 -21.44
C ALA A 336 14.15 -10.67 -22.84
N PRO A 337 13.01 -11.27 -23.19
CA PRO A 337 12.45 -11.06 -24.53
C PRO A 337 12.22 -9.58 -24.82
N GLY A 338 12.52 -9.18 -26.04
CA GLY A 338 12.32 -7.82 -26.52
C GLY A 338 11.05 -7.68 -27.33
N ASN A 339 11.15 -6.91 -28.43
CA ASN A 339 10.01 -6.69 -29.31
C ASN A 339 9.86 -7.86 -30.29
N LEU A 340 9.75 -9.05 -29.72
CA LEU A 340 9.63 -10.29 -30.49
C LEU A 340 8.69 -11.23 -29.76
N PHE A 341 7.66 -11.71 -30.48
CA PHE A 341 6.63 -12.53 -29.87
C PHE A 341 6.30 -13.70 -30.80
N LEU A 342 6.02 -14.86 -30.21
CA LEU A 342 5.52 -16.00 -30.95
C LEU A 342 3.99 -15.95 -30.97
N GLN A 343 3.42 -15.83 -32.17
CA GLN A 343 1.97 -15.84 -32.33
C GLN A 343 1.52 -17.26 -32.62
N THR A 344 0.68 -17.81 -31.74
CA THR A 344 0.10 -19.14 -31.92
C THR A 344 -1.36 -18.96 -32.28
N THR A 345 -1.76 -19.45 -33.46
CA THR A 345 -3.10 -19.24 -33.98
C THR A 345 -3.70 -20.57 -34.41
N VAL A 346 -4.92 -20.83 -33.94
CA VAL A 346 -5.70 -21.99 -34.34
C VAL A 346 -6.96 -21.49 -35.03
N GLU A 347 -7.25 -22.03 -36.21
CA GLU A 347 -8.48 -21.74 -36.93
C GLU A 347 -9.26 -23.04 -37.13
N THR A 348 -10.57 -22.98 -36.93
CA THR A 348 -11.45 -24.13 -37.16
C THR A 348 -12.51 -23.74 -38.16
N LEU A 349 -12.64 -24.54 -39.21
CA LEU A 349 -13.62 -24.32 -40.27
C LEU A 349 -14.56 -25.51 -40.32
N LEU A 350 -15.80 -25.33 -39.88
CA LEU A 350 -16.81 -26.37 -39.94
C LEU A 350 -17.54 -26.25 -41.27
N THR A 351 -17.32 -27.22 -42.16
CA THR A 351 -18.04 -27.30 -43.42
C THR A 351 -18.99 -28.50 -43.39
N THR A 352 -20.02 -28.42 -44.23
CA THR A 352 -21.06 -29.43 -44.25
C THR A 352 -21.20 -30.14 -45.60
N GLY A 353 -20.54 -29.66 -46.64
CA GLY A 353 -20.67 -30.23 -47.96
C GLY A 353 -19.60 -31.27 -48.25
N ALA A 354 -19.35 -31.48 -49.54
CA ALA A 354 -18.36 -32.46 -49.96
C ALA A 354 -16.97 -32.07 -49.49
N GLY A 355 -16.19 -33.06 -49.05
CA GLY A 355 -14.86 -32.80 -48.56
C GLY A 355 -14.81 -32.15 -47.20
N LYS A 356 -15.91 -32.18 -46.45
CA LYS A 356 -15.95 -31.54 -45.14
C LYS A 356 -14.88 -32.11 -44.23
N GLY A 357 -14.36 -31.25 -43.35
CA GLY A 357 -13.28 -31.61 -42.46
C GLY A 357 -11.90 -31.57 -43.07
N THR A 358 -11.79 -31.31 -44.37
CA THR A 358 -10.51 -31.19 -45.06
C THR A 358 -10.39 -29.80 -45.65
N ALA A 359 -9.25 -29.54 -46.30
CA ALA A 359 -9.01 -28.22 -46.89
C ALA A 359 -9.92 -27.93 -48.07
N THR A 360 -10.57 -28.95 -48.65
CA THR A 360 -11.40 -28.78 -49.83
C THR A 360 -12.90 -28.87 -49.50
N GLY A 361 -13.27 -28.69 -48.24
CA GLY A 361 -14.68 -28.77 -47.88
C GLY A 361 -15.44 -27.53 -48.32
N VAL A 362 -16.70 -27.75 -48.69
CA VAL A 362 -17.58 -26.67 -49.13
C VAL A 362 -18.67 -26.47 -48.08
N LEU A 363 -19.35 -25.32 -48.19
CA LEU A 363 -20.43 -24.92 -47.28
C LEU A 363 -19.89 -24.63 -45.89
N LEU A 364 -19.31 -23.44 -45.69
CA LEU A 364 -18.73 -23.05 -44.42
C LEU A 364 -19.76 -22.29 -43.60
N THR A 365 -20.12 -22.82 -42.43
CA THR A 365 -21.09 -22.19 -41.55
C THR A 365 -20.47 -21.51 -40.34
N GLN A 366 -19.39 -22.06 -39.79
CA GLN A 366 -18.81 -21.54 -38.56
C GLN A 366 -17.30 -21.46 -38.68
N TYR A 367 -16.75 -20.28 -38.39
CA TYR A 367 -15.32 -20.04 -38.34
C TYR A 367 -14.93 -19.59 -36.94
N ASN A 368 -13.80 -20.10 -36.44
CA ASN A 368 -13.29 -19.71 -35.14
C ASN A 368 -11.78 -19.53 -35.22
N ARG A 369 -11.28 -18.50 -34.54
CA ARG A 369 -9.86 -18.24 -34.46
C ARG A 369 -9.46 -18.05 -33.01
N TYR A 370 -8.38 -18.70 -32.60
CA TYR A 370 -7.81 -18.56 -31.27
C TYR A 370 -6.35 -18.17 -31.43
N THR A 371 -5.95 -17.05 -30.83
CA THR A 371 -4.62 -16.50 -31.04
C THR A 371 -4.02 -16.06 -29.72
N THR A 372 -2.81 -16.55 -29.44
CA THR A 372 -2.03 -16.13 -28.28
C THR A 372 -0.69 -15.58 -28.73
N TYR A 373 -0.03 -14.85 -27.83
CA TYR A 373 1.29 -14.28 -28.09
C TYR A 373 2.20 -14.56 -26.90
N THR A 374 3.37 -15.11 -27.17
CA THR A 374 4.33 -15.44 -26.12
C THR A 374 5.64 -14.71 -26.37
N PRO A 375 6.11 -13.89 -25.43
CA PRO A 375 7.40 -13.22 -25.62
C PRO A 375 8.52 -14.24 -25.73
N THR A 376 9.39 -14.07 -26.74
CA THR A 376 10.39 -15.07 -27.08
C THR A 376 11.76 -14.44 -27.15
N LEU A 377 12.77 -15.20 -26.70
CA LEU A 377 14.15 -14.76 -26.73
C LEU A 377 14.72 -14.85 -28.14
N ALA A 378 15.57 -13.88 -28.48
CA ALA A 378 16.31 -13.95 -29.73
C ALA A 378 17.56 -14.79 -29.56
N SER A 379 17.93 -15.50 -30.62
CA SER A 379 19.08 -16.39 -30.57
C SER A 379 20.38 -15.59 -30.67
N GLY A 380 21.33 -15.93 -29.80
CA GLY A 380 22.63 -15.29 -29.85
C GLY A 380 22.64 -13.85 -29.39
N SER A 381 21.72 -13.46 -28.51
CA SER A 381 21.66 -12.11 -27.96
C SER A 381 21.83 -12.24 -26.44
N SER A 382 22.97 -11.78 -25.93
CA SER A 382 23.32 -11.96 -24.53
C SER A 382 23.75 -10.62 -23.94
N ILE A 383 23.99 -10.63 -22.63
CA ILE A 383 24.38 -9.41 -21.93
C ILE A 383 25.80 -9.00 -22.32
N ASP A 384 26.10 -7.72 -22.10
CA ASP A 384 27.42 -7.18 -22.38
C ASP A 384 28.34 -7.46 -21.20
N GLY A 385 29.33 -8.32 -21.41
CA GLY A 385 30.26 -8.67 -20.35
C GLY A 385 31.28 -7.60 -20.04
N THR A 386 31.34 -6.53 -20.83
CA THR A 386 32.27 -5.42 -20.60
C THR A 386 31.61 -4.26 -19.87
N GLN A 387 30.37 -4.42 -19.41
CA GLN A 387 29.72 -3.36 -18.65
C GLN A 387 30.55 -3.02 -17.42
N ALA A 388 30.89 -1.74 -17.29
CA ALA A 388 31.82 -1.31 -16.25
C ALA A 388 31.08 -0.83 -15.01
N VAL A 389 31.69 -1.10 -13.86
CA VAL A 389 31.32 -0.43 -12.61
C VAL A 389 31.93 0.97 -12.69
N GLN A 390 31.10 1.95 -13.07
CA GLN A 390 31.63 3.27 -13.42
C GLN A 390 32.06 4.07 -12.20
N ASN A 391 31.53 3.75 -11.02
CA ASN A 391 31.91 4.49 -9.82
C ASN A 391 31.46 3.71 -8.60
N ILE A 392 32.27 3.76 -7.55
CA ILE A 392 31.93 3.19 -6.24
C ILE A 392 32.60 4.03 -5.17
N GLU A 393 31.82 4.47 -4.19
CA GLU A 393 32.34 5.38 -3.17
C GLU A 393 31.65 5.11 -1.84
N LEU A 394 32.42 5.22 -0.76
CA LEU A 394 31.91 5.01 0.59
C LEU A 394 31.59 6.36 1.21
N TYR A 395 30.35 6.50 1.67
CA TYR A 395 29.92 7.68 2.43
C TYR A 395 29.92 7.34 3.92
N ILE A 396 30.60 8.17 4.70
CA ILE A 396 30.73 7.95 6.14
C ILE A 396 30.22 9.19 6.85
N ASN A 397 29.33 8.98 7.83
CA ASN A 397 28.90 10.07 8.70
C ASN A 397 29.93 10.26 9.81
N ASN A 398 30.48 11.45 9.91
CA ASN A 398 31.52 11.76 10.89
C ASN A 398 30.96 12.69 11.96
N ILE A 399 31.13 12.31 13.22
CA ILE A 399 30.56 13.04 14.35
C ILE A 399 31.68 13.76 15.09
N PHE A 400 31.49 15.05 15.33
CA PHE A 400 32.45 15.88 16.04
C PHE A 400 31.86 16.31 17.38
N VAL A 401 32.72 16.40 18.40
CA VAL A 401 32.32 16.86 19.73
C VAL A 401 33.39 17.81 20.25
N THR A 402 33.08 18.47 21.37
CA THR A 402 34.04 19.35 22.00
C THR A 402 35.17 18.53 22.62
N PRO A 403 36.38 19.11 22.72
CA PRO A 403 37.49 18.37 23.34
C PRO A 403 37.23 17.99 24.79
N GLU A 404 36.48 18.82 25.52
CA GLU A 404 36.26 18.56 26.94
C GLU A 404 35.41 17.31 27.16
N ILE A 405 34.35 17.14 26.37
CA ILE A 405 33.46 16.01 26.57
C ILE A 405 34.04 14.75 25.95
N HIS A 406 34.78 14.88 24.85
CA HIS A 406 35.48 13.72 24.29
C HIS A 406 36.45 13.13 25.29
N ASP A 407 37.19 13.98 26.00
CA ASP A 407 38.13 13.51 27.01
C ASP A 407 37.40 12.73 28.10
N ILE A 408 36.33 13.31 28.65
CA ILE A 408 35.56 12.62 29.70
C ILE A 408 34.97 11.32 29.18
N TYR A 409 34.43 11.35 27.96
CA TYR A 409 33.75 10.18 27.43
C TYR A 409 34.71 9.02 27.18
N ILE A 410 35.91 9.32 26.67
CA ILE A 410 36.87 8.26 26.37
C ILE A 410 37.41 7.62 27.65
N LYS A 411 37.48 8.40 28.74
CA LYS A 411 38.01 7.87 29.99
C LYS A 411 36.95 7.17 30.84
N ARG A 412 35.66 7.38 30.57
CA ARG A 412 34.61 6.93 31.46
C ARG A 412 33.60 5.98 30.85
N ILE A 413 33.59 5.80 29.53
CA ILE A 413 32.55 4.96 28.94
C ILE A 413 32.83 3.48 29.17
N GLY A 414 34.10 3.07 29.19
CA GLY A 414 34.44 1.68 29.43
C GLY A 414 34.33 0.79 28.22
N PHE A 415 33.10 0.51 27.80
CA PHE A 415 32.85 -0.39 26.67
C PHE A 415 31.54 0.00 26.00
N THR A 416 31.27 -0.66 24.88
CA THR A 416 30.00 -0.51 24.18
C THR A 416 29.49 -1.87 23.76
N LEU A 417 28.22 -2.13 24.04
CA LEU A 417 27.59 -3.34 23.52
C LEU A 417 27.36 -3.20 22.03
N ILE A 418 27.68 -4.27 21.29
CA ILE A 418 27.50 -4.30 19.84
C ILE A 418 26.69 -5.54 19.49
N ARG A 419 26.16 -5.54 18.26
CA ARG A 419 25.47 -6.69 17.71
C ARG A 419 26.16 -7.12 16.43
N VAL A 420 26.21 -8.44 16.21
CA VAL A 420 26.93 -9.02 15.08
C VAL A 420 26.07 -10.08 14.41
N TYR A 421 26.30 -10.28 13.12
CA TYR A 421 25.64 -11.33 12.36
C TYR A 421 26.44 -12.62 12.45
N ARG A 422 25.72 -13.72 12.65
CA ARG A 422 26.32 -15.06 12.63
C ARG A 422 25.45 -15.94 11.74
N GLU A 423 26.00 -16.38 10.61
CA GLU A 423 25.26 -17.03 9.55
C GLU A 423 25.75 -18.46 9.33
N GLN A 424 24.80 -19.36 9.05
CA GLN A 424 25.12 -20.73 8.67
C GLN A 424 24.17 -21.15 7.56
N VAL A 425 24.73 -21.72 6.49
CA VAL A 425 23.95 -22.26 5.38
C VAL A 425 24.18 -23.77 5.35
N GLN A 426 23.09 -24.53 5.31
CA GLN A 426 23.13 -25.99 5.38
C GLN A 426 22.35 -26.56 4.21
N ARG A 427 23.06 -27.14 3.25
CA ARG A 427 22.39 -27.81 2.13
C ARG A 427 21.65 -29.04 2.65
N GLU A 428 20.36 -29.16 2.29
CA GLU A 428 19.49 -30.18 2.85
C GLU A 428 18.78 -30.96 1.76
N VAL A 429 18.61 -32.28 1.99
CA VAL A 429 17.84 -33.13 1.11
C VAL A 429 16.89 -33.97 1.96
N ASN A 430 16.85 -33.72 3.26
CA ASN A 430 15.99 -34.47 4.15
C ASN A 430 14.67 -33.73 4.37
N ALA A 431 13.57 -34.49 4.41
CA ALA A 431 12.27 -33.89 4.69
C ALA A 431 12.14 -33.46 6.15
N ALA A 432 12.98 -34.00 7.03
CA ALA A 432 13.04 -33.59 8.43
C ALA A 432 14.47 -33.80 8.91
N ASP A 433 14.97 -32.86 9.69
CA ASP A 433 16.36 -32.92 10.13
C ASP A 433 16.53 -32.07 11.38
N GLN A 434 17.58 -32.39 12.13
CA GLN A 434 18.00 -31.64 13.31
C GLN A 434 19.38 -31.07 13.01
N VAL A 435 19.46 -29.77 12.77
CA VAL A 435 20.67 -29.13 12.27
C VAL A 435 21.34 -28.40 13.42
N LEU A 436 22.56 -28.82 13.74
CA LEU A 436 23.36 -28.13 14.74
C LEU A 436 23.79 -26.76 14.23
N GLN A 437 23.57 -25.73 15.06
CA GLN A 437 23.98 -24.37 14.71
C GLN A 437 25.36 -24.15 15.30
N SER A 438 26.38 -24.48 14.50
CA SER A 438 27.76 -24.46 14.95
C SER A 438 28.41 -23.08 14.86
N GLN A 439 27.69 -22.07 14.40
CA GLN A 439 28.26 -20.75 14.20
C GLN A 439 28.00 -19.79 15.36
N LEU A 440 27.33 -20.25 16.42
CA LEU A 440 26.90 -19.38 17.50
C LEU A 440 27.96 -19.37 18.60
N LYS A 441 28.72 -18.28 18.67
CA LYS A 441 29.68 -18.09 19.74
C LYS A 441 29.09 -17.37 20.95
N TRP A 442 28.16 -16.45 20.71
CA TRP A 442 27.82 -15.40 21.65
C TRP A 442 26.33 -15.45 22.00
N PRO A 443 25.87 -14.66 22.97
CA PRO A 443 24.43 -14.68 23.31
C PRO A 443 23.59 -14.28 22.11
N VAL A 444 22.50 -15.03 21.88
CA VAL A 444 21.66 -14.88 20.71
C VAL A 444 20.39 -14.14 21.09
N GLU A 445 20.10 -13.06 20.38
CA GLU A 445 18.86 -12.32 20.59
C GLU A 445 17.73 -12.92 19.76
N PHE A 446 17.96 -13.13 18.46
CA PHE A 446 16.97 -13.76 17.60
C PHE A 446 17.70 -14.34 16.38
N ILE A 447 16.95 -15.12 15.62
CA ILE A 447 17.50 -15.84 14.46
C ILE A 447 16.52 -15.72 13.30
N TYR A 448 17.00 -15.25 12.16
CA TYR A 448 16.25 -15.38 10.93
C TYR A 448 16.42 -16.79 10.38
N LEU A 449 15.32 -17.43 10.02
CA LEU A 449 15.34 -18.80 9.52
C LEU A 449 14.70 -18.86 8.13
N GLY A 450 15.24 -19.75 7.30
CA GLY A 450 14.70 -19.95 5.97
C GLY A 450 15.21 -21.25 5.38
N LEU A 451 14.39 -21.83 4.49
CA LEU A 451 14.74 -23.03 3.74
C LEU A 451 14.53 -22.69 2.27
N ARG A 452 15.56 -22.11 1.65
CA ARG A 452 15.46 -21.64 0.27
C ARG A 452 15.81 -22.75 -0.70
N PRO A 453 14.95 -23.03 -1.69
CA PRO A 453 15.28 -24.05 -2.69
C PRO A 453 16.52 -23.65 -3.48
N ALA A 454 17.35 -24.66 -3.77
CA ALA A 454 18.56 -24.40 -4.55
C ALA A 454 18.22 -23.88 -5.94
N ASN A 455 17.03 -24.22 -6.46
CA ASN A 455 16.64 -23.77 -7.79
C ASN A 455 16.39 -22.27 -7.84
N ASN A 456 16.21 -21.61 -6.69
CA ASN A 456 15.98 -20.16 -6.70
C ASN A 456 17.22 -19.39 -7.12
N ILE A 457 18.41 -19.96 -6.90
CA ILE A 457 19.66 -19.33 -7.31
C ILE A 457 20.34 -20.12 -8.42
N ALA A 458 19.60 -20.96 -9.13
CA ALA A 458 20.17 -21.75 -10.22
C ALA A 458 20.25 -20.93 -11.49
N ALA A 459 21.37 -21.07 -12.21
CA ALA A 459 21.52 -20.39 -13.48
C ALA A 459 20.48 -20.86 -14.50
N GLY A 460 20.05 -22.12 -14.40
CA GLY A 460 19.05 -22.65 -15.30
C GLY A 460 17.64 -22.17 -15.03
N ASN A 461 17.39 -21.58 -13.86
CA ASN A 461 16.08 -21.05 -13.52
C ASN A 461 15.89 -19.73 -14.27
N THR A 462 15.03 -19.74 -15.29
CA THR A 462 14.79 -18.53 -16.07
C THR A 462 14.22 -17.40 -15.23
N TYR A 463 13.65 -17.70 -14.07
CA TYR A 463 13.13 -16.69 -13.16
C TYR A 463 14.07 -16.44 -11.98
N GLN A 464 15.36 -16.71 -12.14
CA GLN A 464 16.32 -16.44 -11.06
C GLN A 464 16.38 -14.95 -10.73
N TRP A 465 16.22 -14.10 -11.74
CA TRP A 465 16.23 -12.65 -11.50
C TRP A 465 15.22 -12.25 -10.44
N ARG A 466 14.16 -13.04 -10.26
CA ARG A 466 13.11 -12.78 -9.28
C ARG A 466 13.17 -13.69 -8.07
N ASP A 467 13.42 -14.99 -8.27
CA ASP A 467 13.31 -15.98 -7.20
C ASP A 467 14.49 -15.97 -6.24
N TRP A 468 15.59 -15.27 -6.56
CA TRP A 468 16.84 -15.48 -5.83
C TRP A 468 16.70 -15.15 -4.35
N HIS A 469 15.85 -14.20 -3.99
CA HIS A 469 15.71 -13.79 -2.60
C HIS A 469 14.50 -14.40 -1.91
N HIS A 470 13.67 -15.16 -2.62
CA HIS A 470 12.51 -15.80 -2.02
C HIS A 470 12.93 -17.03 -1.23
N LEU A 471 12.24 -17.27 -0.12
CA LEU A 471 12.52 -18.40 0.75
C LEU A 471 11.50 -19.52 0.60
N THR A 472 10.77 -19.55 -0.51
CA THR A 472 9.85 -20.61 -0.84
C THR A 472 10.11 -21.09 -2.26
N SER A 473 9.49 -22.20 -2.62
CA SER A 473 9.49 -22.66 -4.00
C SER A 473 8.40 -21.91 -4.75
N VAL A 474 8.80 -21.22 -5.82
CA VAL A 474 7.89 -20.33 -6.55
C VAL A 474 7.55 -20.96 -7.89
N THR A 475 6.26 -21.03 -8.18
CA THR A 475 5.76 -21.48 -9.47
C THR A 475 4.99 -20.35 -10.13
N ASN A 476 4.88 -20.42 -11.46
CA ASN A 476 4.33 -19.34 -12.26
C ASN A 476 2.97 -19.76 -12.81
N GLU A 477 1.95 -18.97 -12.50
CA GLU A 477 0.57 -19.26 -12.89
C GLU A 477 0.05 -18.17 -13.82
N PRO A 478 -0.22 -18.47 -15.09
CA PRO A 478 -0.69 -17.43 -16.01
C PRO A 478 -2.11 -16.99 -15.70
N VAL A 479 -2.36 -15.70 -15.95
CA VAL A 479 -3.70 -15.12 -15.91
C VAL A 479 -3.91 -14.38 -17.22
N TYR A 480 -4.96 -14.73 -17.96
CA TYR A 480 -5.14 -14.28 -19.32
C TYR A 480 -6.22 -13.21 -19.41
N ASP A 481 -5.93 -12.14 -20.15
CA ASP A 481 -6.94 -11.23 -20.66
C ASP A 481 -7.29 -11.66 -22.08
N VAL A 482 -8.57 -11.92 -22.32
CA VAL A 482 -9.02 -12.50 -23.58
C VAL A 482 -10.07 -11.58 -24.19
N SER A 483 -9.86 -11.20 -25.46
CA SER A 483 -10.86 -10.43 -26.22
C SER A 483 -11.74 -11.41 -26.98
N GLN A 484 -13.04 -11.33 -26.77
CA GLN A 484 -14.02 -12.20 -27.41
C GLN A 484 -14.79 -11.42 -28.46
N SER A 485 -14.99 -12.06 -29.62
CA SER A 485 -15.63 -11.42 -30.76
C SER A 485 -16.64 -12.36 -31.39
N TYR A 486 -17.66 -11.77 -32.02
CA TYR A 486 -18.65 -12.52 -32.78
C TYR A 486 -19.06 -11.70 -33.99
N ALA A 487 -19.34 -12.39 -35.09
CA ALA A 487 -19.76 -11.72 -36.32
C ALA A 487 -20.68 -12.63 -37.10
N ARG A 488 -21.77 -12.05 -37.61
CA ARG A 488 -22.74 -12.76 -38.44
C ARG A 488 -22.93 -11.99 -39.73
N VAL A 489 -23.03 -12.72 -40.85
CA VAL A 489 -23.13 -12.11 -42.17
C VAL A 489 -24.07 -12.93 -43.04
N SER A 490 -25.01 -12.25 -43.70
CA SER A 490 -25.84 -12.85 -44.72
C SER A 490 -25.14 -12.73 -46.07
N ILE A 491 -24.99 -13.86 -46.76
CA ILE A 491 -24.29 -13.89 -48.04
C ILE A 491 -25.25 -14.05 -49.21
N ASP A 492 -26.56 -14.01 -48.95
CA ASP A 492 -27.56 -14.05 -50.02
C ASP A 492 -28.68 -13.07 -49.64
N ASP A 493 -28.87 -12.04 -50.46
CA ASP A 493 -29.85 -11.01 -50.18
C ASP A 493 -31.28 -11.43 -50.51
N THR A 494 -31.50 -12.64 -51.02
CA THR A 494 -32.84 -13.12 -51.34
C THR A 494 -33.34 -14.19 -50.39
N VAL A 495 -32.52 -14.64 -49.44
CA VAL A 495 -32.89 -15.66 -48.47
C VAL A 495 -32.93 -15.01 -47.09
N ALA A 496 -34.00 -15.28 -46.34
CA ALA A 496 -34.11 -14.73 -45.00
C ALA A 496 -33.02 -15.32 -44.10
N PRO A 497 -32.25 -14.48 -43.39
CA PRO A 497 -31.10 -15.01 -42.64
C PRO A 497 -31.46 -15.97 -41.53
N VAL A 498 -32.52 -15.70 -40.77
CA VAL A 498 -32.81 -16.48 -39.57
C VAL A 498 -33.09 -17.92 -39.95
N GLY A 499 -32.31 -18.84 -39.39
CA GLY A 499 -32.50 -20.25 -39.64
C GLY A 499 -31.97 -20.73 -40.98
N SER A 500 -30.95 -20.07 -41.53
CA SER A 500 -30.41 -20.40 -42.84
C SER A 500 -28.91 -20.60 -42.74
N THR A 501 -28.38 -21.49 -43.60
CA THR A 501 -26.94 -21.67 -43.69
C THR A 501 -26.25 -20.56 -44.45
N THR A 502 -27.01 -19.67 -45.10
CA THR A 502 -26.45 -18.45 -45.68
C THR A 502 -26.18 -17.38 -44.63
N PHE A 503 -26.54 -17.64 -43.38
CA PHE A 503 -26.29 -16.72 -42.26
C PHE A 503 -25.05 -17.22 -41.54
N LYS A 504 -23.91 -16.67 -41.91
CA LYS A 504 -22.62 -17.20 -41.48
C LYS A 504 -22.27 -16.77 -40.06
N GLN A 505 -21.48 -17.60 -39.39
CA GLN A 505 -21.04 -17.35 -38.03
C GLN A 505 -19.52 -17.23 -37.99
N SER A 506 -19.03 -16.34 -37.13
CA SER A 506 -17.60 -16.13 -36.95
C SER A 506 -17.34 -15.67 -35.52
N ALA A 507 -16.24 -16.16 -34.95
CA ALA A 507 -15.88 -15.81 -33.58
C ALA A 507 -14.36 -15.89 -33.44
N SER A 508 -13.83 -15.12 -32.49
CA SER A 508 -12.40 -15.10 -32.26
C SER A 508 -12.10 -14.84 -30.80
N GLN A 509 -11.10 -15.54 -30.28
CA GLN A 509 -10.51 -15.27 -28.97
C GLN A 509 -9.07 -14.84 -29.18
N VAL A 510 -8.76 -13.60 -28.82
CA VAL A 510 -7.42 -13.04 -28.99
C VAL A 510 -6.89 -12.67 -27.62
N MET A 511 -5.64 -13.05 -27.35
CA MET A 511 -5.01 -12.72 -26.08
C MET A 511 -4.71 -11.22 -26.03
N GLN A 512 -5.29 -10.52 -25.07
CA GLN A 512 -5.04 -9.09 -24.91
C GLN A 512 -3.81 -8.82 -24.06
N ASN A 513 -3.57 -9.64 -23.05
CA ASN A 513 -2.37 -9.55 -22.22
C ASN A 513 -2.27 -10.84 -21.41
N GLN A 514 -1.21 -10.94 -20.61
CA GLN A 514 -1.00 -12.12 -19.77
C GLN A 514 -0.16 -11.72 -18.57
N TYR A 515 -0.64 -12.05 -17.37
CA TYR A 515 0.09 -11.85 -16.14
C TYR A 515 0.65 -13.17 -15.63
N ILE A 516 1.71 -13.07 -14.83
CA ILE A 516 2.31 -14.22 -14.16
C ILE A 516 2.15 -14.01 -12.66
N VAL A 517 1.40 -14.88 -12.02
CA VAL A 517 1.19 -14.83 -10.57
C VAL A 517 2.25 -15.71 -9.91
N PRO A 518 3.14 -15.16 -9.10
CA PRO A 518 4.09 -16.01 -8.36
C PRO A 518 3.38 -16.73 -7.22
N VAL A 519 3.31 -18.05 -7.30
CA VAL A 519 2.62 -18.88 -6.31
C VAL A 519 3.67 -19.51 -5.42
N GLU A 520 3.58 -19.23 -4.12
CA GLU A 520 4.58 -19.67 -3.15
C GLU A 520 4.19 -21.01 -2.54
N THR A 521 5.13 -21.94 -2.53
CA THR A 521 4.99 -23.22 -1.82
C THR A 521 5.99 -23.21 -0.67
N GLU A 522 5.48 -23.18 0.56
CA GLU A 522 6.35 -23.09 1.72
C GLU A 522 7.20 -24.36 1.86
N THR A 523 8.46 -24.15 2.26
CA THR A 523 9.41 -25.24 2.41
C THR A 523 9.57 -25.71 3.85
N LEU A 524 9.06 -24.96 4.82
CA LEU A 524 9.12 -25.33 6.22
C LEU A 524 7.70 -25.52 6.74
N ASP A 525 7.45 -26.65 7.41
CA ASP A 525 6.17 -26.90 8.06
C ASP A 525 6.23 -26.64 9.55
N THR A 526 7.21 -27.21 10.25
CA THR A 526 7.36 -26.98 11.69
C THR A 526 8.83 -26.73 12.02
N VAL A 527 9.05 -25.95 13.06
CA VAL A 527 10.38 -25.63 13.56
C VAL A 527 10.41 -25.87 15.07
N ARG A 528 11.50 -26.46 15.55
CA ARG A 528 11.72 -26.72 16.95
C ARG A 528 13.14 -26.30 17.32
N VAL A 529 13.29 -25.69 18.50
CA VAL A 529 14.57 -25.17 18.95
C VAL A 529 14.97 -25.89 20.22
N LYS A 530 16.11 -26.58 20.17
CA LYS A 530 16.66 -27.32 21.30
C LYS A 530 18.07 -26.82 21.57
N ALA A 531 18.40 -26.61 22.85
CA ALA A 531 19.69 -26.04 23.22
C ALA A 531 20.16 -26.67 24.52
N HIS A 532 21.21 -27.48 24.44
CA HIS A 532 21.82 -28.12 25.60
C HIS A 532 20.79 -28.94 26.38
N GLY A 533 19.93 -29.65 25.65
CA GLY A 533 18.91 -30.47 26.27
C GLY A 533 17.70 -29.72 26.77
N ILE A 534 17.44 -28.53 26.25
CA ILE A 534 16.36 -27.66 26.72
C ILE A 534 15.53 -27.21 25.53
N GLU A 535 14.23 -27.34 25.63
CA GLU A 535 13.39 -26.91 24.59
C GLU A 535 13.09 -25.44 24.72
N LEU A 536 13.61 -24.64 23.81
CA LEU A 536 13.32 -23.22 23.77
C LEU A 536 12.03 -22.95 23.02
N TYR A 537 11.76 -23.73 21.98
CA TYR A 537 10.50 -23.70 21.25
C TYR A 537 10.08 -25.14 20.98
N ALA A 538 8.84 -25.47 21.37
CA ALA A 538 8.28 -26.74 20.97
C ALA A 538 8.06 -26.76 19.45
N GLN A 539 7.72 -27.92 18.93
CA GLN A 539 7.48 -28.07 17.49
C GLN A 539 6.22 -27.30 17.12
N TYR A 540 6.38 -26.09 16.61
CA TYR A 540 5.27 -25.24 16.21
C TYR A 540 5.25 -25.08 14.70
N ARG A 541 4.06 -24.78 14.17
CA ARG A 541 3.92 -24.53 12.75
C ARG A 541 4.75 -23.31 12.34
N ALA A 542 5.19 -23.32 11.07
CA ALA A 542 5.99 -22.21 10.57
C ALA A 542 5.26 -20.88 10.66
N GLN A 543 3.93 -20.91 10.55
CA GLN A 543 3.14 -19.69 10.60
C GLN A 543 3.21 -19.01 11.96
N PHE A 544 3.57 -19.73 13.01
CA PHE A 544 3.79 -19.10 14.31
C PHE A 544 4.98 -18.15 14.27
N TYR A 545 6.07 -18.56 13.60
CA TYR A 545 7.28 -17.75 13.56
C TYR A 545 7.25 -16.68 12.47
N ARG A 546 6.44 -16.87 11.43
CA ARG A 546 6.38 -15.90 10.34
C ARG A 546 5.33 -14.82 10.58
N ASP A 547 4.18 -15.19 11.13
CA ASP A 547 3.07 -14.26 11.30
C ASP A 547 2.96 -13.74 12.73
N TYR A 548 2.85 -14.65 13.71
CA TYR A 548 2.53 -14.21 15.07
C TYR A 548 3.68 -13.48 15.73
N ILE A 549 4.87 -14.06 15.73
CA ILE A 549 6.02 -13.45 16.40
C ILE A 549 6.35 -12.08 15.79
N PRO A 550 6.45 -11.91 14.47
CA PRO A 550 6.66 -10.55 13.94
C PRO A 550 5.49 -9.62 14.17
N TRP A 551 4.27 -10.15 14.30
CA TRP A 551 3.12 -9.29 14.60
C TRP A 551 3.15 -8.81 16.04
N ASN A 552 3.45 -9.72 16.98
CA ASN A 552 3.35 -9.38 18.39
C ASN A 552 4.52 -8.52 18.87
N TYR A 553 5.73 -8.82 18.41
CA TYR A 553 6.93 -8.21 18.94
C TYR A 553 7.47 -7.12 18.01
N GLY A 554 8.35 -6.29 18.57
CA GLY A 554 9.20 -5.41 17.79
C GLY A 554 8.64 -4.03 17.49
N SER A 555 7.32 -3.83 17.62
CA SER A 555 6.69 -2.57 17.28
C SER A 555 7.05 -2.16 15.85
N PHE A 556 7.33 -0.87 15.62
CA PHE A 556 7.68 -0.42 14.29
C PHE A 556 9.06 -0.89 13.83
N ASN A 557 9.75 -1.71 14.63
CA ASN A 557 11.07 -2.21 14.26
C ASN A 557 11.03 -3.62 13.68
N LEU A 558 9.89 -4.30 13.72
CA LEU A 558 9.76 -5.65 13.19
C LEU A 558 8.53 -5.70 12.29
N VAL A 559 8.76 -5.93 11.00
CA VAL A 559 7.69 -5.97 9.99
C VAL A 559 7.29 -7.42 9.77
N THR A 560 5.99 -7.68 9.75
CA THR A 560 5.48 -8.98 9.37
C THR A 560 5.87 -9.25 7.92
N PRO A 561 6.68 -10.27 7.63
CA PRO A 561 7.26 -10.39 6.30
C PRO A 561 6.25 -10.82 5.26
N GLN A 562 6.38 -10.25 4.05
CA GLN A 562 5.54 -10.65 2.93
C GLN A 562 5.90 -12.06 2.47
N ASP A 563 7.20 -12.39 2.47
CA ASP A 563 7.65 -13.72 2.07
C ASP A 563 7.02 -14.78 2.97
N LYS A 564 6.39 -15.78 2.33
CA LYS A 564 5.78 -16.86 3.08
C LYS A 564 6.80 -17.80 3.72
N GLY A 565 8.08 -17.65 3.41
CA GLY A 565 9.11 -18.51 3.96
C GLY A 565 10.03 -17.86 4.97
N ALA A 566 9.76 -16.65 5.42
CA ALA A 566 10.62 -15.95 6.36
C ALA A 566 10.15 -16.20 7.79
N LEU A 567 11.01 -16.80 8.60
CA LEU A 567 10.68 -17.16 9.97
C LEU A 567 11.62 -16.45 10.94
N PHE A 568 11.08 -16.08 12.10
CA PHE A 568 11.77 -15.27 13.09
C PHE A 568 11.78 -16.02 14.41
N LEU A 569 12.96 -16.48 14.83
CA LEU A 569 13.13 -17.21 16.09
C LEU A 569 13.57 -16.20 17.15
N ASN A 570 12.62 -15.67 17.90
CA ASN A 570 12.87 -14.58 18.83
C ASN A 570 13.25 -15.12 20.20
N PHE A 571 14.21 -14.44 20.85
CA PHE A 571 14.62 -14.79 22.20
C PHE A 571 14.74 -13.57 23.10
N CYS A 572 14.21 -12.43 22.69
CA CYS A 572 14.21 -11.20 23.49
C CYS A 572 12.83 -10.57 23.45
N LEU A 573 12.60 -9.63 24.36
CA LEU A 573 11.29 -8.99 24.46
C LEU A 573 11.13 -7.80 23.53
N TYR A 574 12.23 -7.15 23.15
CA TYR A 574 12.17 -5.94 22.33
C TYR A 574 13.25 -6.00 21.25
N PRO A 575 13.03 -6.83 20.23
CA PRO A 575 14.05 -6.98 19.17
C PRO A 575 14.19 -5.70 18.36
N GLY A 576 15.45 -5.28 18.17
CA GLY A 576 15.77 -4.08 17.42
C GLY A 576 16.16 -2.90 18.28
N THR A 577 15.87 -2.93 19.57
CA THR A 577 16.22 -1.84 20.47
C THR A 577 17.56 -2.14 21.14
N TYR A 578 18.28 -1.07 21.49
CA TYR A 578 19.64 -1.23 22.01
C TYR A 578 19.63 -1.89 23.39
N GLN A 579 18.75 -1.47 24.28
CA GLN A 579 18.69 -2.03 25.63
C GLN A 579 18.44 -3.54 25.55
N PRO A 580 19.35 -4.37 26.07
CA PRO A 580 19.12 -5.83 26.02
C PRO A 580 17.86 -6.22 26.77
N SER A 581 17.16 -7.21 26.22
CA SER A 581 15.84 -7.59 26.75
C SER A 581 15.63 -9.09 26.61
N GLY A 582 16.71 -9.86 26.75
CA GLY A 582 16.61 -11.30 26.64
C GLY A 582 17.56 -11.88 25.61
N HIS A 583 18.09 -13.05 25.90
CA HIS A 583 19.03 -13.71 25.00
C HIS A 583 19.14 -15.17 25.40
N VAL A 584 19.82 -15.93 24.54
CA VAL A 584 20.14 -17.33 24.80
C VAL A 584 21.55 -17.39 25.38
N ASN A 585 21.67 -17.96 26.57
CA ASN A 585 22.97 -18.06 27.23
C ASN A 585 23.96 -18.81 26.35
N ILE A 586 25.25 -18.50 26.53
CA ILE A 586 26.27 -19.06 25.66
C ILE A 586 26.40 -20.57 25.86
N SER A 587 26.21 -21.05 27.09
CA SER A 587 26.30 -22.49 27.36
C SER A 587 25.37 -23.27 26.44
N ARG A 588 24.12 -22.83 26.31
CA ARG A 588 23.18 -23.49 25.43
C ARG A 588 23.47 -23.20 23.97
N ALA A 589 23.97 -22.00 23.66
CA ALA A 589 24.27 -21.63 22.28
C ALA A 589 25.34 -22.52 21.67
N ARG A 590 26.21 -23.11 22.51
CA ARG A 590 27.27 -23.96 22.00
C ARG A 590 26.79 -25.35 21.60
N GLU A 591 25.58 -25.74 22.02
CA GLU A 591 24.94 -26.98 21.56
C GLU A 591 23.50 -26.64 21.17
N PHE A 592 23.37 -25.96 20.04
CA PHE A 592 22.11 -25.36 19.60
C PHE A 592 21.62 -26.08 18.35
N TYR A 593 20.37 -26.53 18.37
CA TYR A 593 19.81 -27.31 17.27
C TYR A 593 18.52 -26.69 16.78
N ILE A 594 18.34 -26.66 15.46
CA ILE A 594 17.10 -26.24 14.82
C ILE A 594 16.54 -27.46 14.10
N GLU A 595 15.42 -27.98 14.58
CA GLU A 595 14.78 -29.15 14.00
C GLU A 595 13.62 -28.71 13.13
N TYR A 596 13.61 -29.16 11.87
CA TYR A 596 12.60 -28.72 10.93
C TYR A 596 11.82 -29.90 10.35
N THR A 597 10.67 -29.58 9.78
CA THR A 597 9.82 -30.53 9.06
C THR A 597 9.39 -29.88 7.76
N SER A 598 9.55 -30.59 6.65
CA SER A 598 9.34 -30.03 5.32
C SER A 598 8.44 -30.93 4.48
N SER A 599 7.55 -30.30 3.72
CA SER A 599 6.75 -30.99 2.71
C SER A 599 7.39 -30.95 1.33
N PHE A 600 8.44 -30.18 1.15
CA PHE A 600 9.03 -29.93 -0.16
C PHE A 600 10.43 -30.51 -0.33
N CYS A 601 11.28 -30.39 0.68
CA CYS A 601 12.68 -30.78 0.53
C CYS A 601 12.83 -32.30 0.47
N ASP A 602 13.51 -32.76 -0.57
CA ASP A 602 13.82 -34.18 -0.72
C ASP A 602 15.05 -34.32 -1.62
N SER A 603 15.32 -35.54 -2.05
CA SER A 603 16.49 -35.79 -2.91
C SER A 603 16.37 -35.12 -4.27
N SER A 604 15.16 -34.85 -4.75
CA SER A 604 14.94 -34.17 -6.02
C SER A 604 14.78 -32.66 -5.87
N ASN A 605 14.71 -32.15 -4.64
CA ASN A 605 14.50 -30.73 -4.39
C ASN A 605 15.41 -30.27 -3.26
N PRO A 606 16.69 -30.04 -3.56
CA PRO A 606 17.61 -29.56 -2.52
C PRO A 606 17.23 -28.18 -2.05
N CYS A 607 17.47 -27.91 -0.76
CA CYS A 607 17.16 -26.63 -0.16
C CYS A 607 18.25 -26.26 0.84
N ASP A 608 18.37 -24.97 1.08
CA ASP A 608 19.38 -24.42 1.98
C ASP A 608 18.71 -23.94 3.26
N LEU A 609 19.05 -24.57 4.38
CA LEU A 609 18.60 -24.08 5.67
C LEU A 609 19.46 -22.87 6.04
N ILE A 610 18.90 -21.69 5.91
CA ILE A 610 19.60 -20.44 6.15
C ILE A 610 19.24 -19.95 7.54
N SER A 611 20.25 -19.76 8.39
CA SER A 611 20.06 -19.26 9.75
C SER A 611 21.02 -18.12 9.99
N ILE A 612 20.47 -16.94 10.26
CA ILE A 612 21.26 -15.74 10.51
C ILE A 612 20.91 -15.25 11.91
N ALA A 613 21.85 -15.37 12.83
CA ALA A 613 21.64 -14.97 14.20
C ALA A 613 22.21 -13.58 14.44
N LYS A 614 21.56 -12.85 15.34
CA LYS A 614 22.05 -11.56 15.82
C LYS A 614 22.52 -11.74 17.25
N CYS A 615 23.82 -11.55 17.47
CA CYS A 615 24.44 -11.85 18.76
C CYS A 615 24.92 -10.59 19.44
N ILE A 616 25.05 -10.68 20.76
CA ILE A 616 25.55 -9.59 21.60
C ILE A 616 27.05 -9.76 21.78
N ASN A 617 27.78 -8.66 21.65
CA ASN A 617 29.21 -8.66 21.90
C ASN A 617 29.61 -7.32 22.51
N PHE A 618 30.74 -7.32 23.21
CA PHE A 618 31.27 -6.11 23.84
C PHE A 618 32.42 -5.55 23.00
N LEU A 619 32.76 -4.29 23.27
CA LEU A 619 33.83 -3.63 22.55
C LEU A 619 34.49 -2.60 23.47
N LEU A 620 35.79 -2.74 23.67
CA LEU A 620 36.53 -1.83 24.54
C LEU A 620 36.79 -0.51 23.83
N ILE A 621 37.19 0.49 24.63
CA ILE A 621 37.26 1.87 24.16
C ILE A 621 38.68 2.41 24.32
N SER A 622 38.87 3.69 23.97
CA SER A 622 40.13 4.42 24.17
C SER A 622 41.27 3.85 23.35
N LYS B 7 13.99 -23.62 32.99
CA LYS B 7 15.27 -23.52 33.70
C LYS B 7 16.01 -22.24 33.36
N LEU B 8 15.83 -21.21 34.17
CA LEU B 8 16.57 -19.97 34.02
C LEU B 8 18.01 -20.18 34.49
N ILE B 9 18.92 -19.36 33.96
CA ILE B 9 20.35 -19.59 34.16
C ILE B 9 20.99 -18.42 34.91
N ALA B 10 20.90 -17.22 34.32
CA ALA B 10 21.25 -15.96 34.98
C ALA B 10 22.75 -15.69 35.13
N ASN B 11 23.55 -16.72 35.35
CA ASN B 11 24.97 -16.52 35.69
C ASN B 11 25.88 -17.44 34.87
N ASP B 12 25.70 -17.43 33.55
CA ASP B 12 26.53 -18.26 32.67
C ASP B 12 27.59 -17.38 32.02
N GLY B 13 28.74 -17.28 32.69
CA GLY B 13 29.91 -16.68 32.08
C GLY B 13 29.94 -15.16 32.15
N LYS B 14 30.97 -14.61 31.51
CA LYS B 14 31.15 -13.16 31.46
C LYS B 14 30.02 -12.49 30.69
N ALA B 15 29.53 -13.14 29.64
CA ALA B 15 28.46 -12.55 28.84
C ALA B 15 27.23 -12.28 29.68
N ASP B 16 26.76 -13.28 30.42
CA ASP B 16 25.62 -13.08 31.31
C ASP B 16 25.94 -12.17 32.48
N ARG B 17 27.23 -11.98 32.79
CA ARG B 17 27.61 -11.09 33.88
C ARG B 17 27.42 -9.63 33.50
N MET B 18 27.64 -9.28 32.23
CA MET B 18 27.55 -7.90 31.78
C MET B 18 26.16 -7.50 31.31
N ILE B 19 25.31 -8.46 30.97
CA ILE B 19 23.98 -8.18 30.45
C ILE B 19 22.93 -8.21 31.56
N MET B 20 23.08 -9.11 32.53
CA MET B 20 22.12 -9.23 33.61
C MET B 20 22.69 -8.93 34.99
N ALA B 21 23.99 -9.17 35.21
CA ALA B 21 24.66 -8.85 36.47
C ALA B 21 23.90 -9.42 37.67
N ASN B 22 23.64 -10.72 37.62
CA ASN B 22 22.81 -11.36 38.63
C ASN B 22 23.57 -11.61 39.93
N ASP B 23 24.87 -11.85 39.85
CA ASP B 23 25.66 -11.97 41.09
C ASP B 23 25.77 -10.63 41.80
N LEU B 24 25.79 -9.52 41.04
CA LEU B 24 25.78 -8.20 41.66
C LEU B 24 24.42 -7.90 42.30
N LEU B 25 23.33 -8.21 41.58
CA LEU B 25 21.99 -7.91 42.09
C LEU B 25 21.70 -8.72 43.35
N ASN B 26 22.10 -9.99 43.38
CA ASN B 26 21.91 -10.80 44.59
C ASN B 26 22.66 -10.21 45.77
N ASP B 27 23.88 -9.71 45.53
CA ASP B 27 24.64 -9.08 46.61
C ASP B 27 23.95 -7.81 47.10
N ARG B 28 23.34 -7.05 46.19
CA ARG B 28 22.62 -5.85 46.60
C ARG B 28 21.39 -6.20 47.42
N ILE B 29 20.67 -7.26 47.03
CA ILE B 29 19.49 -7.66 47.78
C ILE B 29 19.88 -8.20 49.15
N LYS B 30 20.84 -9.11 49.19
CA LYS B 30 21.29 -9.67 50.47
C LYS B 30 21.80 -8.58 51.40
N SER B 31 22.49 -7.57 50.85
CA SER B 31 22.93 -6.44 51.65
C SER B 31 21.74 -5.64 52.18
N ILE B 32 20.88 -5.19 51.27
CA ILE B 32 19.77 -4.31 51.64
C ILE B 32 18.90 -4.96 52.73
N MET B 33 18.69 -6.27 52.64
CA MET B 33 17.92 -6.95 53.67
C MET B 33 18.60 -6.90 55.03
N CYS B 34 19.94 -6.89 55.04
CA CYS B 34 20.65 -6.90 56.32
C CYS B 34 20.74 -5.52 56.94
N LEU B 35 20.91 -4.48 56.11
CA LEU B 35 20.88 -3.11 56.62
C LEU B 35 19.54 -2.82 57.29
N ARG B 36 18.45 -3.03 56.55
CA ARG B 36 17.11 -2.76 57.09
C ARG B 36 16.86 -3.58 58.35
N ALA B 37 17.33 -4.82 58.38
CA ALA B 37 17.22 -5.62 59.60
C ALA B 37 18.05 -5.03 60.71
N LYS B 38 19.24 -4.52 60.39
CA LYS B 38 20.08 -3.89 61.40
C LYS B 38 19.53 -2.53 61.81
N GLN B 39 18.85 -1.84 60.91
CA GLN B 39 18.30 -0.52 61.18
C GLN B 39 16.92 -0.56 61.84
N GLY B 40 16.39 -1.76 62.09
CA GLY B 40 15.14 -1.89 62.81
C GLY B 40 13.88 -1.80 61.97
N PHE B 41 13.96 -2.11 60.67
CA PHE B 41 12.76 -2.16 59.85
C PHE B 41 11.96 -3.42 60.14
N SER B 42 10.64 -3.31 60.01
CA SER B 42 9.78 -4.47 60.20
C SER B 42 9.91 -5.44 59.02
N ASP B 43 10.06 -4.90 57.81
CA ASP B 43 10.17 -5.72 56.61
C ASP B 43 11.53 -5.49 55.96
N PRO B 44 12.40 -6.50 55.92
CA PRO B 44 13.74 -6.29 55.34
C PRO B 44 13.81 -6.39 53.83
N THR B 45 12.74 -6.85 53.17
CA THR B 45 12.81 -7.02 51.72
C THR B 45 12.94 -5.67 51.03
N PRO B 46 13.76 -5.58 49.98
CA PRO B 46 14.07 -4.28 49.38
C PRO B 46 12.87 -3.65 48.69
N THR B 47 13.08 -2.42 48.24
CA THR B 47 12.10 -1.64 47.50
C THR B 47 12.42 -1.72 46.01
N LEU B 48 11.37 -1.71 45.19
CA LEU B 48 11.56 -1.75 43.73
C LEU B 48 12.46 -0.63 43.24
N VAL B 49 12.39 0.55 43.87
CA VAL B 49 13.31 1.62 43.54
C VAL B 49 14.75 1.22 43.90
N ASP B 50 14.92 0.55 45.06
CA ASP B 50 16.25 0.11 45.46
C ASP B 50 16.89 -0.79 44.41
N ILE B 51 16.11 -1.71 43.85
CA ILE B 51 16.63 -2.57 42.79
C ILE B 51 16.93 -1.76 41.54
N GLU B 52 16.01 -0.87 41.16
CA GLU B 52 16.13 -0.16 39.89
C GLU B 52 17.22 0.89 39.88
N ARG B 53 17.90 1.15 41.01
CA ARG B 53 19.06 2.02 40.98
C ARG B 53 20.20 1.43 40.15
N THR B 54 20.19 0.11 39.93
CA THR B 54 21.18 -0.55 39.08
C THR B 54 20.56 -1.37 37.97
N HIS B 55 19.50 -2.13 38.25
CA HIS B 55 18.92 -3.06 37.30
C HIS B 55 17.56 -2.59 36.79
N ILE B 56 17.26 -2.90 35.54
CA ILE B 56 15.99 -2.55 34.92
C ILE B 56 15.05 -3.74 35.04
N LEU B 57 13.79 -3.45 35.37
CA LEU B 57 12.78 -4.48 35.60
C LEU B 57 11.90 -4.59 34.35
N LEU B 58 12.04 -5.70 33.62
CA LEU B 58 11.27 -5.89 32.40
C LEU B 58 9.80 -6.16 32.70
N ILE B 59 9.47 -6.66 33.89
CA ILE B 59 8.10 -6.78 34.35
C ILE B 59 7.88 -5.65 35.36
N ASN B 60 7.18 -4.60 34.94
CA ASN B 60 6.99 -3.44 35.81
C ASN B 60 5.74 -2.71 35.36
N SER B 61 4.73 -2.66 36.23
CA SER B 61 3.48 -1.97 35.95
C SER B 61 3.46 -0.56 36.53
N HIS B 62 4.63 0.02 36.76
CA HIS B 62 4.71 1.32 37.42
C HIS B 62 4.35 2.44 36.46
N TYR B 63 3.69 3.47 37.01
CA TYR B 63 3.37 4.69 36.27
C TYR B 63 3.37 5.84 37.25
N LYS B 64 3.38 7.05 36.71
CA LYS B 64 3.28 8.22 37.57
C LYS B 64 1.92 8.89 37.38
N PRO B 65 1.31 9.39 38.46
CA PRO B 65 0.08 10.16 38.30
C PRO B 65 0.36 11.46 37.57
N PHE B 66 -0.58 11.89 36.73
CA PHE B 66 -0.41 13.13 36.00
C PHE B 66 -1.18 14.24 36.68
N ALA B 67 -0.58 15.43 36.70
CA ALA B 67 -1.29 16.62 37.14
C ALA B 67 -2.60 16.75 36.39
N ALA B 68 -3.70 16.79 37.13
CA ALA B 68 -5.03 16.66 36.54
C ALA B 68 -5.21 17.61 35.37
N MET B 69 -5.69 17.06 34.25
CA MET B 69 -5.92 17.85 33.06
C MET B 69 -7.07 17.23 32.26
N GLY B 70 -7.66 18.05 31.40
CA GLY B 70 -8.67 17.60 30.46
C GLY B 70 -8.73 18.58 29.32
N TYR B 71 -9.21 18.09 28.17
CA TYR B 71 -9.30 18.93 26.99
C TYR B 71 -10.71 18.89 26.41
N GLU B 72 -11.00 19.88 25.57
CA GLU B 72 -12.28 20.01 24.90
C GLU B 72 -12.10 20.95 23.72
N TYR B 73 -12.72 20.60 22.60
CA TYR B 73 -12.62 21.40 21.39
C TYR B 73 -13.69 22.48 21.38
N GLN B 74 -13.37 23.59 20.69
CA GLN B 74 -14.27 24.73 20.55
C GLN B 74 -14.10 25.29 19.16
N LYS B 75 -15.22 25.49 18.46
CA LYS B 75 -15.19 26.01 17.10
C LYS B 75 -15.73 27.44 17.08
N THR B 76 -15.11 28.29 16.26
CA THR B 76 -15.47 29.69 16.18
C THR B 76 -15.51 30.12 14.72
N ARG B 77 -16.23 31.20 14.46
CA ARG B 77 -16.41 31.75 13.14
C ARG B 77 -15.46 32.91 12.89
N PRO B 78 -15.20 33.24 11.63
CA PRO B 78 -14.28 34.35 11.35
C PRO B 78 -14.89 35.70 11.67
N ASN B 79 -14.01 36.67 11.92
CA ASN B 79 -14.42 38.04 12.16
C ASN B 79 -14.73 38.81 10.87
N THR B 80 -14.55 38.17 9.72
CA THR B 80 -14.58 38.86 8.43
C THR B 80 -15.80 38.50 7.59
N GLY B 81 -16.90 38.11 8.23
CA GLY B 81 -18.15 37.92 7.53
C GLY B 81 -18.15 36.68 6.63
N ASN B 82 -18.99 36.75 5.59
CA ASN B 82 -19.18 35.60 4.71
C ASN B 82 -17.89 35.30 3.95
N PRO B 83 -17.40 34.07 4.00
CA PRO B 83 -16.15 33.73 3.32
C PRO B 83 -16.34 33.54 1.82
N THR B 84 -15.30 33.89 1.07
CA THR B 84 -15.29 33.71 -0.37
C THR B 84 -13.90 33.24 -0.81
N TYR B 85 -13.83 32.74 -2.04
CA TYR B 85 -12.54 32.51 -2.69
C TYR B 85 -11.78 33.83 -2.81
N ASN B 86 -10.46 33.72 -2.87
CA ASN B 86 -9.58 34.86 -3.16
C ASN B 86 -9.77 35.98 -2.15
N SER B 87 -9.68 35.63 -0.87
CA SER B 87 -9.90 36.60 0.19
C SER B 87 -9.11 36.20 1.43
N THR B 88 -9.09 37.10 2.41
CA THR B 88 -8.44 36.86 3.69
C THR B 88 -9.50 36.58 4.75
N ILE B 89 -9.35 35.47 5.45
CA ILE B 89 -10.26 35.06 6.52
C ILE B 89 -9.48 35.07 7.82
N GLN B 90 -10.06 35.68 8.86
CA GLN B 90 -9.38 35.82 10.13
C GLN B 90 -10.26 35.34 11.27
N PHE B 91 -9.72 34.46 12.11
CA PHE B 91 -10.37 33.99 13.32
C PHE B 91 -9.68 34.59 14.53
N SER B 92 -10.49 34.96 15.53
CA SER B 92 -9.93 35.18 16.86
C SER B 92 -9.84 33.85 17.59
N ILE B 93 -8.83 33.73 18.44
CA ILE B 93 -8.69 32.55 19.29
C ILE B 93 -9.42 32.85 20.58
N PRO B 94 -10.62 32.31 20.79
CA PRO B 94 -11.41 32.71 21.95
C PRO B 94 -10.75 32.30 23.26
N GLN B 95 -11.14 32.98 24.33
CA GLN B 95 -10.67 32.64 25.66
C GLN B 95 -11.54 31.51 26.20
N PHE B 96 -10.91 30.36 26.45
CA PHE B 96 -11.64 29.18 26.88
C PHE B 96 -10.84 28.38 27.89
N GLY B 97 -9.80 27.70 27.43
CA GLY B 97 -8.98 26.89 28.32
C GLY B 97 -7.79 27.64 28.87
N ASP B 98 -7.09 26.99 29.80
CA ASP B 98 -5.81 27.52 30.28
C ASP B 98 -4.75 27.48 29.18
N PHE B 99 -4.86 26.52 28.26
CA PHE B 99 -3.96 26.39 27.14
C PHE B 99 -4.80 26.07 25.90
N PHE B 100 -4.23 26.37 24.73
CA PHE B 100 -4.83 25.93 23.47
C PHE B 100 -3.78 25.19 22.66
N SER B 101 -4.25 24.19 21.91
CA SER B 101 -3.34 23.25 21.26
C SER B 101 -3.63 23.10 19.77
N ASP B 102 -3.94 21.89 19.32
CA ASP B 102 -4.08 21.62 17.90
C ASP B 102 -5.29 22.34 17.32
N MET B 103 -5.16 22.73 16.05
CA MET B 103 -6.18 23.49 15.35
C MET B 103 -6.49 22.85 14.01
N VAL B 104 -7.76 22.88 13.62
CA VAL B 104 -8.21 22.35 12.34
C VAL B 104 -9.37 23.20 11.86
N VAL B 105 -9.41 23.46 10.56
CA VAL B 105 -10.36 24.39 9.96
C VAL B 105 -11.32 23.61 9.07
N HIS B 106 -12.61 23.69 9.38
CA HIS B 106 -13.64 23.07 8.54
C HIS B 106 -13.96 24.01 7.38
N VAL B 107 -13.79 23.53 6.16
CA VAL B 107 -14.12 24.28 4.96
C VAL B 107 -15.22 23.52 4.21
N GLN B 108 -16.22 24.26 3.73
CA GLN B 108 -17.37 23.67 3.07
C GLN B 108 -17.60 24.40 1.75
N LEU B 109 -17.48 23.67 0.64
CA LEU B 109 -17.62 24.22 -0.70
C LEU B 109 -18.87 23.64 -1.35
N ALA B 110 -19.71 24.51 -1.91
CA ALA B 110 -21.00 24.09 -2.42
C ALA B 110 -20.85 23.13 -3.59
N ALA B 111 -21.81 22.21 -3.71
CA ALA B 111 -21.89 21.35 -4.87
C ALA B 111 -21.97 22.20 -6.13
N THR B 112 -21.29 21.78 -7.18
CA THR B 112 -21.06 22.66 -8.32
C THR B 112 -21.00 21.85 -9.61
N SER B 113 -21.29 22.53 -10.71
CA SER B 113 -21.28 21.91 -12.03
C SER B 113 -20.90 22.97 -13.06
N ALA B 114 -20.56 22.50 -14.25
CA ALA B 114 -20.17 23.41 -15.32
C ALA B 114 -21.41 23.97 -16.02
N SER B 115 -21.20 25.06 -16.75
CA SER B 115 -22.28 25.69 -17.49
C SER B 115 -22.51 24.96 -18.82
N ALA B 116 -23.67 25.21 -19.41
CA ALA B 116 -24.02 24.54 -20.65
C ALA B 116 -23.22 25.10 -21.81
N GLY B 117 -22.75 24.20 -22.69
CA GLY B 117 -21.97 24.56 -23.84
C GLY B 117 -22.48 23.86 -25.09
N THR B 118 -21.58 23.65 -26.04
CA THR B 118 -21.92 23.04 -27.31
C THR B 118 -20.86 22.02 -27.70
N VAL B 119 -21.24 21.15 -28.62
CA VAL B 119 -20.27 20.22 -29.22
C VAL B 119 -19.39 20.99 -30.21
N PRO B 120 -18.07 20.95 -30.07
CA PRO B 120 -17.20 21.76 -30.94
C PRO B 120 -17.21 21.29 -32.39
N ALA B 121 -16.53 22.04 -33.25
CA ALA B 121 -16.45 21.67 -34.65
C ALA B 121 -15.58 20.43 -34.84
N LEU B 122 -15.92 19.64 -35.86
CA LEU B 122 -15.19 18.42 -36.15
C LEU B 122 -13.76 18.75 -36.59
N PRO B 123 -12.84 17.80 -36.44
CA PRO B 123 -11.46 18.03 -36.88
C PRO B 123 -11.38 18.16 -38.39
N ALA B 124 -10.24 18.66 -38.85
CA ALA B 124 -10.02 18.88 -40.27
C ALA B 124 -9.90 17.54 -41.00
N PHE B 125 -9.83 17.62 -42.33
CA PHE B 125 -9.67 16.44 -43.15
C PHE B 125 -8.28 15.83 -42.96
N ILE B 126 -8.22 14.50 -43.03
CA ILE B 126 -6.95 13.80 -42.96
C ILE B 126 -6.48 13.46 -44.38
N GLY B 127 -7.33 12.76 -45.12
CA GLY B 127 -6.99 12.42 -46.49
C GLY B 127 -7.28 13.54 -47.46
N ALA B 128 -6.69 13.43 -48.65
CA ALA B 128 -6.86 14.43 -49.70
C ALA B 128 -8.03 14.13 -50.62
N ASP B 129 -8.65 12.96 -50.50
CA ASP B 129 -9.65 12.51 -51.46
C ASP B 129 -10.99 12.27 -50.78
N ASP B 130 -12.06 12.44 -51.57
CA ASP B 130 -13.42 12.07 -51.18
C ASP B 130 -13.82 12.73 -49.86
N GLN B 131 -13.59 14.04 -49.77
CA GLN B 131 -13.82 14.76 -48.53
C GLN B 131 -15.29 15.14 -48.37
N VAL B 132 -15.86 14.78 -47.23
CA VAL B 132 -17.25 15.09 -46.90
C VAL B 132 -17.29 15.63 -45.47
N LEU B 133 -18.01 16.74 -45.28
CA LEU B 133 -18.20 17.32 -43.96
C LEU B 133 -19.70 17.34 -43.64
N THR B 134 -20.08 16.64 -42.58
CA THR B 134 -21.45 16.62 -42.08
C THR B 134 -21.49 17.37 -40.75
N SER B 135 -22.70 17.64 -40.27
CA SER B 135 -22.86 18.08 -38.90
C SER B 135 -22.54 17.00 -37.89
N THR B 136 -22.39 15.74 -38.34
CA THR B 136 -22.20 14.60 -37.45
C THR B 136 -20.93 13.79 -37.72
N SER B 137 -20.20 14.06 -38.80
CA SER B 137 -18.97 13.34 -39.07
C SER B 137 -18.15 14.09 -40.10
N VAL B 138 -16.84 13.86 -40.08
CA VAL B 138 -15.91 14.38 -41.07
C VAL B 138 -15.20 13.19 -41.70
N VAL B 139 -15.28 13.08 -43.03
CA VAL B 139 -14.79 11.92 -43.74
C VAL B 139 -13.81 12.38 -44.82
N SER B 140 -12.66 11.72 -44.89
CA SER B 140 -11.69 11.91 -45.96
C SER B 140 -11.11 10.55 -46.31
N ALA B 141 -10.26 10.53 -47.35
CA ALA B 141 -9.72 9.26 -47.82
C ALA B 141 -8.38 9.49 -48.51
N THR B 142 -7.62 8.40 -48.62
CA THR B 142 -6.35 8.39 -49.35
C THR B 142 -6.38 7.23 -50.33
N GLU B 143 -6.36 7.54 -51.62
CA GLU B 143 -6.32 6.51 -52.64
C GLU B 143 -4.94 5.87 -52.69
N ASN B 144 -4.90 4.66 -53.25
CA ASN B 144 -3.62 3.97 -53.48
C ASN B 144 -3.86 2.92 -54.56
N THR B 145 -3.71 3.34 -55.82
CA THR B 145 -3.94 2.44 -56.95
C THR B 145 -2.84 1.39 -57.07
N THR B 146 -1.65 1.64 -56.51
CA THR B 146 -0.57 0.67 -56.62
C THR B 146 -0.82 -0.55 -55.73
N SER B 147 -1.27 -0.32 -54.51
CA SER B 147 -1.48 -1.40 -53.55
C SER B 147 -2.92 -1.94 -53.57
N GLY B 148 -3.86 -1.19 -54.14
CA GLY B 148 -5.25 -1.57 -54.04
C GLY B 148 -5.88 -1.32 -52.70
N VAL B 149 -5.26 -0.49 -51.86
CA VAL B 149 -5.76 -0.19 -50.53
C VAL B 149 -6.42 1.18 -50.56
N TYR B 150 -7.71 1.22 -50.23
CA TYR B 150 -8.45 2.45 -50.05
C TYR B 150 -8.54 2.72 -48.55
N THR B 151 -7.94 3.82 -48.11
CA THR B 151 -7.85 4.15 -46.69
C THR B 151 -8.84 5.27 -46.39
N LEU B 152 -9.81 4.97 -45.51
CA LEU B 152 -10.90 5.89 -45.21
C LEU B 152 -10.79 6.36 -43.77
N TYR B 153 -10.71 7.67 -43.57
CA TYR B 153 -10.60 8.28 -42.26
C TYR B 153 -11.94 8.91 -41.89
N THR B 154 -12.48 8.53 -40.73
CA THR B 154 -13.73 9.10 -40.23
C THR B 154 -13.55 9.52 -38.78
N GLN B 155 -13.99 10.73 -38.47
CA GLN B 155 -13.97 11.24 -37.11
C GLN B 155 -15.35 11.81 -36.77
N SER B 156 -15.80 11.54 -35.55
CA SER B 156 -17.11 12.00 -35.09
C SER B 156 -17.08 12.14 -33.58
N TYR B 157 -18.21 12.56 -33.03
CA TYR B 157 -18.37 12.70 -31.58
C TYR B 157 -19.45 11.76 -31.09
N VAL B 158 -19.18 11.09 -29.97
CA VAL B 158 -20.11 10.14 -29.37
C VAL B 158 -20.13 10.36 -27.87
N ASN B 159 -21.19 9.87 -27.23
CA ASN B 159 -21.23 9.78 -25.78
C ASN B 159 -20.70 8.41 -25.38
N GLN B 160 -20.79 8.06 -24.09
CA GLN B 160 -20.25 6.79 -23.64
C GLN B 160 -20.96 5.61 -24.30
N GLN B 161 -22.28 5.71 -24.47
CA GLN B 161 -23.02 4.63 -25.09
C GLN B 161 -22.73 4.50 -26.58
N GLY B 162 -22.13 5.53 -27.19
CA GLY B 162 -21.75 5.47 -28.58
C GLY B 162 -22.66 6.22 -29.53
N THR B 163 -23.69 6.90 -29.02
CA THR B 163 -24.59 7.64 -29.87
C THR B 163 -23.90 8.88 -30.42
N THR B 164 -24.05 9.12 -31.73
CA THR B 164 -23.40 10.25 -32.37
C THR B 164 -23.99 11.57 -31.90
N GLN B 165 -23.12 12.54 -31.63
CA GLN B 165 -23.51 13.87 -31.17
C GLN B 165 -23.31 14.87 -32.30
N THR B 166 -24.32 15.70 -32.53
CA THR B 166 -24.28 16.68 -33.60
C THR B 166 -23.41 17.87 -33.21
N VAL B 167 -22.64 18.37 -34.18
CA VAL B 167 -21.85 19.58 -33.96
C VAL B 167 -22.79 20.72 -33.58
N ALA B 168 -22.35 21.53 -32.62
CA ALA B 168 -23.07 22.69 -32.08
C ALA B 168 -24.33 22.30 -31.29
N ALA B 169 -24.60 21.02 -31.12
CA ALA B 169 -25.65 20.61 -30.20
C ALA B 169 -25.18 20.77 -28.76
N ALA B 170 -26.10 20.56 -27.83
CA ALA B 170 -25.79 20.77 -26.41
C ALA B 170 -24.71 19.80 -25.93
N ALA B 171 -23.89 20.27 -25.00
CA ALA B 171 -22.84 19.47 -24.38
C ALA B 171 -22.33 20.22 -23.16
N THR B 172 -22.09 19.47 -22.09
CA THR B 172 -21.63 20.05 -20.83
C THR B 172 -20.37 19.35 -20.36
N ASN B 173 -19.40 20.14 -19.90
CA ASN B 173 -18.18 19.60 -19.34
C ASN B 173 -18.43 19.10 -17.93
N PHE B 174 -17.54 18.22 -17.47
CA PHE B 174 -17.52 17.79 -16.08
C PHE B 174 -16.61 18.70 -15.27
N VAL B 175 -16.68 18.55 -13.94
CA VAL B 175 -15.85 19.34 -13.03
C VAL B 175 -15.05 18.40 -12.17
N ARG B 176 -13.88 18.88 -11.75
CA ARG B 176 -12.98 18.13 -10.89
C ARG B 176 -12.27 19.11 -9.99
N TYR B 177 -11.84 18.62 -8.82
CA TYR B 177 -10.96 19.39 -7.95
C TYR B 177 -9.50 19.05 -8.23
N CYS B 178 -8.62 20.02 -7.98
CA CYS B 178 -7.20 19.74 -8.04
C CYS B 178 -6.83 18.73 -6.95
N GLU B 179 -5.70 18.07 -7.14
CA GLU B 179 -5.23 17.12 -6.14
C GLU B 179 -4.86 17.86 -4.86
N TYR B 180 -5.23 17.28 -3.73
CA TYR B 180 -5.03 17.87 -2.42
C TYR B 180 -5.59 19.30 -2.34
N PRO B 181 -6.91 19.46 -2.55
CA PRO B 181 -7.47 20.82 -2.55
C PRO B 181 -7.30 21.54 -1.24
N GLY B 182 -7.37 20.82 -0.12
CA GLY B 182 -7.20 21.47 1.17
C GLY B 182 -5.81 22.03 1.36
N LEU B 183 -4.82 21.50 0.64
CA LEU B 183 -3.47 22.01 0.76
C LEU B 183 -3.27 23.26 -0.09
N ARG B 184 -3.85 23.29 -1.29
CA ARG B 184 -3.70 24.48 -2.14
C ARG B 184 -4.64 25.60 -1.73
N LEU B 185 -5.79 25.26 -1.13
CA LEU B 185 -6.79 26.26 -0.81
C LEU B 185 -6.21 27.36 0.09
N PHE B 186 -5.34 27.00 1.01
CA PHE B 186 -4.74 27.96 1.93
C PHE B 186 -3.44 28.45 1.32
N LYS B 187 -3.49 29.60 0.65
CA LYS B 187 -2.28 30.23 0.15
C LYS B 187 -1.31 30.52 1.29
N ARG B 188 -1.78 31.23 2.31
CA ARG B 188 -0.99 31.53 3.49
C ARG B 188 -1.82 31.28 4.74
N VAL B 189 -1.15 30.86 5.80
CA VAL B 189 -1.76 30.60 7.10
C VAL B 189 -0.92 31.29 8.16
N LYS B 190 -1.52 32.19 8.93
CA LYS B 190 -0.79 33.05 9.84
C LYS B 190 -1.26 32.87 11.27
N PHE B 191 -0.29 32.80 12.19
CA PHE B 191 -0.54 32.90 13.62
C PHE B 191 -0.01 34.25 14.08
N GLU B 192 -0.91 35.18 14.38
CA GLU B 192 -0.58 36.58 14.53
C GLU B 192 -0.75 37.02 15.98
N VAL B 193 0.27 37.68 16.52
CA VAL B 193 0.25 38.21 17.88
C VAL B 193 0.78 39.63 17.85
N ASN B 194 0.01 40.56 18.41
CA ASN B 194 0.40 41.98 18.51
C ASN B 194 0.64 42.60 17.14
N GLY B 195 0.00 42.07 16.10
CA GLY B 195 0.21 42.52 14.75
C GLY B 195 1.40 41.89 14.05
N ASN B 196 2.31 41.25 14.80
CA ASN B 196 3.46 40.59 14.20
C ASN B 196 3.09 39.17 13.81
N PRO B 197 3.43 38.72 12.60
CA PRO B 197 3.34 37.29 12.29
C PRO B 197 4.28 36.49 13.18
N LEU B 198 3.73 35.70 14.10
CA LEU B 198 4.57 34.87 14.96
C LEU B 198 5.05 33.64 14.20
N ASP B 199 4.20 33.07 13.33
CA ASP B 199 4.60 31.98 12.47
C ASP B 199 3.61 31.89 11.32
N GLU B 200 4.11 31.44 10.17
CA GLU B 200 3.29 31.37 8.97
C GLU B 200 3.91 30.38 7.99
N TYR B 201 3.05 29.78 7.17
CA TYR B 201 3.49 28.87 6.12
C TYR B 201 2.54 28.99 4.94
N THR B 202 2.95 28.43 3.81
CA THR B 202 2.18 28.49 2.58
C THR B 202 1.73 27.08 2.18
N ALA B 203 1.11 27.00 1.00
CA ALA B 203 0.80 25.69 0.43
C ALA B 203 2.07 24.92 0.10
N LEU B 204 3.18 25.63 -0.14
CA LEU B 204 4.45 24.96 -0.37
C LEU B 204 4.90 24.18 0.85
N ALA B 205 4.75 24.76 2.03
CA ALA B 205 5.06 24.02 3.25
C ALA B 205 4.07 22.88 3.47
N ALA B 206 2.81 23.10 3.08
CA ALA B 206 1.79 22.07 3.24
C ALA B 206 2.09 20.85 2.37
N ILE B 207 2.57 21.07 1.15
CA ILE B 207 2.88 19.92 0.29
C ILE B 207 4.19 19.27 0.73
N MET B 208 5.10 20.02 1.34
CA MET B 208 6.29 19.39 1.91
C MET B 208 5.91 18.46 3.06
N TYR B 209 4.96 18.89 3.89
CA TYR B 209 4.45 18.02 4.96
C TYR B 209 3.72 16.82 4.37
N ASN B 210 2.93 17.04 3.32
CA ASN B 210 2.23 15.94 2.67
C ASN B 210 3.20 14.87 2.16
N LYS B 211 4.41 15.28 1.78
CA LYS B 211 5.36 14.34 1.21
C LYS B 211 6.21 13.64 2.28
N PHE B 212 6.48 14.31 3.39
CA PHE B 212 7.50 13.84 4.32
C PHE B 212 6.98 13.37 5.68
N HIS B 213 5.73 13.69 6.05
CA HIS B 213 5.32 13.44 7.43
C HIS B 213 3.95 12.80 7.52
N VAL B 214 3.52 12.08 6.49
CA VAL B 214 2.26 11.34 6.56
C VAL B 214 2.54 9.86 6.28
N PRO B 215 2.87 9.07 7.30
CA PRO B 215 3.05 7.63 7.09
C PRO B 215 1.74 6.96 6.70
N ASP B 216 1.85 5.69 6.32
CA ASP B 216 0.70 5.00 5.76
C ASP B 216 -0.39 4.76 6.81
N PHE B 217 -0.04 4.66 8.08
CA PHE B 217 -1.08 4.48 9.09
C PHE B 217 -1.85 5.76 9.38
N LYS B 218 -1.47 6.88 8.77
CA LYS B 218 -2.21 8.13 8.87
C LYS B 218 -2.70 8.64 7.52
N LEU B 219 -2.41 7.94 6.42
CA LEU B 219 -2.60 8.52 5.10
C LEU B 219 -4.08 8.62 4.73
N THR B 220 -4.86 7.56 4.98
CA THR B 220 -6.26 7.57 4.59
C THR B 220 -7.02 8.70 5.26
N GLY B 221 -6.84 8.86 6.57
CA GLY B 221 -7.47 9.98 7.26
C GLY B 221 -6.94 11.32 6.80
N TRP B 222 -5.64 11.40 6.53
CA TRP B 222 -5.05 12.64 6.05
C TRP B 222 -5.67 13.06 4.72
N LYS B 223 -5.79 12.12 3.79
CA LYS B 223 -6.39 12.44 2.49
C LYS B 223 -7.84 12.89 2.64
N ARG B 224 -8.59 12.27 3.56
CA ARG B 224 -9.98 12.68 3.75
C ARG B 224 -10.08 14.05 4.40
N LEU B 225 -9.09 14.43 5.21
CA LEU B 225 -9.12 15.75 5.84
C LEU B 225 -8.97 16.86 4.81
N ILE B 226 -8.13 16.65 3.80
CA ILE B 226 -7.80 17.69 2.84
C ILE B 226 -8.51 17.49 1.50
N GLY B 227 -9.50 16.59 1.45
CA GLY B 227 -10.33 16.46 0.27
C GLY B 227 -9.74 15.69 -0.89
N GLN B 228 -8.74 14.85 -0.65
CA GLN B 228 -8.20 13.99 -1.68
C GLN B 228 -8.97 12.67 -1.69
N GLU B 229 -9.36 12.23 -2.88
CA GLU B 229 -10.11 10.99 -3.00
C GLU B 229 -9.25 9.81 -2.56
N VAL B 230 -9.92 8.78 -2.06
CA VAL B 230 -9.27 7.58 -1.53
C VAL B 230 -9.58 6.41 -2.47
N PRO B 231 -8.59 5.61 -2.84
CA PRO B 231 -8.87 4.45 -3.71
C PRO B 231 -9.83 3.49 -3.02
N VAL B 232 -10.60 2.79 -3.84
CA VAL B 232 -11.55 1.77 -3.37
C VAL B 232 -11.26 0.48 -4.12
N GLU B 233 -10.96 -0.58 -3.37
CA GLU B 233 -10.56 -1.86 -3.94
C GLU B 233 -11.79 -2.65 -4.37
N ALA B 234 -11.78 -3.13 -5.61
CA ALA B 234 -12.90 -3.87 -6.19
C ALA B 234 -12.42 -5.19 -6.74
N ALA B 235 -13.17 -6.26 -6.46
CA ALA B 235 -12.83 -7.60 -6.91
C ALA B 235 -13.67 -7.98 -8.12
N SER B 236 -13.09 -8.82 -8.99
CA SER B 236 -13.72 -9.23 -10.23
C SER B 236 -14.35 -10.61 -10.10
N ASN B 237 -14.90 -11.09 -11.21
CA ASN B 237 -15.24 -12.49 -11.32
C ASN B 237 -13.97 -13.34 -11.26
N LEU B 238 -14.14 -14.63 -11.01
CA LEU B 238 -13.02 -15.55 -11.05
C LEU B 238 -12.39 -15.53 -12.46
N VAL B 239 -11.09 -15.27 -12.50
CA VAL B 239 -10.36 -15.27 -13.76
C VAL B 239 -9.65 -16.59 -14.00
N ASN B 240 -9.16 -17.22 -12.93
CA ASN B 240 -8.63 -18.57 -12.97
C ASN B 240 -9.55 -19.48 -12.16
N ILE B 241 -9.85 -20.65 -12.70
CA ILE B 241 -10.61 -21.67 -12.00
C ILE B 241 -9.87 -22.99 -12.16
N ALA B 242 -9.51 -23.61 -11.04
CA ALA B 242 -8.67 -24.81 -11.07
C ALA B 242 -9.26 -25.87 -11.97
N SER B 243 -8.43 -26.39 -12.88
CA SER B 243 -8.72 -27.50 -13.79
C SER B 243 -9.64 -27.11 -14.94
N THR B 244 -9.75 -25.83 -15.27
CA THR B 244 -10.48 -25.41 -16.46
C THR B 244 -9.84 -24.14 -17.02
N THR B 245 -10.44 -23.60 -18.07
CA THR B 245 -9.82 -22.51 -18.82
C THR B 245 -10.90 -21.69 -19.49
N PRO B 246 -10.65 -20.39 -19.72
CA PRO B 246 -11.55 -19.62 -20.59
C PRO B 246 -11.28 -19.83 -22.06
N TRP B 247 -10.09 -20.32 -22.44
CA TRP B 247 -9.75 -20.52 -23.83
C TRP B 247 -10.56 -21.67 -24.43
N GLY B 248 -10.97 -21.51 -25.68
CA GLY B 248 -11.60 -22.60 -26.39
C GLY B 248 -10.68 -23.80 -26.49
N SER B 249 -11.29 -24.98 -26.53
CA SER B 249 -10.51 -26.22 -26.52
C SER B 249 -9.53 -26.39 -27.68
N PRO B 250 -9.78 -25.90 -28.91
CA PRO B 250 -8.82 -26.16 -30.00
C PRO B 250 -7.40 -25.67 -29.73
N ILE B 251 -7.18 -24.73 -28.80
CA ILE B 251 -5.86 -24.20 -28.53
C ILE B 251 -5.32 -24.64 -27.18
N VAL B 252 -6.08 -25.44 -26.43
CA VAL B 252 -5.73 -25.77 -25.05
C VAL B 252 -4.94 -27.08 -25.02
N ALA B 253 -3.78 -27.05 -24.37
CA ALA B 253 -2.98 -28.25 -24.09
C ALA B 253 -2.63 -29.02 -25.37
N LEU B 254 -2.07 -28.30 -26.34
CA LEU B 254 -1.64 -28.91 -27.59
C LEU B 254 -0.21 -29.44 -27.46
N SER B 255 0.07 -30.51 -28.17
CA SER B 255 1.40 -31.06 -28.30
C SER B 255 1.77 -31.15 -29.78
N ASP B 256 3.04 -30.90 -30.10
CA ASP B 256 3.47 -30.96 -31.49
C ASP B 256 3.67 -32.41 -31.91
N VAL B 257 4.14 -32.60 -33.14
CA VAL B 257 4.31 -33.94 -33.70
C VAL B 257 5.37 -34.75 -32.95
N ASN B 258 6.21 -34.09 -32.17
CA ASN B 258 7.24 -34.77 -31.39
C ASN B 258 6.82 -35.04 -29.95
N GLY B 259 5.59 -34.69 -29.59
CA GLY B 259 5.08 -34.93 -28.25
C GLY B 259 5.29 -33.81 -27.26
N THR B 260 6.08 -32.80 -27.60
CA THR B 260 6.37 -31.71 -26.69
C THR B 260 5.19 -30.74 -26.62
N ALA B 261 4.89 -30.28 -25.42
CA ALA B 261 3.85 -29.27 -25.24
C ALA B 261 4.17 -28.03 -26.06
N VAL B 262 3.12 -27.44 -26.64
CA VAL B 262 3.30 -26.33 -27.56
C VAL B 262 3.43 -25.03 -26.77
N THR B 263 4.57 -24.35 -26.95
CA THR B 263 4.74 -23.01 -26.38
C THR B 263 3.74 -22.06 -27.02
N GLY B 264 2.93 -21.41 -26.18
CA GLY B 264 1.84 -20.59 -26.65
C GLY B 264 0.48 -21.26 -26.55
N SER B 265 0.43 -22.55 -26.22
CA SER B 265 -0.82 -23.26 -26.03
C SER B 265 -1.18 -23.21 -24.55
N PRO B 266 -2.18 -22.44 -24.13
CA PRO B 266 -2.53 -22.39 -22.72
C PRO B 266 -3.04 -23.74 -22.22
N VAL B 267 -2.85 -23.97 -20.92
CA VAL B 267 -3.31 -25.18 -20.25
C VAL B 267 -4.25 -24.79 -19.14
N ASN B 268 -4.84 -25.81 -18.50
CA ASN B 268 -5.74 -25.57 -17.38
C ASN B 268 -5.03 -24.80 -16.28
N ALA B 269 -5.82 -24.05 -15.50
CA ALA B 269 -5.27 -23.30 -14.39
C ALA B 269 -4.99 -24.21 -13.21
N ALA B 270 -3.98 -23.86 -12.43
CA ALA B 270 -3.63 -24.60 -11.22
C ALA B 270 -4.24 -24.01 -9.96
N ILE B 271 -4.60 -22.73 -9.96
CA ILE B 271 -5.24 -22.08 -8.83
C ILE B 271 -6.53 -21.43 -9.30
N THR B 272 -7.36 -21.04 -8.33
CA THR B 272 -8.59 -20.31 -8.58
C THR B 272 -8.47 -18.92 -7.97
N ALA B 273 -8.56 -17.89 -8.80
CA ALA B 273 -8.21 -16.54 -8.37
C ALA B 273 -9.18 -15.51 -8.91
N ARG B 274 -9.30 -14.40 -8.17
CA ARG B 274 -9.95 -13.18 -8.61
C ARG B 274 -8.89 -12.10 -8.78
N LYS B 275 -9.21 -11.11 -9.61
CA LYS B 275 -8.38 -9.92 -9.73
C LYS B 275 -8.92 -8.83 -8.81
N LEU B 276 -8.00 -8.02 -8.29
CA LEU B 276 -8.34 -6.81 -7.55
C LEU B 276 -7.92 -5.61 -8.38
N THR B 277 -8.85 -4.70 -8.61
CA THR B 277 -8.53 -3.40 -9.19
C THR B 277 -9.00 -2.31 -8.24
N GLN B 278 -8.44 -1.12 -8.42
CA GLN B 278 -8.78 0.02 -7.59
C GLN B 278 -9.50 1.07 -8.43
N VAL B 279 -10.56 1.65 -7.86
CA VAL B 279 -11.31 2.71 -8.50
C VAL B 279 -11.37 3.90 -7.56
N VAL B 280 -11.45 5.09 -8.15
CA VAL B 280 -11.65 6.32 -7.41
C VAL B 280 -12.87 7.01 -8.00
N PHE B 281 -13.62 7.71 -7.14
CA PHE B 281 -14.82 8.43 -7.56
C PHE B 281 -15.09 9.57 -6.59
N GLY B 282 -14.07 10.39 -6.32
CA GLY B 282 -14.20 11.49 -5.40
C GLY B 282 -14.00 12.85 -6.01
N ALA B 283 -13.36 13.75 -5.25
CA ALA B 283 -13.26 15.15 -5.67
C ALA B 283 -12.38 15.32 -6.91
N GLN B 284 -11.42 14.42 -7.13
CA GLN B 284 -10.52 14.55 -8.27
C GLN B 284 -11.05 13.87 -9.53
N THR B 285 -12.03 13.00 -9.40
CA THR B 285 -12.61 12.34 -10.57
C THR B 285 -13.65 13.24 -11.23
N PRO B 286 -13.55 13.48 -12.54
CA PRO B 286 -14.50 14.42 -13.19
C PRO B 286 -15.91 13.89 -13.14
N LYS B 287 -16.84 14.75 -12.73
CA LYS B 287 -18.24 14.39 -12.59
C LYS B 287 -19.12 15.50 -13.17
N ALA B 288 -20.33 15.12 -13.60
CA ALA B 288 -21.31 16.11 -14.02
C ALA B 288 -21.61 17.09 -12.89
N THR B 289 -21.68 16.58 -11.65
CA THR B 289 -21.82 17.42 -10.47
C THR B 289 -20.89 16.89 -9.39
N GLN B 290 -19.99 17.74 -8.92
CA GLN B 290 -19.19 17.42 -7.74
C GLN B 290 -20.00 17.69 -6.49
N GLU B 291 -19.98 16.75 -5.56
CA GLU B 291 -20.76 16.90 -4.33
C GLU B 291 -20.13 17.97 -3.44
N GLN B 292 -20.88 18.37 -2.42
CA GLN B 292 -20.39 19.34 -1.45
C GLN B 292 -19.11 18.83 -0.80
N LEU B 293 -18.00 19.52 -1.04
CA LEU B 293 -16.71 19.11 -0.53
C LEU B 293 -16.53 19.62 0.90
N ASN B 294 -16.35 18.70 1.84
CA ASN B 294 -16.14 19.04 3.24
C ASN B 294 -14.73 18.63 3.64
N MET B 295 -13.95 19.61 4.12
CA MET B 295 -12.57 19.38 4.50
C MET B 295 -12.36 19.89 5.93
N PHE B 296 -11.50 19.18 6.66
CA PHE B 296 -11.01 19.62 7.97
C PHE B 296 -9.50 19.76 7.81
N VAL B 297 -9.05 20.94 7.41
CA VAL B 297 -7.65 21.19 7.12
C VAL B 297 -6.91 21.50 8.42
N PRO B 298 -5.99 20.65 8.86
CA PRO B 298 -5.24 20.95 10.09
C PRO B 298 -4.25 22.09 9.87
N LEU B 299 -4.06 22.88 10.93
CA LEU B 299 -3.11 23.98 10.91
C LEU B 299 -1.78 23.47 11.45
N LEU B 300 -0.76 23.43 10.59
CA LEU B 300 0.48 22.70 10.85
C LEU B 300 1.49 23.56 11.61
N PHE B 301 1.06 24.06 12.77
CA PHE B 301 1.95 24.80 13.65
C PHE B 301 2.58 23.88 14.69
N TRP B 302 3.59 24.41 15.39
CA TRP B 302 4.34 23.58 16.33
C TRP B 302 3.48 23.21 17.54
N PHE B 303 2.57 24.09 17.95
CA PHE B 303 1.85 23.91 19.20
C PHE B 303 0.73 22.88 19.04
N ARG B 304 0.81 22.07 17.98
CA ARG B 304 -0.09 20.93 17.88
C ARG B 304 0.26 19.85 18.89
N ASP B 305 1.54 19.74 19.23
CA ASP B 305 2.01 18.85 20.28
C ASP B 305 1.34 19.20 21.60
N PRO B 306 0.66 18.26 22.26
CA PRO B 306 0.05 18.58 23.57
C PRO B 306 1.06 19.08 24.59
N ARG B 307 2.28 18.54 24.57
CA ARG B 307 3.33 19.02 25.47
C ARG B 307 3.62 20.50 25.28
N LEU B 308 3.37 21.03 24.09
CA LEU B 308 3.75 22.39 23.72
C LEU B 308 2.54 23.31 23.60
N ALA B 309 1.46 23.01 24.34
CA ALA B 309 0.31 23.89 24.35
C ALA B 309 0.70 25.28 24.85
N ILE B 310 0.05 26.30 24.29
CA ILE B 310 0.40 27.68 24.58
C ILE B 310 -0.44 28.18 25.74
N ALA B 311 0.22 28.75 26.75
CA ALA B 311 -0.47 29.31 27.90
C ALA B 311 -1.36 30.47 27.46
N SER B 312 -2.66 30.37 27.78
CA SER B 312 -3.60 31.41 27.38
C SER B 312 -3.23 32.76 27.96
N VAL B 313 -2.57 32.78 29.11
CA VAL B 313 -2.15 34.05 29.71
C VAL B 313 -0.96 34.63 28.96
N SER B 314 -0.07 33.79 28.44
CA SER B 314 1.17 34.25 27.86
C SER B 314 1.00 34.91 26.51
N ILE B 315 -0.06 34.57 25.77
CA ILE B 315 -0.45 35.29 24.57
C ILE B 315 -1.86 35.84 24.78
N PRO B 316 -1.96 37.09 25.21
CA PRO B 316 -3.26 37.62 25.66
C PRO B 316 -4.35 37.58 24.59
N TYR B 317 -5.59 37.52 25.06
CA TYR B 317 -6.77 37.55 24.21
C TYR B 317 -6.98 38.94 23.65
N GLY B 318 -7.54 39.01 22.44
CA GLY B 318 -7.76 40.26 21.75
C GLY B 318 -6.63 40.69 20.85
N GLN B 319 -5.46 40.07 20.96
CA GLN B 319 -4.32 40.37 20.11
C GLN B 319 -3.77 39.11 19.44
N ARG B 320 -4.54 38.02 19.45
CA ARG B 320 -4.13 36.75 18.88
C ARG B 320 -5.13 36.34 17.81
N PHE B 321 -4.63 35.99 16.63
CA PHE B 321 -5.50 35.70 15.50
C PHE B 321 -4.90 34.59 14.65
N ILE B 322 -5.78 33.88 13.95
CA ILE B 322 -5.39 32.95 12.88
C ILE B 322 -5.93 33.54 11.58
N THR B 323 -5.01 33.94 10.70
CA THR B 323 -5.35 34.55 9.42
C THR B 323 -5.06 33.55 8.30
N VAL B 324 -6.00 33.41 7.37
CA VAL B 324 -5.89 32.44 6.29
C VAL B 324 -6.19 33.16 4.98
N ASP B 325 -5.24 33.10 4.04
CA ASP B 325 -5.48 33.56 2.68
C ASP B 325 -6.00 32.41 1.84
N ILE B 326 -7.06 32.68 1.08
CA ILE B 326 -7.76 31.65 0.32
C ILE B 326 -7.42 31.80 -1.15
N GLU B 327 -7.09 30.69 -1.80
CA GLU B 327 -6.72 30.67 -3.21
C GLU B 327 -7.91 31.04 -4.09
N GLN B 328 -7.60 31.52 -5.30
CA GLN B 328 -8.62 31.78 -6.30
C GLN B 328 -9.32 30.47 -6.67
N GLN B 329 -10.58 30.59 -7.09
CA GLN B 329 -11.35 29.40 -7.45
C GLN B 329 -10.74 28.68 -8.66
N SER B 330 -10.20 29.44 -9.61
CA SER B 330 -9.67 28.88 -10.83
C SER B 330 -8.44 28.00 -10.62
N ASN B 331 -7.84 28.02 -9.43
CA ASN B 331 -6.73 27.14 -9.11
C ASN B 331 -7.15 25.94 -8.28
N ILE B 332 -8.43 25.83 -7.92
CA ILE B 332 -8.94 24.75 -7.08
C ILE B 332 -9.89 23.85 -7.84
N LEU B 333 -10.77 24.43 -8.65
CA LEU B 333 -11.81 23.70 -9.37
C LEU B 333 -11.56 23.84 -10.86
N PHE B 334 -11.66 22.73 -11.58
CA PHE B 334 -11.26 22.68 -12.98
C PHE B 334 -12.31 22.00 -13.84
N THR B 335 -12.38 22.45 -15.09
CA THR B 335 -13.17 21.79 -16.11
C THR B 335 -12.43 20.55 -16.61
N ALA B 336 -13.18 19.50 -16.90
CA ALA B 336 -12.65 18.27 -17.48
C ALA B 336 -13.67 17.74 -18.47
N PRO B 337 -13.23 16.96 -19.47
CA PRO B 337 -14.17 16.43 -20.46
C PRO B 337 -15.28 15.60 -19.80
N GLY B 338 -16.48 15.76 -20.32
CA GLY B 338 -17.65 15.06 -19.83
C GLY B 338 -18.01 13.86 -20.68
N ASN B 339 -19.31 13.67 -20.90
CA ASN B 339 -19.80 12.55 -21.70
C ASN B 339 -19.80 12.90 -23.19
N LEU B 340 -18.62 13.24 -23.68
CA LEU B 340 -18.42 13.60 -25.08
C LEU B 340 -17.05 13.10 -25.50
N PHE B 341 -17.01 12.24 -26.52
CA PHE B 341 -15.78 11.59 -26.95
C PHE B 341 -15.60 11.75 -28.45
N LEU B 342 -14.35 11.99 -28.85
CA LEU B 342 -13.99 12.05 -30.26
C LEU B 342 -13.64 10.65 -30.75
N GLN B 343 -14.44 10.14 -31.69
CA GLN B 343 -14.20 8.83 -32.27
C GLN B 343 -13.30 8.97 -33.49
N THR B 344 -12.13 8.34 -33.46
CA THR B 344 -11.18 8.34 -34.56
C THR B 344 -11.16 6.95 -35.17
N THR B 345 -11.65 6.83 -36.41
CA THR B 345 -11.76 5.55 -37.09
C THR B 345 -11.00 5.58 -38.40
N VAL B 346 -10.16 4.57 -38.62
CA VAL B 346 -9.50 4.35 -39.89
C VAL B 346 -9.93 3.00 -40.43
N GLU B 347 -10.42 2.97 -41.66
CA GLU B 347 -10.81 1.75 -42.34
C GLU B 347 -9.97 1.59 -43.60
N THR B 348 -9.43 0.40 -43.81
CA THR B 348 -8.67 0.07 -45.00
C THR B 348 -9.42 -1.00 -45.78
N LEU B 349 -9.58 -0.77 -47.09
CA LEU B 349 -10.27 -1.70 -47.98
C LEU B 349 -9.28 -2.17 -49.03
N LEU B 350 -8.93 -3.45 -48.99
CA LEU B 350 -8.02 -4.04 -49.97
C LEU B 350 -8.86 -4.69 -51.06
N THR B 351 -9.03 -3.97 -52.17
CA THR B 351 -9.65 -4.53 -53.36
C THR B 351 -8.56 -4.87 -54.38
N THR B 352 -8.91 -5.73 -55.34
CA THR B 352 -7.99 -6.17 -56.37
C THR B 352 -8.48 -5.94 -57.78
N GLY B 353 -9.74 -5.57 -57.97
CA GLY B 353 -10.33 -5.44 -59.28
C GLY B 353 -10.14 -4.06 -59.89
N ALA B 354 -11.02 -3.74 -60.84
CA ALA B 354 -10.96 -2.46 -61.53
C ALA B 354 -11.19 -1.32 -60.55
N GLY B 355 -10.30 -0.33 -60.57
CA GLY B 355 -10.39 0.79 -59.65
C GLY B 355 -9.90 0.48 -58.25
N LYS B 356 -9.00 -0.49 -58.11
CA LYS B 356 -8.50 -0.84 -56.79
C LYS B 356 -7.77 0.33 -56.16
N GLY B 357 -7.89 0.45 -54.83
CA GLY B 357 -7.31 1.55 -54.11
C GLY B 357 -8.14 2.82 -54.10
N THR B 358 -9.23 2.87 -54.86
CA THR B 358 -10.15 4.00 -54.86
C THR B 358 -11.50 3.52 -54.34
N ALA B 359 -12.43 4.47 -54.21
CA ALA B 359 -13.78 4.14 -53.75
C ALA B 359 -14.56 3.31 -54.75
N THR B 360 -14.01 3.04 -55.93
CA THR B 360 -14.67 2.21 -56.94
C THR B 360 -14.04 0.83 -57.08
N GLY B 361 -13.16 0.44 -56.15
CA GLY B 361 -12.63 -0.90 -56.17
C GLY B 361 -13.72 -1.94 -56.03
N VAL B 362 -13.47 -3.12 -56.62
CA VAL B 362 -14.55 -4.10 -56.81
C VAL B 362 -14.40 -5.30 -55.89
N LEU B 363 -13.36 -6.11 -56.10
CA LEU B 363 -13.21 -7.37 -55.37
C LEU B 363 -12.51 -7.10 -54.05
N LEU B 364 -13.31 -6.93 -52.99
CA LEU B 364 -12.76 -6.63 -51.66
C LEU B 364 -12.30 -7.91 -50.98
N THR B 365 -11.01 -7.98 -50.64
CA THR B 365 -10.40 -9.15 -50.03
C THR B 365 -10.25 -9.02 -48.52
N GLN B 366 -9.70 -7.90 -48.05
CA GLN B 366 -9.44 -7.69 -46.63
C GLN B 366 -9.99 -6.34 -46.19
N TYR B 367 -10.56 -6.31 -45.00
CA TYR B 367 -11.05 -5.09 -44.37
C TYR B 367 -10.47 -4.99 -42.98
N ASN B 368 -10.07 -3.77 -42.60
CA ASN B 368 -9.56 -3.50 -41.26
C ASN B 368 -10.19 -2.21 -40.75
N ARG B 369 -10.53 -2.20 -39.46
CA ARG B 369 -11.02 -1.00 -38.79
C ARG B 369 -10.19 -0.75 -37.54
N TYR B 370 -9.79 0.51 -37.36
CA TYR B 370 -9.04 0.93 -36.18
C TYR B 370 -9.79 2.09 -35.55
N THR B 371 -10.17 1.95 -34.28
CA THR B 371 -11.04 2.92 -33.62
C THR B 371 -10.46 3.30 -32.27
N THR B 372 -10.23 4.60 -32.07
CA THR B 372 -9.82 5.16 -30.79
C THR B 372 -10.84 6.21 -30.36
N TYR B 373 -10.83 6.52 -29.06
CA TYR B 373 -11.72 7.51 -28.48
C TYR B 373 -10.91 8.48 -27.63
N THR B 374 -11.22 9.77 -27.76
CA THR B 374 -10.52 10.82 -27.03
C THR B 374 -11.53 11.72 -26.34
N PRO B 375 -11.56 11.76 -25.00
CA PRO B 375 -12.46 12.68 -24.31
C PRO B 375 -12.24 14.12 -24.77
N THR B 376 -13.35 14.84 -24.94
CA THR B 376 -13.33 16.15 -25.59
C THR B 376 -14.06 17.17 -24.73
N LEU B 377 -13.48 18.37 -24.63
CA LEU B 377 -14.11 19.48 -23.93
C LEU B 377 -15.19 20.10 -24.79
N ALA B 378 -16.31 20.46 -24.15
CA ALA B 378 -17.35 21.22 -24.83
C ALA B 378 -16.97 22.70 -24.88
N SER B 379 -17.35 23.35 -25.97
CA SER B 379 -17.07 24.77 -26.10
C SER B 379 -18.00 25.59 -25.22
N GLY B 380 -17.43 26.57 -24.52
CA GLY B 380 -18.23 27.47 -23.72
C GLY B 380 -18.85 26.85 -22.49
N SER B 381 -18.25 25.79 -21.95
CA SER B 381 -18.69 25.16 -20.72
C SER B 381 -17.58 25.32 -19.69
N SER B 382 -17.83 26.14 -18.67
CA SER B 382 -16.80 26.55 -17.72
C SER B 382 -17.32 26.36 -16.30
N ILE B 383 -16.43 26.61 -15.32
CA ILE B 383 -16.80 26.42 -13.92
C ILE B 383 -17.73 27.54 -13.46
N ASP B 384 -18.49 27.25 -12.41
CA ASP B 384 -19.43 28.21 -11.85
C ASP B 384 -18.68 29.16 -10.92
N GLY B 385 -18.48 30.40 -11.38
CA GLY B 385 -17.77 31.39 -10.59
C GLY B 385 -18.52 31.89 -9.37
N THR B 386 -19.79 31.53 -9.22
CA THR B 386 -20.58 31.90 -8.04
C THR B 386 -20.61 30.80 -7.00
N GLN B 387 -19.78 29.78 -7.13
CA GLN B 387 -19.74 28.70 -6.15
C GLN B 387 -19.34 29.27 -4.79
N ALA B 388 -20.20 29.06 -3.79
CA ALA B 388 -20.04 29.70 -2.50
C ALA B 388 -19.22 28.83 -1.55
N VAL B 389 -18.46 29.49 -0.68
CA VAL B 389 -17.88 28.86 0.49
C VAL B 389 -18.97 28.86 1.56
N GLN B 390 -19.64 27.73 1.74
CA GLN B 390 -20.84 27.67 2.56
C GLN B 390 -20.56 27.76 4.05
N ASN B 391 -19.36 27.38 4.49
CA ASN B 391 -19.02 27.44 5.91
C ASN B 391 -17.52 27.32 6.08
N ILE B 392 -16.97 28.10 7.01
CA ILE B 392 -15.59 27.93 7.43
C ILE B 392 -15.48 28.26 8.92
N GLU B 393 -14.97 27.32 9.70
CA GLU B 393 -14.88 27.47 11.14
C GLU B 393 -13.56 26.90 11.63
N LEU B 394 -12.96 27.56 12.62
CA LEU B 394 -11.71 27.12 13.21
C LEU B 394 -12.01 26.32 14.48
N TYR B 395 -11.51 25.08 14.52
CA TYR B 395 -11.65 24.23 15.69
C TYR B 395 -10.37 24.29 16.50
N ILE B 396 -10.50 24.59 17.79
CA ILE B 396 -9.35 24.78 18.68
C ILE B 396 -9.51 23.85 19.87
N ASN B 397 -8.50 23.02 20.13
CA ASN B 397 -8.47 22.20 21.32
C ASN B 397 -8.05 23.05 22.51
N ASN B 398 -8.81 22.98 23.60
CA ASN B 398 -8.57 23.77 24.79
C ASN B 398 -8.26 22.85 25.96
N ILE B 399 -7.12 23.09 26.61
CA ILE B 399 -6.63 22.25 27.70
C ILE B 399 -6.90 22.96 29.02
N PHE B 400 -7.45 22.22 29.97
CA PHE B 400 -7.74 22.74 31.31
C PHE B 400 -6.89 21.99 32.33
N VAL B 401 -6.32 22.74 33.28
CA VAL B 401 -5.49 22.18 34.33
C VAL B 401 -5.91 22.80 35.66
N THR B 402 -5.43 22.19 36.75
CA THR B 402 -5.79 22.66 38.08
C THR B 402 -5.19 24.04 38.34
N PRO B 403 -5.85 24.86 39.17
CA PRO B 403 -5.32 26.20 39.45
C PRO B 403 -3.95 26.17 40.13
N GLU B 404 -3.70 25.18 40.99
CA GLU B 404 -2.42 25.14 41.71
C GLU B 404 -1.26 24.89 40.75
N ILE B 405 -1.41 23.93 39.84
CA ILE B 405 -0.34 23.63 38.90
C ILE B 405 -0.23 24.73 37.84
N HIS B 406 -1.34 25.38 37.52
CA HIS B 406 -1.32 26.45 36.53
C HIS B 406 -0.41 27.60 36.97
N ASP B 407 -0.63 28.12 38.17
CA ASP B 407 0.17 29.23 38.65
C ASP B 407 1.63 28.83 38.86
N ILE B 408 1.88 27.57 39.23
CA ILE B 408 3.26 27.12 39.42
C ILE B 408 3.98 27.04 38.07
N TYR B 409 3.31 26.46 37.06
CA TYR B 409 3.93 26.28 35.75
C TYR B 409 4.21 27.62 35.09
N ILE B 410 3.23 28.53 35.12
CA ILE B 410 3.40 29.83 34.48
C ILE B 410 4.51 30.63 35.16
N LYS B 411 4.73 30.41 36.45
CA LYS B 411 5.76 31.13 37.19
C LYS B 411 7.13 30.46 37.12
N ARG B 412 7.23 29.26 36.54
CA ARG B 412 8.48 28.51 36.60
C ARG B 412 8.98 27.97 35.26
N ILE B 413 8.11 27.81 34.26
CA ILE B 413 8.57 27.21 32.99
C ILE B 413 9.53 28.14 32.27
N GLY B 414 9.41 29.45 32.49
CA GLY B 414 10.29 30.40 31.85
C GLY B 414 10.00 30.63 30.39
N PHE B 415 10.31 29.64 29.55
CA PHE B 415 10.16 29.79 28.10
C PHE B 415 9.83 28.43 27.49
N THR B 416 9.46 28.46 26.22
CA THR B 416 9.21 27.26 25.44
C THR B 416 9.89 27.38 24.09
N LEU B 417 10.48 26.26 23.65
CA LEU B 417 11.02 26.20 22.30
C LEU B 417 9.88 26.09 21.29
N ILE B 418 10.04 26.76 20.16
CA ILE B 418 9.08 26.69 19.07
C ILE B 418 9.83 26.44 17.77
N ARG B 419 9.12 25.88 16.80
CA ARG B 419 9.63 25.67 15.45
C ARG B 419 8.79 26.50 14.48
N VAL B 420 9.46 27.25 13.61
CA VAL B 420 8.80 28.18 12.71
C VAL B 420 9.24 27.90 11.29
N TYR B 421 8.34 28.13 10.33
CA TYR B 421 8.65 27.96 8.93
C TYR B 421 9.38 29.19 8.39
N ARG B 422 10.33 28.96 7.50
CA ARG B 422 11.08 30.04 6.86
C ARG B 422 11.31 29.65 5.41
N GLU B 423 10.58 30.29 4.50
CA GLU B 423 10.47 29.87 3.11
C GLU B 423 11.08 30.92 2.18
N GLN B 424 11.72 30.44 1.12
CA GLN B 424 12.21 31.27 0.04
C GLN B 424 12.00 30.55 -1.29
N VAL B 425 11.50 31.28 -2.28
CA VAL B 425 11.26 30.75 -3.61
C VAL B 425 12.03 31.62 -4.60
N GLN B 426 13.02 31.03 -5.27
CA GLN B 426 13.85 31.71 -6.25
C GLN B 426 13.57 31.13 -7.63
N ARG B 427 13.05 31.96 -8.53
CA ARG B 427 12.83 31.53 -9.90
C ARG B 427 14.15 31.47 -10.64
N GLU B 428 14.36 30.39 -11.38
CA GLU B 428 15.62 30.13 -12.06
C GLU B 428 15.39 29.80 -13.52
N VAL B 429 16.29 30.29 -14.37
CA VAL B 429 16.47 29.81 -15.73
C VAL B 429 17.89 29.32 -15.96
N ASN B 430 18.69 29.25 -14.91
CA ASN B 430 20.07 28.79 -15.00
C ASN B 430 20.15 27.30 -14.73
N ALA B 431 20.97 26.61 -15.53
CA ALA B 431 21.14 25.17 -15.36
C ALA B 431 21.84 24.84 -14.05
N ALA B 432 22.65 25.76 -13.54
CA ALA B 432 23.34 25.59 -12.27
C ALA B 432 23.51 26.95 -11.62
N ASP B 433 23.26 27.02 -10.31
CA ASP B 433 23.34 28.30 -9.63
C ASP B 433 23.56 28.08 -8.14
N GLN B 434 24.02 29.14 -7.49
CA GLN B 434 24.28 29.17 -6.05
C GLN B 434 23.35 30.22 -5.46
N VAL B 435 22.38 29.79 -4.66
CA VAL B 435 21.27 30.63 -4.25
C VAL B 435 21.43 30.95 -2.77
N LEU B 436 21.72 32.21 -2.47
CA LEU B 436 21.76 32.67 -1.08
C LEU B 436 20.36 32.58 -0.46
N GLN B 437 20.29 32.03 0.74
CA GLN B 437 19.03 31.81 1.44
C GLN B 437 18.85 32.96 2.43
N SER B 438 18.23 34.05 1.97
CA SER B 438 18.07 35.24 2.79
C SER B 438 17.03 35.07 3.90
N GLN B 439 16.11 34.11 3.74
CA GLN B 439 15.07 33.93 4.74
C GLN B 439 15.60 33.39 6.06
N LEU B 440 16.80 32.81 6.06
CA LEU B 440 17.31 32.13 7.24
C LEU B 440 17.95 33.13 8.20
N LYS B 441 17.40 33.22 9.42
CA LYS B 441 17.92 34.08 10.46
C LYS B 441 18.25 33.36 11.75
N TRP B 442 17.75 32.16 11.97
CA TRP B 442 17.79 31.45 13.24
C TRP B 442 18.36 30.06 13.02
N PRO B 443 18.67 29.33 14.10
CA PRO B 443 19.19 27.97 13.93
C PRO B 443 18.22 27.10 13.11
N VAL B 444 18.78 26.36 12.17
CA VAL B 444 17.99 25.55 11.23
C VAL B 444 18.17 24.09 11.57
N GLU B 445 17.05 23.39 11.76
CA GLU B 445 17.10 21.94 11.96
C GLU B 445 17.24 21.21 10.63
N PHE B 446 16.40 21.54 9.65
CA PHE B 446 16.46 20.93 8.34
C PHE B 446 15.74 21.83 7.35
N ILE B 447 15.84 21.49 6.07
CA ILE B 447 15.32 22.30 4.97
C ILE B 447 14.66 21.37 3.94
N TYR B 448 13.40 21.65 3.61
CA TYR B 448 12.76 21.01 2.47
C TYR B 448 13.16 21.74 1.19
N LEU B 449 13.55 20.98 0.17
CA LEU B 449 14.08 21.57 -1.05
C LEU B 449 13.38 20.99 -2.27
N GLY B 450 13.22 21.83 -3.29
CA GLY B 450 12.67 21.41 -4.56
C GLY B 450 12.90 22.47 -5.63
N LEU B 451 12.89 22.01 -6.88
CA LEU B 451 13.02 22.88 -8.05
C LEU B 451 11.81 22.59 -8.94
N ARG B 452 10.73 23.32 -8.70
CA ARG B 452 9.45 23.03 -9.33
C ARG B 452 9.32 23.78 -10.65
N PRO B 453 9.06 23.11 -11.76
CA PRO B 453 8.88 23.82 -13.03
C PRO B 453 7.70 24.77 -12.96
N ALA B 454 7.89 25.97 -13.52
CA ALA B 454 6.84 27.00 -13.48
C ALA B 454 5.57 26.53 -14.16
N ASN B 455 5.69 25.65 -15.16
CA ASN B 455 4.51 25.19 -15.90
C ASN B 455 3.59 24.32 -15.06
N ASN B 456 4.08 23.78 -13.94
CA ASN B 456 3.24 22.95 -13.09
C ASN B 456 2.09 23.73 -12.46
N ILE B 457 2.22 25.05 -12.36
CA ILE B 457 1.17 25.91 -11.81
C ILE B 457 0.63 26.88 -12.85
N ALA B 458 0.98 26.69 -14.13
CA ALA B 458 0.53 27.59 -15.18
C ALA B 458 -0.86 27.20 -15.66
N ALA B 459 -1.70 28.22 -15.87
CA ALA B 459 -3.06 27.97 -16.35
C ALA B 459 -3.07 27.26 -17.69
N GLY B 460 -2.06 27.52 -18.54
CA GLY B 460 -1.97 26.85 -19.82
C GLY B 460 -1.76 25.35 -19.71
N ASN B 461 -1.33 24.87 -18.55
CA ASN B 461 -1.16 23.44 -18.34
C ASN B 461 -2.51 22.82 -18.00
N THR B 462 -3.00 21.93 -18.86
CA THR B 462 -4.25 21.25 -18.60
C THR B 462 -4.13 20.18 -17.52
N TYR B 463 -2.91 19.84 -17.12
CA TYR B 463 -2.67 18.95 -15.99
C TYR B 463 -2.22 19.71 -14.74
N GLN B 464 -2.44 21.02 -14.70
CA GLN B 464 -2.08 21.81 -13.52
C GLN B 464 -2.83 21.31 -12.29
N TRP B 465 -4.06 20.83 -12.46
CA TRP B 465 -4.82 20.26 -11.35
C TRP B 465 -4.05 19.15 -10.64
N ARG B 466 -3.12 18.50 -11.34
CA ARG B 466 -2.33 17.40 -10.80
C ARG B 466 -0.88 17.78 -10.55
N ASP B 467 -0.27 18.56 -11.44
CA ASP B 467 1.16 18.84 -11.37
C ASP B 467 1.54 19.92 -10.37
N TRP B 468 0.57 20.62 -9.78
CA TRP B 468 0.89 21.81 -8.99
C TRP B 468 1.74 21.46 -7.76
N HIS B 469 1.53 20.30 -7.16
CA HIS B 469 2.30 19.91 -5.99
C HIS B 469 3.52 19.06 -6.33
N HIS B 470 3.67 18.64 -7.58
CA HIS B 470 4.85 17.88 -7.98
C HIS B 470 6.06 18.79 -8.09
N LEU B 471 7.21 18.28 -7.64
CA LEU B 471 8.46 19.03 -7.67
C LEU B 471 9.35 18.66 -8.86
N THR B 472 8.83 17.88 -9.80
CA THR B 472 9.55 17.52 -11.01
C THR B 472 8.75 17.96 -12.24
N SER B 473 9.33 17.71 -13.41
CA SER B 473 8.62 17.91 -14.68
C SER B 473 7.93 16.60 -15.04
N VAL B 474 6.62 16.66 -15.25
CA VAL B 474 5.80 15.48 -15.50
C VAL B 474 5.32 15.51 -16.94
N THR B 475 5.58 14.43 -17.66
CA THR B 475 5.01 14.21 -18.98
C THR B 475 4.00 13.07 -18.91
N ASN B 476 3.14 13.02 -19.92
CA ASN B 476 1.99 12.10 -19.93
C ASN B 476 2.22 11.01 -20.97
N GLU B 477 2.29 9.77 -20.51
CA GLU B 477 2.52 8.62 -21.39
C GLU B 477 1.27 7.77 -21.49
N PRO B 478 0.65 7.66 -22.67
CA PRO B 478 -0.56 6.84 -22.78
C PRO B 478 -0.24 5.36 -22.71
N VAL B 479 -1.15 4.61 -22.09
CA VAL B 479 -1.14 3.16 -22.08
C VAL B 479 -2.50 2.71 -22.61
N TYR B 480 -2.50 1.90 -23.67
CA TYR B 480 -3.71 1.55 -24.39
C TYR B 480 -4.13 0.11 -24.08
N ASP B 481 -5.38 -0.06 -23.66
CA ASP B 481 -6.02 -1.37 -23.66
C ASP B 481 -6.73 -1.54 -25.00
N VAL B 482 -6.29 -2.51 -25.79
CA VAL B 482 -6.74 -2.68 -27.17
C VAL B 482 -7.49 -3.99 -27.30
N SER B 483 -8.68 -3.93 -27.88
CA SER B 483 -9.47 -5.12 -28.19
C SER B 483 -9.24 -5.47 -29.66
N GLN B 484 -8.63 -6.63 -29.90
CA GLN B 484 -8.40 -7.13 -31.25
C GLN B 484 -9.42 -8.20 -31.58
N SER B 485 -9.96 -8.14 -32.80
CA SER B 485 -10.93 -9.11 -33.26
C SER B 485 -10.59 -9.51 -34.70
N TYR B 486 -10.98 -10.73 -35.06
CA TYR B 486 -10.87 -11.21 -36.42
C TYR B 486 -12.17 -11.90 -36.81
N ALA B 487 -12.47 -11.88 -38.11
CA ALA B 487 -13.67 -12.51 -38.63
C ALA B 487 -13.43 -12.92 -40.07
N ARG B 488 -13.88 -14.12 -40.41
CA ARG B 488 -13.75 -14.67 -41.75
C ARG B 488 -15.08 -15.28 -42.17
N VAL B 489 -15.48 -15.02 -43.42
CA VAL B 489 -16.76 -15.47 -43.95
C VAL B 489 -16.56 -15.87 -45.41
N SER B 490 -17.18 -16.99 -45.80
CA SER B 490 -17.22 -17.41 -47.20
C SER B 490 -18.49 -16.88 -47.85
N ILE B 491 -18.33 -16.19 -48.98
CA ILE B 491 -19.46 -15.59 -49.68
C ILE B 491 -19.90 -16.44 -50.87
N ASP B 492 -19.32 -17.63 -51.05
CA ASP B 492 -19.69 -18.51 -52.14
C ASP B 492 -19.69 -19.94 -51.59
N ASP B 493 -20.86 -20.56 -51.54
CA ASP B 493 -21.00 -21.86 -50.92
C ASP B 493 -20.71 -23.03 -51.86
N THR B 494 -20.30 -22.75 -53.09
CA THR B 494 -19.96 -23.81 -54.03
C THR B 494 -18.45 -24.00 -54.20
N VAL B 495 -17.64 -23.12 -53.61
CA VAL B 495 -16.18 -23.20 -53.69
C VAL B 495 -15.63 -23.29 -52.27
N ALA B 496 -14.63 -24.13 -52.08
CA ALA B 496 -14.03 -24.30 -50.77
C ALA B 496 -13.42 -23.00 -50.28
N PRO B 497 -13.58 -22.65 -49.01
CA PRO B 497 -13.02 -21.38 -48.52
C PRO B 497 -11.50 -21.32 -48.56
N VAL B 498 -10.83 -22.41 -48.19
CA VAL B 498 -9.37 -22.40 -48.04
C VAL B 498 -8.73 -22.05 -49.38
N GLY B 499 -7.93 -20.98 -49.39
CA GLY B 499 -7.20 -20.58 -50.57
C GLY B 499 -8.02 -19.88 -51.63
N SER B 500 -9.13 -19.25 -51.26
CA SER B 500 -10.01 -18.59 -52.22
C SER B 500 -10.26 -17.16 -51.80
N THR B 501 -10.39 -16.28 -52.80
CA THR B 501 -10.72 -14.88 -52.52
C THR B 501 -12.17 -14.71 -52.09
N THR B 502 -12.99 -15.75 -52.18
CA THR B 502 -14.33 -15.72 -51.59
C THR B 502 -14.29 -15.89 -50.08
N PHE B 503 -13.13 -16.23 -49.51
CA PHE B 503 -12.94 -16.39 -48.07
C PHE B 503 -12.45 -15.04 -47.53
N LYS B 504 -13.41 -14.16 -47.25
CA LYS B 504 -13.09 -12.79 -46.91
C LYS B 504 -12.50 -12.68 -45.51
N GLN B 505 -11.72 -11.63 -45.29
CA GLN B 505 -11.08 -11.35 -44.01
C GLN B 505 -11.57 -10.02 -43.45
N SER B 506 -11.68 -9.97 -42.13
CA SER B 506 -12.04 -8.73 -41.45
C SER B 506 -11.37 -8.72 -40.08
N ALA B 507 -10.96 -7.53 -39.64
CA ALA B 507 -10.28 -7.39 -38.37
C ALA B 507 -10.52 -5.98 -37.84
N SER B 508 -10.57 -5.87 -36.51
CA SER B 508 -10.79 -4.58 -35.87
C SER B 508 -9.94 -4.45 -34.62
N GLN B 509 -9.40 -3.25 -34.41
CA GLN B 509 -8.78 -2.85 -33.15
C GLN B 509 -9.57 -1.68 -32.59
N VAL B 510 -10.17 -1.86 -31.42
CA VAL B 510 -10.94 -0.80 -30.76
C VAL B 510 -10.30 -0.52 -29.42
N MET B 511 -10.06 0.77 -29.13
CA MET B 511 -9.56 1.17 -27.82
C MET B 511 -10.59 0.81 -26.75
N GLN B 512 -10.20 -0.09 -25.85
CA GLN B 512 -11.10 -0.46 -24.76
C GLN B 512 -10.97 0.51 -23.59
N ASN B 513 -9.75 0.95 -23.29
CA ASN B 513 -9.51 1.96 -22.26
C ASN B 513 -8.11 2.52 -22.46
N GLN B 514 -7.84 3.64 -21.80
CA GLN B 514 -6.54 4.29 -21.89
C GLN B 514 -6.17 4.86 -20.53
N TYR B 515 -4.94 4.58 -20.09
CA TYR B 515 -4.40 5.13 -18.86
C TYR B 515 -3.36 6.20 -19.18
N ILE B 516 -3.20 7.15 -18.26
CA ILE B 516 -2.15 8.16 -18.35
C ILE B 516 -1.15 7.88 -17.24
N VAL B 517 0.09 7.64 -17.62
CA VAL B 517 1.18 7.40 -16.67
C VAL B 517 1.91 8.73 -16.44
N PRO B 518 1.92 9.26 -15.23
CA PRO B 518 2.71 10.47 -14.94
C PRO B 518 4.18 10.13 -14.78
N VAL B 519 4.97 10.51 -15.78
CA VAL B 519 6.41 10.22 -15.81
C VAL B 519 7.15 11.44 -15.29
N GLU B 520 7.94 11.24 -14.24
CA GLU B 520 8.65 12.33 -13.58
C GLU B 520 10.06 12.47 -14.13
N THR B 521 10.43 13.68 -14.53
CA THR B 521 11.78 14.01 -14.96
C THR B 521 12.40 14.91 -13.89
N GLU B 522 13.40 14.41 -13.19
CA GLU B 522 14.01 15.15 -12.10
C GLU B 522 14.59 16.46 -12.58
N THR B 523 14.40 17.52 -11.79
CA THR B 523 14.93 18.84 -12.10
C THR B 523 16.22 19.15 -11.37
N LEU B 524 16.57 18.39 -10.34
CA LEU B 524 17.80 18.58 -9.59
C LEU B 524 18.70 17.37 -9.80
N ASP B 525 19.94 17.62 -10.22
CA ASP B 525 20.93 16.56 -10.35
C ASP B 525 21.76 16.41 -9.08
N THR B 526 22.38 17.50 -8.64
CA THR B 526 23.21 17.51 -7.44
C THR B 526 22.84 18.71 -6.58
N VAL B 527 23.13 18.60 -5.28
CA VAL B 527 22.91 19.69 -4.34
C VAL B 527 24.11 19.78 -3.40
N ARG B 528 24.52 21.02 -3.10
CA ARG B 528 25.62 21.29 -2.19
C ARG B 528 25.17 22.38 -1.22
N VAL B 529 25.59 22.25 0.03
CA VAL B 529 25.21 23.18 1.09
C VAL B 529 26.47 23.84 1.63
N LYS B 530 26.58 25.15 1.46
CA LYS B 530 27.76 25.91 1.86
C LYS B 530 27.32 27.10 2.69
N ALA B 531 27.84 27.21 3.91
CA ALA B 531 27.44 28.26 4.84
C ALA B 531 28.67 28.83 5.52
N HIS B 532 28.81 30.16 5.46
CA HIS B 532 29.94 30.86 6.06
C HIS B 532 31.26 30.32 5.53
N GLY B 533 31.30 30.05 4.22
CA GLY B 533 32.48 29.47 3.60
C GLY B 533 32.83 28.10 4.13
N ILE B 534 31.84 27.32 4.57
CA ILE B 534 32.06 26.03 5.18
C ILE B 534 31.13 25.02 4.52
N GLU B 535 31.66 23.85 4.20
CA GLU B 535 30.90 22.80 3.52
C GLU B 535 30.17 21.98 4.58
N LEU B 536 28.85 22.11 4.63
CA LEU B 536 28.02 21.24 5.45
C LEU B 536 27.54 20.03 4.67
N TYR B 537 27.38 20.18 3.35
CA TYR B 537 27.11 19.07 2.45
C TYR B 537 27.91 19.30 1.18
N ALA B 538 28.77 18.34 0.84
CA ALA B 538 29.47 18.39 -0.43
C ALA B 538 28.47 18.22 -1.58
N GLN B 539 28.96 18.33 -2.80
CA GLN B 539 28.12 18.17 -3.98
C GLN B 539 27.75 16.71 -4.13
N TYR B 540 26.52 16.36 -3.73
CA TYR B 540 26.04 14.99 -3.77
C TYR B 540 24.84 14.89 -4.70
N ARG B 541 24.65 13.70 -5.27
CA ARG B 541 23.52 13.46 -6.16
C ARG B 541 22.20 13.67 -5.41
N ALA B 542 21.16 14.02 -6.17
CA ALA B 542 19.88 14.39 -5.55
C ALA B 542 19.25 13.22 -4.83
N GLN B 543 19.55 11.99 -5.24
CA GLN B 543 18.98 10.82 -4.57
C GLN B 543 19.51 10.65 -3.15
N PHE B 544 20.69 11.23 -2.85
CA PHE B 544 21.19 11.19 -1.48
C PHE B 544 20.25 11.93 -0.53
N TYR B 545 19.73 13.09 -0.95
CA TYR B 545 18.82 13.85 -0.12
C TYR B 545 17.39 13.38 -0.21
N ARG B 546 17.00 12.75 -1.32
CA ARG B 546 15.62 12.29 -1.47
C ARG B 546 15.41 10.91 -0.86
N ASP B 547 16.35 9.98 -1.07
CA ASP B 547 16.17 8.60 -0.67
C ASP B 547 16.95 8.21 0.58
N TYR B 548 18.24 8.57 0.66
CA TYR B 548 19.04 8.08 1.77
C TYR B 548 18.71 8.78 3.08
N ILE B 549 18.72 10.12 3.07
CA ILE B 549 18.51 10.86 4.32
C ILE B 549 17.13 10.58 4.93
N PRO B 550 16.02 10.64 4.18
CA PRO B 550 14.73 10.29 4.81
C PRO B 550 14.65 8.84 5.25
N TRP B 551 15.39 7.93 4.60
CA TRP B 551 15.37 6.53 5.03
C TRP B 551 16.08 6.36 6.37
N ASN B 552 17.23 7.02 6.55
CA ASN B 552 18.07 6.76 7.71
C ASN B 552 17.53 7.46 8.96
N TYR B 553 17.14 8.71 8.83
CA TYR B 553 16.80 9.55 9.98
C TYR B 553 15.30 9.58 10.23
N GLY B 554 14.94 10.03 11.43
CA GLY B 554 13.58 10.42 11.74
C GLY B 554 12.64 9.32 12.16
N SER B 555 12.92 8.07 11.81
CA SER B 555 12.07 6.93 12.18
C SER B 555 10.67 7.17 11.59
N PHE B 556 9.60 6.86 12.32
CA PHE B 556 8.24 7.02 11.81
C PHE B 556 7.84 8.48 11.62
N ASN B 557 8.66 9.43 12.08
CA ASN B 557 8.33 10.84 11.92
C ASN B 557 8.74 11.40 10.56
N LEU B 558 9.60 10.70 9.84
CA LEU B 558 10.07 11.14 8.53
C LEU B 558 9.74 10.05 7.50
N VAL B 559 8.82 10.35 6.61
CA VAL B 559 8.41 9.42 5.57
C VAL B 559 9.32 9.61 4.36
N THR B 560 9.70 8.50 3.74
CA THR B 560 10.37 8.58 2.46
C THR B 560 9.43 9.17 1.43
N PRO B 561 9.85 10.20 0.70
CA PRO B 561 8.93 10.87 -0.23
C PRO B 561 8.77 10.12 -1.54
N GLN B 562 7.51 10.03 -1.99
CA GLN B 562 7.23 9.45 -3.30
C GLN B 562 7.64 10.41 -4.41
N ASP B 563 7.44 11.72 -4.20
CA ASP B 563 7.82 12.73 -5.17
C ASP B 563 9.32 12.67 -5.43
N LYS B 564 9.70 12.48 -6.70
CA LYS B 564 11.10 12.32 -7.06
C LYS B 564 11.90 13.62 -6.92
N GLY B 565 11.24 14.76 -6.78
CA GLY B 565 11.91 16.03 -6.63
C GLY B 565 11.93 16.58 -5.23
N ALA B 566 11.55 15.80 -4.22
CA ALA B 566 11.51 16.25 -2.84
C ALA B 566 12.81 15.89 -2.15
N LEU B 567 13.55 16.90 -1.72
CA LEU B 567 14.85 16.70 -1.06
C LEU B 567 14.79 17.23 0.36
N PHE B 568 15.54 16.56 1.25
CA PHE B 568 15.51 16.82 2.68
C PHE B 568 16.95 17.03 3.15
N LEU B 569 17.30 18.28 3.45
CA LEU B 569 18.65 18.61 3.92
C LEU B 569 18.63 18.62 5.44
N ASN B 570 19.22 17.60 6.06
CA ASN B 570 19.12 17.40 7.50
C ASN B 570 20.36 17.92 8.22
N PHE B 571 20.15 18.53 9.38
CA PHE B 571 21.23 19.03 10.21
C PHE B 571 21.07 18.62 11.68
N CYS B 572 20.09 17.79 12.00
CA CYS B 572 19.90 17.28 13.35
C CYS B 572 19.83 15.76 13.31
N LEU B 573 19.99 15.14 14.48
CA LEU B 573 19.99 13.69 14.55
C LEU B 573 18.59 13.11 14.53
N TYR B 574 17.60 13.83 15.05
CA TYR B 574 16.24 13.31 15.19
C TYR B 574 15.22 14.35 14.73
N PRO B 575 15.11 14.56 13.43
CA PRO B 575 14.06 15.44 12.91
C PRO B 575 12.68 14.89 13.24
N GLY B 576 11.88 15.71 13.90
CA GLY B 576 10.55 15.31 14.35
C GLY B 576 10.38 15.23 15.85
N THR B 577 11.45 15.33 16.63
CA THR B 577 11.37 15.28 18.09
C THR B 577 11.52 16.69 18.66
N TYR B 578 10.92 16.91 19.84
CA TYR B 578 10.98 18.23 20.46
C TYR B 578 12.36 18.51 21.04
N GLN B 579 12.98 17.51 21.66
CA GLN B 579 14.31 17.66 22.20
C GLN B 579 15.28 18.05 21.09
N PRO B 580 16.00 19.16 21.22
CA PRO B 580 16.96 19.55 20.17
C PRO B 580 18.03 18.49 19.99
N SER B 581 18.52 18.37 18.75
CA SER B 581 19.52 17.36 18.45
C SER B 581 20.53 17.81 17.40
N GLY B 582 20.71 19.10 17.21
CA GLY B 582 21.64 19.62 16.20
C GLY B 582 20.96 20.69 15.36
N HIS B 583 21.77 21.62 14.88
CA HIS B 583 21.26 22.73 14.07
C HIS B 583 22.43 23.42 13.38
N VAL B 584 22.08 24.26 12.40
CA VAL B 584 23.03 25.16 11.77
C VAL B 584 22.96 26.50 12.51
N ASN B 585 24.11 26.95 13.01
CA ASN B 585 24.14 28.11 13.88
C ASN B 585 24.02 29.41 13.10
N ILE B 586 23.66 30.48 13.80
CA ILE B 586 23.15 31.68 13.16
C ILE B 586 24.23 32.38 12.35
N SER B 587 25.48 32.32 12.82
CA SER B 587 26.57 32.95 12.08
C SER B 587 26.65 32.40 10.66
N ARG B 588 26.57 31.08 10.52
CA ARG B 588 26.60 30.47 9.19
C ARG B 588 25.26 30.63 8.47
N ALA B 589 24.16 30.65 9.22
CA ALA B 589 22.85 30.78 8.61
C ALA B 589 22.68 32.13 7.92
N ARG B 590 23.40 33.16 8.35
CA ARG B 590 23.29 34.49 7.75
C ARG B 590 24.00 34.60 6.41
N GLU B 591 24.90 33.66 6.09
CA GLU B 591 25.54 33.59 4.76
C GLU B 591 25.45 32.14 4.29
N PHE B 592 24.24 31.76 3.86
CA PHE B 592 23.88 30.36 3.61
C PHE B 592 23.58 30.17 2.13
N TYR B 593 24.17 29.14 1.52
CA TYR B 593 24.01 28.90 0.09
C TYR B 593 23.60 27.46 -0.17
N ILE B 594 22.60 27.29 -1.04
CA ILE B 594 22.22 26.00 -1.57
C ILE B 594 22.56 26.02 -3.06
N GLU B 595 23.45 25.12 -3.47
CA GLU B 595 23.94 25.06 -4.84
C GLU B 595 23.37 23.83 -5.53
N TYR B 596 22.89 24.01 -6.76
CA TYR B 596 22.27 22.94 -7.52
C TYR B 596 22.86 22.88 -8.91
N THR B 597 22.73 21.72 -9.53
CA THR B 597 22.93 21.53 -10.96
C THR B 597 21.71 20.83 -11.52
N SER B 598 21.31 21.22 -12.73
CA SER B 598 20.06 20.76 -13.31
C SER B 598 20.28 20.31 -14.75
N SER B 599 19.62 19.22 -15.13
CA SER B 599 19.56 18.78 -16.51
C SER B 599 18.30 19.28 -17.21
N PHE B 600 17.40 19.93 -16.49
CA PHE B 600 16.11 20.38 -17.03
C PHE B 600 15.99 21.88 -17.12
N CYS B 601 16.39 22.61 -16.07
CA CYS B 601 16.09 24.04 -15.97
C CYS B 601 16.92 24.83 -16.97
N ASP B 602 16.24 25.58 -17.84
CA ASP B 602 16.88 26.56 -18.70
C ASP B 602 15.83 27.61 -19.07
N SER B 603 16.17 28.50 -20.01
CA SER B 603 15.28 29.59 -20.36
C SER B 603 13.98 29.10 -20.99
N SER B 604 13.99 27.92 -21.60
CA SER B 604 12.76 27.34 -22.12
C SER B 604 11.96 26.61 -21.04
N ASN B 605 12.54 26.40 -19.87
CA ASN B 605 11.88 25.68 -18.77
C ASN B 605 12.25 26.34 -17.44
N PRO B 606 11.67 27.51 -17.16
CA PRO B 606 11.94 28.16 -15.88
C PRO B 606 11.38 27.36 -14.71
N CYS B 607 12.13 27.34 -13.62
CA CYS B 607 11.74 26.61 -12.42
C CYS B 607 11.92 27.49 -11.20
N ASP B 608 11.24 27.13 -10.13
CA ASP B 608 11.30 27.83 -8.85
C ASP B 608 12.03 26.97 -7.83
N LEU B 609 13.17 27.46 -7.34
CA LEU B 609 13.90 26.74 -6.30
C LEU B 609 13.24 27.05 -4.97
N ILE B 610 12.48 26.09 -4.45
CA ILE B 610 11.70 26.25 -3.23
C ILE B 610 12.52 25.71 -2.06
N SER B 611 12.76 26.56 -1.07
CA SER B 611 13.54 26.19 0.12
C SER B 611 12.76 26.62 1.35
N ILE B 612 12.31 25.65 2.14
CA ILE B 612 11.50 25.90 3.33
C ILE B 612 12.21 25.25 4.50
N ALA B 613 12.79 26.08 5.36
CA ALA B 613 13.54 25.60 6.51
C ALA B 613 12.68 25.63 7.76
N LYS B 614 12.94 24.69 8.67
CA LYS B 614 12.33 24.64 9.99
C LYS B 614 13.35 25.16 10.99
N CYS B 615 13.11 26.35 11.53
CA CYS B 615 14.05 27.01 12.43
C CYS B 615 13.59 26.87 13.87
N ILE B 616 14.52 27.15 14.78
CA ILE B 616 14.27 27.12 16.22
C ILE B 616 14.19 28.55 16.73
N ASN B 617 13.13 28.86 17.47
CA ASN B 617 13.03 30.11 18.19
C ASN B 617 12.49 29.82 19.57
N PHE B 618 12.10 30.87 20.29
CA PHE B 618 11.71 30.76 21.69
C PHE B 618 10.50 31.64 21.94
N LEU B 619 9.84 31.40 23.06
CA LEU B 619 8.62 32.12 23.42
C LEU B 619 8.60 32.31 24.94
N LEU B 620 8.57 33.56 25.38
CA LEU B 620 8.53 33.85 26.80
C LEU B 620 7.12 33.65 27.35
N ILE B 621 7.05 33.55 28.68
CA ILE B 621 5.80 33.25 29.38
C ILE B 621 5.33 34.51 30.10
N SER B 622 4.15 34.45 30.71
CA SER B 622 3.65 35.57 31.49
C SER B 622 3.19 35.12 32.87
N PHE C 6 34.94 21.06 8.28
CA PHE C 6 34.01 21.20 9.38
C PHE C 6 34.72 21.61 10.67
N LYS C 7 34.24 22.70 11.27
CA LYS C 7 34.59 23.06 12.63
C LYS C 7 33.30 23.11 13.46
N LEU C 8 33.37 22.59 14.67
CA LEU C 8 32.25 22.66 15.58
C LEU C 8 32.22 24.05 16.22
N ILE C 9 31.02 24.62 16.30
CA ILE C 9 30.83 25.92 16.95
C ILE C 9 29.81 25.70 18.07
N ALA C 10 30.32 25.71 19.31
CA ALA C 10 29.53 25.36 20.48
C ALA C 10 28.88 26.56 21.15
N ASN C 11 29.38 27.77 20.87
CA ASN C 11 28.91 28.98 21.54
C ASN C 11 28.89 30.12 20.52
N ASP C 12 27.72 30.34 19.92
CA ASP C 12 27.49 31.46 19.01
C ASP C 12 26.19 32.13 19.41
N GLY C 13 26.27 33.03 20.37
CA GLY C 13 25.15 33.91 20.66
C GLY C 13 24.09 33.30 21.56
N LYS C 14 22.94 33.97 21.58
CA LYS C 14 21.85 33.60 22.48
C LYS C 14 21.28 32.23 22.12
N ALA C 15 21.16 31.93 20.84
CA ALA C 15 20.53 30.68 20.42
C ALA C 15 21.35 29.47 20.87
N ASP C 16 22.67 29.50 20.65
CA ASP C 16 23.49 28.37 21.05
C ASP C 16 23.63 28.26 22.56
N ARG C 17 23.63 29.40 23.26
CA ARG C 17 23.68 29.36 24.73
C ARG C 17 22.48 28.62 25.31
N MET C 18 21.31 28.72 24.67
CA MET C 18 20.11 28.09 25.21
C MET C 18 19.97 26.64 24.80
N ILE C 19 20.58 26.24 23.68
CA ILE C 19 20.36 24.91 23.14
C ILE C 19 21.49 23.98 23.57
N MET C 20 22.70 24.52 23.70
CA MET C 20 23.86 23.71 24.07
C MET C 20 24.49 24.11 25.39
N ALA C 21 24.46 25.39 25.77
CA ALA C 21 24.94 25.87 27.06
C ALA C 21 26.38 25.40 27.31
N ASN C 22 27.23 25.62 26.31
CA ASN C 22 28.59 25.06 26.37
C ASN C 22 29.45 25.82 27.38
N ASP C 23 29.24 27.14 27.51
CA ASP C 23 29.94 27.89 28.53
C ASP C 23 29.68 27.33 29.92
N LEU C 24 28.42 27.00 30.22
CA LEU C 24 28.09 26.41 31.51
C LEU C 24 28.69 25.01 31.64
N LEU C 25 28.55 24.19 30.60
CA LEU C 25 29.10 22.84 30.63
C LEU C 25 30.60 22.85 30.90
N ASN C 26 31.33 23.75 30.22
CA ASN C 26 32.75 23.88 30.48
C ASN C 26 33.03 24.40 31.89
N ASP C 27 32.16 25.27 32.41
CA ASP C 27 32.33 25.75 33.77
C ASP C 27 32.04 24.65 34.78
N ARG C 28 31.06 23.78 34.49
CA ARG C 28 30.80 22.65 35.36
C ARG C 28 31.98 21.69 35.39
N ILE C 29 32.66 21.51 34.26
CA ILE C 29 33.82 20.64 34.21
C ILE C 29 34.97 21.23 35.02
N LYS C 30 35.24 22.53 34.83
CA LYS C 30 36.28 23.19 35.61
C LYS C 30 36.00 23.08 37.11
N SER C 31 34.74 23.26 37.50
CA SER C 31 34.38 23.16 38.91
C SER C 31 34.53 21.74 39.43
N ILE C 32 34.07 20.75 38.67
CA ILE C 32 34.07 19.37 39.14
C ILE C 32 35.50 18.84 39.25
N MET C 33 36.34 19.16 38.27
CA MET C 33 37.74 18.72 38.34
C MET C 33 38.49 19.39 39.49
N CYS C 34 38.11 20.63 39.83
CA CYS C 34 38.79 21.33 40.91
C CYS C 34 38.38 20.78 42.28
N LEU C 35 37.11 20.42 42.43
CA LEU C 35 36.65 19.84 43.70
C LEU C 35 37.24 18.45 43.91
N ARG C 36 37.16 17.59 42.89
CA ARG C 36 37.71 16.25 43.00
C ARG C 36 39.21 16.29 43.31
N ALA C 37 39.92 17.26 42.73
CA ALA C 37 41.36 17.35 42.96
C ALA C 37 41.67 17.71 44.41
N LYS C 38 40.94 18.66 44.99
CA LYS C 38 41.20 19.06 46.36
C LYS C 38 40.68 18.03 47.36
N GLN C 39 39.65 17.26 47.00
CA GLN C 39 39.13 16.25 47.91
C GLN C 39 39.98 14.99 47.95
N GLY C 40 41.06 14.93 47.18
CA GLY C 40 41.99 13.83 47.27
C GLY C 40 41.82 12.72 46.26
N PHE C 41 40.93 12.88 45.28
CA PHE C 41 40.82 11.89 44.22
C PHE C 41 42.06 11.92 43.34
N SER C 42 42.44 10.75 42.83
CA SER C 42 43.58 10.67 41.93
C SER C 42 43.18 11.03 40.50
N ASP C 43 41.98 10.65 40.09
CA ASP C 43 41.46 10.97 38.76
C ASP C 43 40.46 12.10 38.89
N PRO C 44 40.82 13.34 38.51
CA PRO C 44 39.87 14.45 38.65
C PRO C 44 38.84 14.54 37.52
N THR C 45 38.96 13.72 36.48
CA THR C 45 38.03 13.82 35.37
C THR C 45 36.62 13.42 35.81
N PRO C 46 35.61 14.17 35.41
CA PRO C 46 34.25 13.93 35.93
C PRO C 46 33.68 12.60 35.46
N THR C 47 32.62 12.18 36.15
CA THR C 47 31.88 10.99 35.77
C THR C 47 30.80 11.36 34.76
N LEU C 48 30.39 10.38 33.95
CA LEU C 48 29.38 10.65 32.93
C LEU C 48 28.05 11.07 33.57
N VAL C 49 27.79 10.63 34.81
CA VAL C 49 26.59 11.06 35.50
C VAL C 49 26.68 12.55 35.86
N ASP C 50 27.88 13.02 36.22
CA ASP C 50 28.06 14.44 36.52
C ASP C 50 27.64 15.31 35.35
N ILE C 51 28.01 14.92 34.13
CA ILE C 51 27.61 15.69 32.95
C ILE C 51 26.11 15.53 32.70
N GLU C 52 25.58 14.32 32.90
CA GLU C 52 24.18 14.05 32.63
C GLU C 52 23.23 14.78 33.58
N ARG C 53 23.73 15.34 34.67
CA ARG C 53 22.86 16.07 35.58
C ARG C 53 22.39 17.39 34.99
N THR C 54 23.03 17.88 33.93
CA THR C 54 22.57 19.09 33.25
C THR C 54 22.41 18.85 31.74
N HIS C 55 23.41 18.22 31.12
CA HIS C 55 23.45 18.06 29.68
C HIS C 55 23.21 16.61 29.28
N ILE C 56 22.54 16.43 28.15
CA ILE C 56 22.32 15.11 27.56
C ILE C 56 23.46 14.82 26.59
N LEU C 57 23.94 13.58 26.61
CA LEU C 57 25.01 13.14 25.72
C LEU C 57 24.38 12.37 24.55
N LEU C 58 24.46 12.94 23.35
CA LEU C 58 23.79 12.33 22.21
C LEU C 58 24.52 11.08 21.71
N ILE C 59 25.83 10.98 21.97
CA ILE C 59 26.57 9.73 21.78
C ILE C 59 26.74 9.09 23.13
N ASN C 60 26.19 7.89 23.30
CA ASN C 60 26.14 7.27 24.63
C ASN C 60 25.83 5.80 24.45
N SER C 61 26.74 4.94 24.87
CA SER C 61 26.58 3.48 24.79
C SER C 61 26.08 2.86 26.09
N HIS C 62 25.58 3.67 27.02
CA HIS C 62 25.20 3.15 28.33
C HIS C 62 23.90 2.36 28.26
N TYR C 63 23.78 1.39 29.16
CA TYR C 63 22.58 0.57 29.29
C TYR C 63 22.55 0.02 30.70
N LYS C 64 21.40 -0.55 31.07
CA LYS C 64 21.28 -1.11 32.40
C LYS C 64 21.09 -2.63 32.33
N PRO C 65 21.73 -3.38 33.22
CA PRO C 65 21.46 -4.83 33.27
C PRO C 65 20.04 -5.07 33.74
N PHE C 66 19.39 -6.07 33.15
CA PHE C 66 18.03 -6.41 33.54
C PHE C 66 18.06 -7.60 34.49
N ALA C 67 17.17 -7.56 35.49
CA ALA C 67 16.96 -8.71 36.36
C ALA C 67 16.70 -9.94 35.51
N ALA C 68 17.47 -11.00 35.76
CA ALA C 68 17.52 -12.16 34.88
C ALA C 68 16.12 -12.64 34.53
N MET C 69 15.92 -12.93 33.24
CA MET C 69 14.59 -13.17 32.71
C MET C 69 14.69 -14.07 31.49
N GLY C 70 13.69 -14.95 31.35
CA GLY C 70 13.55 -15.78 30.17
C GLY C 70 12.10 -16.20 30.03
N TYR C 71 11.71 -16.54 28.80
CA TYR C 71 10.33 -16.91 28.54
C TYR C 71 10.26 -18.08 27.57
N GLU C 72 9.08 -18.70 27.53
CA GLU C 72 8.85 -19.90 26.72
C GLU C 72 7.35 -20.12 26.58
N TYR C 73 6.91 -20.36 25.35
CA TYR C 73 5.49 -20.58 25.08
C TYR C 73 5.08 -22.00 25.43
N GLN C 74 3.76 -22.22 25.52
CA GLN C 74 3.21 -23.51 25.90
C GLN C 74 1.84 -23.69 25.27
N LYS C 75 1.62 -24.87 24.69
CA LYS C 75 0.31 -25.23 24.16
C LYS C 75 -0.57 -25.81 25.26
N THR C 76 -1.86 -25.55 25.16
CA THR C 76 -2.83 -26.08 26.12
C THR C 76 -4.13 -26.38 25.40
N ARG C 77 -4.68 -27.56 25.64
CA ARG C 77 -5.93 -28.02 25.04
C ARG C 77 -7.09 -27.69 25.95
N PRO C 78 -8.32 -27.66 25.41
CA PRO C 78 -9.47 -27.25 26.22
C PRO C 78 -9.93 -28.33 27.18
N ASN C 79 -10.55 -27.87 28.28
CA ASN C 79 -11.18 -28.78 29.23
C ASN C 79 -12.50 -29.34 28.71
N THR C 80 -13.03 -28.79 27.62
CA THR C 80 -14.39 -29.07 27.16
C THR C 80 -14.44 -30.08 26.01
N GLY C 81 -13.44 -30.97 25.92
CA GLY C 81 -13.52 -32.05 24.96
C GLY C 81 -13.36 -31.61 23.51
N ASN C 82 -13.96 -32.39 22.61
CA ASN C 82 -13.82 -32.18 21.18
C ASN C 82 -14.39 -30.81 20.78
N PRO C 83 -13.59 -29.95 20.14
CA PRO C 83 -14.09 -28.61 19.80
C PRO C 83 -15.03 -28.64 18.60
N THR C 84 -16.05 -27.78 18.65
CA THR C 84 -17.05 -27.70 17.59
C THR C 84 -17.42 -26.25 17.34
N TYR C 85 -18.04 -26.01 16.18
CA TYR C 85 -18.73 -24.75 15.96
C TYR C 85 -19.86 -24.58 16.98
N ASN C 86 -20.22 -23.33 17.23
CA ASN C 86 -21.37 -22.98 18.07
C ASN C 86 -21.29 -23.69 19.42
N SER C 87 -20.21 -23.42 20.14
CA SER C 87 -19.98 -24.05 21.43
C SER C 87 -19.13 -23.13 22.30
N THR C 88 -19.06 -23.46 23.58
CA THR C 88 -18.24 -22.75 24.54
C THR C 88 -17.00 -23.58 24.83
N ILE C 89 -15.82 -22.99 24.63
CA ILE C 89 -14.55 -23.68 24.79
C ILE C 89 -13.77 -23.00 25.91
N GLN C 90 -13.34 -23.79 26.89
CA GLN C 90 -12.69 -23.27 28.08
C GLN C 90 -11.30 -23.88 28.22
N PHE C 91 -10.30 -23.03 28.43
CA PHE C 91 -8.93 -23.46 28.67
C PHE C 91 -8.56 -23.17 30.11
N SER C 92 -7.75 -24.04 30.70
CA SER C 92 -7.09 -23.71 31.96
C SER C 92 -5.83 -22.91 31.67
N ILE C 93 -5.50 -22.00 32.58
CA ILE C 93 -4.23 -21.29 32.50
C ILE C 93 -3.23 -22.05 33.36
N PRO C 94 -2.32 -22.82 32.75
CA PRO C 94 -1.49 -23.74 33.54
C PRO C 94 -0.54 -23.01 34.47
N GLN C 95 -0.14 -23.72 35.52
CA GLN C 95 0.91 -23.26 36.42
C GLN C 95 2.25 -23.64 35.82
N PHE C 96 2.97 -22.65 35.29
CA PHE C 96 4.22 -22.91 34.60
C PHE C 96 5.23 -21.80 34.91
N GLY C 97 5.02 -20.62 34.33
CA GLY C 97 5.92 -19.51 34.58
C GLY C 97 5.51 -18.70 35.80
N ASP C 98 6.42 -17.83 36.23
CA ASP C 98 6.10 -16.91 37.32
C ASP C 98 5.07 -15.87 36.86
N PHE C 99 5.14 -15.46 35.60
CA PHE C 99 4.14 -14.60 34.98
C PHE C 99 3.73 -15.21 33.66
N PHE C 100 2.54 -14.84 33.18
CA PHE C 100 2.12 -15.19 31.83
C PHE C 100 1.66 -13.92 31.12
N SER C 101 1.93 -13.86 29.82
CA SER C 101 1.80 -12.59 29.09
C SER C 101 0.93 -12.81 27.86
N ASP C 102 1.46 -12.60 26.66
CA ASP C 102 0.64 -12.65 25.45
C ASP C 102 0.11 -14.05 25.17
N MET C 103 -1.10 -14.10 24.60
CA MET C 103 -1.77 -15.36 24.31
C MET C 103 -2.27 -15.35 22.87
N VAL C 104 -2.33 -16.53 22.28
CA VAL C 104 -2.80 -16.70 20.91
C VAL C 104 -3.36 -18.10 20.78
N VAL C 105 -4.47 -18.22 20.05
CA VAL C 105 -5.20 -19.48 19.91
C VAL C 105 -5.06 -19.96 18.48
N HIS C 106 -4.57 -21.19 18.33
CA HIS C 106 -4.48 -21.83 17.03
C HIS C 106 -5.78 -22.57 16.74
N VAL C 107 -6.46 -22.19 15.66
CA VAL C 107 -7.69 -22.83 15.22
C VAL C 107 -7.44 -23.47 13.86
N GLN C 108 -7.94 -24.70 13.70
CA GLN C 108 -7.78 -25.47 12.46
C GLN C 108 -9.15 -25.88 11.97
N LEU C 109 -9.57 -25.33 10.83
CA LEU C 109 -10.85 -25.67 10.21
C LEU C 109 -10.62 -26.59 9.02
N ALA C 110 -11.45 -27.63 8.93
CA ALA C 110 -11.23 -28.68 7.95
C ALA C 110 -11.43 -28.16 6.53
N ALA C 111 -10.81 -28.86 5.57
CA ALA C 111 -11.10 -28.62 4.17
C ALA C 111 -12.53 -29.02 3.87
N THR C 112 -13.21 -28.24 3.03
CA THR C 112 -14.64 -28.41 2.84
C THR C 112 -15.03 -28.05 1.43
N SER C 113 -16.13 -28.64 0.97
CA SER C 113 -16.70 -28.36 -0.33
C SER C 113 -18.21 -28.28 -0.20
N ALA C 114 -18.86 -27.78 -1.24
CA ALA C 114 -20.31 -27.72 -1.25
C ALA C 114 -20.89 -29.05 -1.73
N SER C 115 -22.14 -29.30 -1.35
CA SER C 115 -22.82 -30.51 -1.77
C SER C 115 -23.16 -30.44 -3.25
N ALA C 116 -23.46 -31.62 -3.82
CA ALA C 116 -23.85 -31.69 -5.21
C ALA C 116 -25.25 -31.10 -5.41
N GLY C 117 -25.41 -30.35 -6.50
CA GLY C 117 -26.65 -29.70 -6.82
C GLY C 117 -26.99 -29.90 -8.30
N THR C 118 -27.81 -28.98 -8.82
CA THR C 118 -28.23 -29.04 -10.21
C THR C 118 -28.21 -27.64 -10.83
N VAL C 119 -28.13 -27.61 -12.14
CA VAL C 119 -28.31 -26.37 -12.89
C VAL C 119 -29.76 -25.92 -12.75
N PRO C 120 -30.01 -24.68 -12.32
CA PRO C 120 -31.40 -24.25 -12.11
C PRO C 120 -32.14 -24.08 -13.43
N ALA C 121 -33.44 -23.84 -13.32
CA ALA C 121 -34.25 -23.60 -14.50
C ALA C 121 -33.82 -22.31 -15.19
N LEU C 122 -34.20 -22.18 -16.45
CA LEU C 122 -33.82 -21.04 -17.25
C LEU C 122 -34.72 -19.84 -16.95
N PRO C 123 -34.25 -18.63 -17.23
CA PRO C 123 -35.08 -17.44 -17.00
C PRO C 123 -36.30 -17.43 -17.91
N ALA C 124 -37.25 -16.56 -17.58
CA ALA C 124 -38.48 -16.47 -18.34
C ALA C 124 -38.22 -15.82 -19.70
N PHE C 125 -39.25 -15.89 -20.56
CA PHE C 125 -39.18 -15.25 -21.86
C PHE C 125 -39.06 -13.73 -21.72
N ILE C 126 -38.38 -13.11 -22.68
CA ILE C 126 -38.23 -11.66 -22.72
C ILE C 126 -39.10 -11.05 -23.83
N GLY C 127 -38.85 -11.44 -25.08
CA GLY C 127 -39.68 -10.97 -26.17
C GLY C 127 -41.01 -11.69 -26.22
N ALA C 128 -41.97 -11.03 -26.85
CA ALA C 128 -43.32 -11.56 -26.98
C ALA C 128 -43.50 -12.48 -28.18
N ASP C 129 -42.50 -12.57 -29.05
CA ASP C 129 -42.61 -13.30 -30.30
C ASP C 129 -41.59 -14.43 -30.37
N ASP C 130 -41.96 -15.49 -31.09
CA ASP C 130 -41.05 -16.59 -31.42
C ASP C 130 -40.42 -17.20 -30.17
N GLN C 131 -41.26 -17.51 -29.19
CA GLN C 131 -40.78 -18.04 -27.93
C GLN C 131 -40.50 -19.53 -28.04
N VAL C 132 -39.28 -19.93 -27.67
CA VAL C 132 -38.87 -21.34 -27.68
C VAL C 132 -38.06 -21.60 -26.42
N LEU C 133 -38.41 -22.66 -25.69
CA LEU C 133 -37.70 -23.06 -24.49
C LEU C 133 -37.29 -24.52 -24.62
N THR C 134 -36.00 -24.79 -24.57
CA THR C 134 -35.45 -26.15 -24.56
C THR C 134 -34.80 -26.41 -23.21
N SER C 135 -34.09 -27.53 -23.11
CA SER C 135 -33.32 -27.83 -21.91
C SER C 135 -32.01 -27.07 -21.85
N THR C 136 -31.61 -26.42 -22.93
CA THR C 136 -30.32 -25.75 -23.00
C THR C 136 -30.38 -24.26 -23.30
N SER C 137 -31.54 -23.72 -23.65
CA SER C 137 -31.64 -22.29 -23.94
C SER C 137 -33.09 -21.85 -23.83
N VAL C 138 -33.28 -20.55 -23.72
CA VAL C 138 -34.59 -19.91 -23.74
C VAL C 138 -34.53 -18.75 -24.73
N VAL C 139 -35.37 -18.81 -25.76
CA VAL C 139 -35.29 -17.87 -26.88
C VAL C 139 -36.62 -17.14 -27.02
N SER C 140 -36.54 -15.82 -27.18
CA SER C 140 -37.70 -15.00 -27.47
C SER C 140 -37.26 -13.86 -28.39
N ALA C 141 -38.23 -13.12 -28.91
CA ALA C 141 -37.92 -12.08 -29.88
C ALA C 141 -38.97 -10.98 -29.85
N THR C 142 -38.55 -9.79 -30.26
CA THR C 142 -39.44 -8.64 -30.43
C THR C 142 -39.35 -8.18 -31.87
N GLU C 143 -40.50 -8.08 -32.54
CA GLU C 143 -40.55 -7.63 -33.92
C GLU C 143 -40.64 -6.12 -33.99
N ASN C 144 -40.29 -5.58 -35.15
CA ASN C 144 -40.44 -4.16 -35.44
C ASN C 144 -40.43 -3.95 -36.94
N THR C 145 -41.58 -4.16 -37.58
CA THR C 145 -41.67 -3.99 -39.04
C THR C 145 -41.61 -2.53 -39.47
N THR C 146 -41.79 -1.58 -38.54
CA THR C 146 -41.67 -0.17 -38.90
C THR C 146 -40.21 0.22 -39.11
N SER C 147 -39.31 -0.24 -38.24
CA SER C 147 -37.89 0.02 -38.39
C SER C 147 -37.15 -1.08 -39.13
N GLY C 148 -37.72 -2.28 -39.21
CA GLY C 148 -37.03 -3.39 -39.83
C GLY C 148 -35.97 -4.03 -38.99
N VAL C 149 -35.99 -3.82 -37.68
CA VAL C 149 -35.03 -4.40 -36.75
C VAL C 149 -35.70 -5.56 -36.01
N TYR C 150 -35.07 -6.73 -36.07
CA TYR C 150 -35.56 -7.93 -35.41
C TYR C 150 -34.63 -8.25 -34.25
N THR C 151 -35.16 -8.18 -33.03
CA THR C 151 -34.39 -8.38 -31.82
C THR C 151 -34.62 -9.77 -31.26
N LEU C 152 -33.54 -10.52 -31.04
CA LEU C 152 -33.60 -11.90 -30.58
C LEU C 152 -32.91 -12.00 -29.22
N TYR C 153 -33.63 -12.54 -28.24
CA TYR C 153 -33.10 -12.70 -26.88
C TYR C 153 -32.81 -14.17 -26.61
N THR C 154 -31.59 -14.46 -26.19
CA THR C 154 -31.17 -15.82 -25.86
C THR C 154 -30.49 -15.83 -24.51
N GLN C 155 -30.91 -16.74 -23.64
CA GLN C 155 -30.28 -16.94 -22.35
C GLN C 155 -30.01 -18.42 -22.15
N SER C 156 -28.83 -18.73 -21.61
CA SER C 156 -28.39 -20.11 -21.45
C SER C 156 -27.33 -20.16 -20.37
N TYR C 157 -27.02 -21.37 -19.91
CA TYR C 157 -26.03 -21.61 -18.87
C TYR C 157 -24.78 -22.22 -19.49
N VAL C 158 -23.61 -21.67 -19.13
CA VAL C 158 -22.32 -22.16 -19.61
C VAL C 158 -21.34 -22.19 -18.45
N ASN C 159 -20.26 -22.94 -18.64
CA ASN C 159 -19.13 -22.90 -17.72
C ASN C 159 -18.14 -21.84 -18.19
N GLN C 160 -16.96 -21.77 -17.57
CA GLN C 160 -16.00 -20.75 -17.94
C GLN C 160 -15.52 -20.92 -19.38
N GLN C 161 -15.32 -22.16 -19.80
CA GLN C 161 -14.87 -22.41 -21.17
C GLN C 161 -15.94 -22.13 -22.20
N GLY C 162 -17.19 -21.90 -21.78
CA GLY C 162 -18.26 -21.58 -22.69
C GLY C 162 -19.14 -22.74 -23.10
N THR C 163 -18.88 -23.94 -22.58
CA THR C 163 -19.69 -25.09 -22.94
C THR C 163 -21.05 -25.01 -22.28
N THR C 164 -22.10 -25.19 -23.08
CA THR C 164 -23.47 -25.05 -22.58
C THR C 164 -23.80 -26.17 -21.59
N GLN C 165 -24.38 -25.79 -20.46
CA GLN C 165 -24.78 -26.72 -19.41
C GLN C 165 -26.29 -26.94 -19.47
N THR C 166 -26.70 -28.19 -19.21
CA THR C 166 -28.10 -28.57 -19.30
C THR C 166 -28.84 -28.28 -18.00
N VAL C 167 -30.07 -27.78 -18.12
CA VAL C 167 -30.91 -27.56 -16.96
C VAL C 167 -31.14 -28.90 -16.25
N ALA C 168 -31.01 -28.87 -14.92
CA ALA C 168 -31.16 -30.00 -14.01
C ALA C 168 -30.02 -31.00 -14.10
N ALA C 169 -29.00 -30.74 -14.91
CA ALA C 169 -27.78 -31.53 -14.87
C ALA C 169 -26.97 -31.17 -13.63
N ALA C 170 -25.86 -31.87 -13.41
CA ALA C 170 -25.08 -31.70 -12.20
C ALA C 170 -24.39 -30.34 -12.17
N ALA C 171 -24.33 -29.75 -10.98
CA ALA C 171 -23.62 -28.50 -10.74
C ALA C 171 -23.34 -28.37 -9.26
N THR C 172 -22.20 -27.78 -8.92
CA THR C 172 -21.76 -27.67 -7.53
C THR C 172 -21.27 -26.26 -7.26
N ASN C 173 -21.80 -25.64 -6.21
CA ASN C 173 -21.37 -24.32 -5.81
C ASN C 173 -19.96 -24.35 -5.21
N PHE C 174 -19.35 -23.18 -5.11
CA PHE C 174 -18.07 -23.01 -4.44
C PHE C 174 -18.31 -22.55 -3.01
N VAL C 175 -17.25 -22.60 -2.20
CA VAL C 175 -17.32 -22.20 -0.81
C VAL C 175 -16.29 -21.12 -0.54
N ARG C 176 -16.62 -20.25 0.41
CA ARG C 176 -15.77 -19.15 0.80
C ARG C 176 -15.90 -18.92 2.30
N TYR C 177 -14.86 -18.36 2.90
CA TYR C 177 -14.94 -17.86 4.26
C TYR C 177 -15.26 -16.37 4.23
N CYS C 178 -15.98 -15.92 5.24
CA CYS C 178 -16.22 -14.49 5.38
C CYS C 178 -14.90 -13.75 5.55
N GLU C 179 -14.93 -12.45 5.26
CA GLU C 179 -13.74 -11.64 5.49
C GLU C 179 -13.42 -11.60 6.97
N TYR C 180 -12.12 -11.64 7.28
CA TYR C 180 -11.63 -11.67 8.65
C TYR C 180 -12.33 -12.75 9.48
N PRO C 181 -12.27 -14.01 9.06
CA PRO C 181 -13.05 -15.05 9.76
C PRO C 181 -12.55 -15.32 11.17
N GLY C 182 -11.26 -15.14 11.43
CA GLY C 182 -10.76 -15.29 12.79
C GLY C 182 -11.27 -14.24 13.74
N LEU C 183 -11.68 -13.07 13.23
CA LEU C 183 -12.26 -12.05 14.09
C LEU C 183 -13.73 -12.34 14.37
N ARG C 184 -14.46 -12.90 13.39
CA ARG C 184 -15.86 -13.22 13.61
C ARG C 184 -16.04 -14.55 14.34
N LEU C 185 -15.04 -15.43 14.25
CA LEU C 185 -15.19 -16.76 14.82
C LEU C 185 -15.34 -16.70 16.33
N PHE C 186 -14.67 -15.76 16.97
CA PHE C 186 -14.73 -15.63 18.43
C PHE C 186 -15.87 -14.70 18.78
N LYS C 187 -17.06 -15.28 18.91
CA LYS C 187 -18.25 -14.54 19.32
C LYS C 187 -17.98 -13.74 20.58
N ARG C 188 -17.43 -14.38 21.60
CA ARG C 188 -17.02 -13.72 22.84
C ARG C 188 -15.73 -14.36 23.32
N VAL C 189 -14.82 -13.53 23.84
CA VAL C 189 -13.59 -13.99 24.46
C VAL C 189 -13.55 -13.47 25.89
N LYS C 190 -13.35 -14.37 26.85
CA LYS C 190 -13.51 -14.03 28.25
C LYS C 190 -12.35 -14.57 29.07
N PHE C 191 -11.79 -13.72 29.92
CA PHE C 191 -10.78 -14.10 30.90
C PHE C 191 -11.42 -13.93 32.28
N GLU C 192 -11.72 -15.06 32.94
CA GLU C 192 -12.45 -15.04 34.20
C GLU C 192 -11.61 -15.69 35.30
N VAL C 193 -11.71 -15.11 36.50
CA VAL C 193 -11.08 -15.64 37.70
C VAL C 193 -12.14 -15.68 38.80
N ASN C 194 -12.32 -16.84 39.42
CA ASN C 194 -13.29 -17.03 40.49
C ASN C 194 -14.71 -16.72 40.01
N GLY C 195 -15.09 -17.32 38.88
CA GLY C 195 -16.45 -17.26 38.39
C GLY C 195 -16.86 -15.98 37.71
N ASN C 196 -16.19 -14.86 37.99
CA ASN C 196 -16.62 -13.60 37.40
C ASN C 196 -15.67 -13.15 36.30
N PRO C 197 -16.20 -12.56 35.22
CA PRO C 197 -15.33 -12.10 34.13
C PRO C 197 -14.40 -10.97 34.54
N LEU C 198 -13.09 -11.25 34.54
CA LEU C 198 -12.11 -10.21 34.82
C LEU C 198 -11.99 -9.24 33.65
N ASP C 199 -12.22 -9.73 32.43
CA ASP C 199 -12.30 -8.91 31.22
C ASP C 199 -12.86 -9.77 30.11
N GLU C 200 -13.52 -9.12 29.15
CA GLU C 200 -14.16 -9.83 28.06
C GLU C 200 -14.39 -8.88 26.90
N TYR C 201 -14.53 -9.46 25.70
CA TYR C 201 -14.82 -8.69 24.50
C TYR C 201 -15.44 -9.59 23.46
N THR C 202 -16.16 -8.99 22.52
CA THR C 202 -16.85 -9.70 21.45
C THR C 202 -16.18 -9.40 20.11
N ALA C 203 -16.80 -9.92 19.04
CA ALA C 203 -16.29 -9.68 17.70
C ALA C 203 -16.35 -8.21 17.31
N LEU C 204 -17.22 -7.43 17.95
CA LEU C 204 -17.26 -6.00 17.67
C LEU C 204 -15.97 -5.33 18.12
N ALA C 205 -15.42 -5.76 19.26
CA ALA C 205 -14.12 -5.25 19.69
C ALA C 205 -13.01 -5.75 18.78
N ALA C 206 -13.13 -6.98 18.30
CA ALA C 206 -12.10 -7.54 17.42
C ALA C 206 -12.03 -6.78 16.11
N ILE C 207 -13.16 -6.29 15.61
CA ILE C 207 -13.12 -5.54 14.37
C ILE C 207 -12.82 -4.08 14.62
N MET C 208 -13.15 -3.56 15.81
CA MET C 208 -12.68 -2.23 16.17
C MET C 208 -11.16 -2.21 16.22
N TYR C 209 -10.56 -3.27 16.75
CA TYR C 209 -9.10 -3.39 16.73
C TYR C 209 -8.58 -3.48 15.29
N ASN C 210 -9.32 -4.19 14.43
CA ASN C 210 -8.87 -4.37 13.06
C ASN C 210 -8.77 -3.04 12.31
N LYS C 211 -9.62 -2.08 12.65
CA LYS C 211 -9.68 -0.81 11.93
C LYS C 211 -8.74 0.25 12.48
N PHE C 212 -8.46 0.23 13.79
CA PHE C 212 -7.75 1.32 14.44
C PHE C 212 -6.34 0.99 14.89
N HIS C 213 -5.96 -0.29 15.00
CA HIS C 213 -4.72 -0.64 15.67
C HIS C 213 -3.86 -1.63 14.90
N VAL C 214 -4.00 -1.71 13.58
CA VAL C 214 -3.12 -2.57 12.79
C VAL C 214 -2.49 -1.75 11.66
N PRO C 215 -1.35 -1.11 11.91
CA PRO C 215 -0.67 -0.37 10.83
C PRO C 215 -0.10 -1.32 9.78
N ASP C 216 0.40 -0.72 8.70
CA ASP C 216 0.78 -1.49 7.53
C ASP C 216 1.99 -2.39 7.80
N PHE C 217 2.87 -2.00 8.71
CA PHE C 217 4.03 -2.85 8.99
C PHE C 217 3.67 -4.06 9.84
N LYS C 218 2.41 -4.22 10.21
CA LYS C 218 1.92 -5.42 10.88
C LYS C 218 0.77 -6.09 10.15
N LEU C 219 0.34 -5.54 9.01
CA LEU C 219 -0.93 -5.94 8.42
C LEU C 219 -0.85 -7.33 7.78
N THR C 220 0.20 -7.57 6.99
CA THR C 220 0.29 -8.84 6.28
C THR C 220 0.27 -10.03 7.26
N GLY C 221 1.03 -9.94 8.34
CA GLY C 221 0.97 -10.98 9.36
C GLY C 221 -0.37 -11.02 10.07
N TRP C 222 -0.95 -9.85 10.34
CA TRP C 222 -2.26 -9.79 10.97
C TRP C 222 -3.31 -10.48 10.11
N LYS C 223 -3.31 -10.18 8.80
CA LYS C 223 -4.25 -10.83 7.89
C LYS C 223 -4.05 -12.35 7.89
N ARG C 224 -2.81 -12.81 8.00
CA ARG C 224 -2.56 -14.24 8.00
C ARG C 224 -2.98 -14.89 9.32
N LEU C 225 -2.90 -14.15 10.43
CA LEU C 225 -3.26 -14.72 11.71
C LEU C 225 -4.75 -15.02 11.82
N ILE C 226 -5.59 -14.22 11.18
CA ILE C 226 -7.04 -14.32 11.35
C ILE C 226 -7.73 -14.74 10.06
N GLY C 227 -6.99 -15.25 9.08
CA GLY C 227 -7.58 -15.92 7.94
C GLY C 227 -8.05 -15.02 6.80
N GLN C 228 -7.50 -13.81 6.66
CA GLN C 228 -7.83 -12.94 5.55
C GLN C 228 -6.77 -13.09 4.46
N GLU C 229 -7.22 -13.37 3.25
CA GLU C 229 -6.30 -13.56 2.14
C GLU C 229 -5.53 -12.28 1.86
N VAL C 230 -4.27 -12.44 1.46
CA VAL C 230 -3.43 -11.28 1.14
C VAL C 230 -3.29 -11.19 -0.37
N PRO C 231 -3.35 -9.99 -0.95
CA PRO C 231 -3.19 -9.88 -2.40
C PRO C 231 -1.77 -10.18 -2.84
N VAL C 232 -1.64 -10.70 -4.05
CA VAL C 232 -0.35 -11.05 -4.64
C VAL C 232 -0.18 -10.26 -5.93
N GLU C 233 0.94 -9.55 -6.04
CA GLU C 233 1.22 -8.71 -7.20
C GLU C 233 1.65 -9.56 -8.39
N ALA C 234 1.05 -9.30 -9.54
CA ALA C 234 1.34 -10.03 -10.77
C ALA C 234 1.72 -9.06 -11.87
N ALA C 235 2.75 -9.41 -12.63
CA ALA C 235 3.29 -8.55 -13.68
C ALA C 235 2.86 -9.06 -15.05
N SER C 236 2.58 -8.11 -15.96
CA SER C 236 2.09 -8.42 -17.29
C SER C 236 3.23 -8.41 -18.30
N ASN C 237 2.88 -8.70 -19.55
CA ASN C 237 3.79 -8.44 -20.65
C ASN C 237 4.01 -6.93 -20.79
N LEU C 238 5.01 -6.57 -21.58
CA LEU C 238 5.22 -5.17 -21.88
C LEU C 238 3.99 -4.59 -22.58
N VAL C 239 3.41 -3.55 -22.00
CA VAL C 239 2.30 -2.85 -22.63
C VAL C 239 2.77 -1.64 -23.42
N ASN C 240 3.86 -0.99 -23.01
CA ASN C 240 4.49 0.08 -23.79
C ASN C 240 5.92 -0.34 -24.06
N ILE C 241 6.36 -0.24 -25.32
CA ILE C 241 7.75 -0.52 -25.70
C ILE C 241 8.25 0.71 -26.42
N ALA C 242 9.33 1.31 -25.91
CA ALA C 242 9.84 2.56 -26.46
C ALA C 242 10.09 2.44 -27.95
N SER C 243 9.58 3.42 -28.71
CA SER C 243 9.74 3.57 -30.15
C SER C 243 8.83 2.67 -30.97
N THR C 244 7.80 2.07 -30.38
CA THR C 244 6.86 1.29 -31.16
C THR C 244 5.48 1.40 -30.52
N THR C 245 4.51 0.67 -31.09
CA THR C 245 3.12 0.79 -30.71
C THR C 245 2.39 -0.49 -31.07
N PRO C 246 1.37 -0.88 -30.31
CA PRO C 246 0.53 -2.02 -30.74
C PRO C 246 -0.50 -1.66 -31.80
N TRP C 247 -0.76 -0.38 -32.02
CA TRP C 247 -1.75 0.04 -33.00
C TRP C 247 -1.24 -0.18 -34.42
N GLY C 248 -2.12 -0.62 -35.30
CA GLY C 248 -1.74 -0.81 -36.69
C GLY C 248 -1.31 0.49 -37.34
N SER C 249 -0.40 0.37 -38.31
CA SER C 249 0.14 1.53 -39.00
C SER C 249 -0.89 2.52 -39.53
N PRO C 250 -2.01 2.11 -40.14
CA PRO C 250 -2.91 3.10 -40.75
C PRO C 250 -3.43 4.18 -39.80
N ILE C 251 -3.35 3.98 -38.49
CA ILE C 251 -3.92 4.93 -37.53
C ILE C 251 -2.85 5.63 -36.71
N VAL C 252 -1.57 5.34 -36.94
CA VAL C 252 -0.49 5.82 -36.09
C VAL C 252 0.18 7.03 -36.72
N ALA C 253 0.38 8.08 -35.90
CA ALA C 253 1.19 9.25 -36.27
C ALA C 253 0.65 9.95 -37.51
N LEU C 254 -0.64 10.29 -37.48
CA LEU C 254 -1.29 10.94 -38.60
C LEU C 254 -1.23 12.46 -38.44
N SER C 255 -1.25 13.15 -39.58
CA SER C 255 -1.40 14.59 -39.64
C SER C 255 -2.56 14.93 -40.56
N ASP C 256 -3.26 16.01 -40.25
CA ASP C 256 -4.35 16.42 -41.11
C ASP C 256 -3.82 17.16 -42.33
N VAL C 257 -4.74 17.68 -43.15
CA VAL C 257 -4.34 18.34 -44.38
C VAL C 257 -3.62 19.66 -44.10
N ASN C 258 -3.76 20.21 -42.90
CA ASN C 258 -3.12 21.45 -42.52
C ASN C 258 -1.78 21.24 -41.80
N GLY C 259 -1.29 20.00 -41.76
CA GLY C 259 -0.02 19.70 -41.13
C GLY C 259 -0.10 19.40 -39.65
N THR C 260 -1.25 19.61 -39.02
CA THR C 260 -1.39 19.41 -37.59
C THR C 260 -1.58 17.94 -37.26
N ALA C 261 -0.99 17.50 -36.15
CA ALA C 261 -1.17 16.13 -35.70
C ALA C 261 -2.63 15.86 -35.38
N VAL C 262 -3.10 14.66 -35.74
CA VAL C 262 -4.52 14.33 -35.65
C VAL C 262 -4.86 13.96 -34.20
N THR C 263 -5.89 14.60 -33.66
CA THR C 263 -6.41 14.24 -32.36
C THR C 263 -6.98 12.83 -32.41
N GLY C 264 -6.52 11.97 -31.51
CA GLY C 264 -6.93 10.58 -31.50
C GLY C 264 -6.04 9.64 -32.28
N SER C 265 -5.00 10.15 -32.93
CA SER C 265 -4.05 9.31 -33.65
C SER C 265 -2.93 8.91 -32.70
N PRO C 266 -2.81 7.63 -32.34
CA PRO C 266 -1.74 7.23 -31.41
C PRO C 266 -0.36 7.42 -32.02
N VAL C 267 0.59 7.74 -31.16
CA VAL C 267 2.00 7.86 -31.54
C VAL C 267 2.78 6.77 -30.82
N ASN C 268 4.07 6.68 -31.15
CA ASN C 268 4.93 5.69 -30.53
C ASN C 268 5.07 5.97 -29.03
N ALA C 269 5.24 4.90 -28.26
CA ALA C 269 5.44 5.02 -26.83
C ALA C 269 6.80 5.66 -26.53
N ALA C 270 6.87 6.34 -25.38
CA ALA C 270 8.11 6.97 -24.95
C ALA C 270 8.86 6.16 -23.91
N ILE C 271 8.19 5.29 -23.17
CA ILE C 271 8.81 4.47 -22.14
C ILE C 271 8.51 3.00 -22.44
N THR C 272 9.23 2.12 -21.74
CA THR C 272 9.02 0.68 -21.83
C THR C 272 8.53 0.20 -20.47
N ALA C 273 7.25 -0.13 -20.38
CA ALA C 273 6.61 -0.37 -19.10
C ALA C 273 5.74 -1.61 -19.17
N ARG C 274 5.60 -2.27 -18.01
CA ARG C 274 4.71 -3.41 -17.83
C ARG C 274 3.71 -3.08 -16.73
N LYS C 275 2.60 -3.80 -16.74
CA LYS C 275 1.53 -3.55 -15.80
C LYS C 275 1.63 -4.45 -14.57
N LEU C 276 1.19 -3.92 -13.44
CA LEU C 276 1.03 -4.69 -12.22
C LEU C 276 -0.46 -4.84 -11.93
N THR C 277 -0.88 -6.05 -11.60
CA THR C 277 -2.23 -6.30 -11.13
C THR C 277 -2.14 -7.06 -9.81
N GLN C 278 -3.23 -7.00 -9.05
CA GLN C 278 -3.32 -7.69 -7.77
C GLN C 278 -4.34 -8.82 -7.89
N VAL C 279 -3.95 -10.00 -7.45
CA VAL C 279 -4.84 -11.15 -7.44
C VAL C 279 -4.92 -11.70 -6.02
N VAL C 280 -6.06 -12.30 -5.71
CA VAL C 280 -6.27 -12.99 -4.44
C VAL C 280 -6.79 -14.39 -4.76
N PHE C 281 -6.39 -15.36 -3.96
CA PHE C 281 -6.82 -16.74 -4.13
C PHE C 281 -6.75 -17.46 -2.77
N GLY C 282 -7.33 -16.85 -1.75
CA GLY C 282 -7.31 -17.41 -0.41
C GLY C 282 -8.68 -17.78 0.11
N ALA C 283 -8.86 -17.64 1.43
CA ALA C 283 -10.07 -18.10 2.09
C ALA C 283 -11.32 -17.34 1.67
N GLN C 284 -11.17 -16.12 1.18
CA GLN C 284 -12.32 -15.30 0.79
C GLN C 284 -12.66 -15.43 -0.68
N THR C 285 -11.79 -16.03 -1.48
CA THR C 285 -12.08 -16.26 -2.89
C THR C 285 -12.86 -17.56 -3.05
N PRO C 286 -13.99 -17.55 -3.76
CA PRO C 286 -14.77 -18.78 -3.92
C PRO C 286 -13.99 -19.87 -4.64
N LYS C 287 -14.04 -21.08 -4.09
CA LYS C 287 -13.27 -22.20 -4.61
C LYS C 287 -14.07 -23.48 -4.52
N ALA C 288 -13.78 -24.41 -5.43
CA ALA C 288 -14.40 -25.73 -5.37
C ALA C 288 -14.12 -26.41 -4.05
N THR C 289 -12.89 -26.25 -3.54
CA THR C 289 -12.51 -26.80 -2.24
C THR C 289 -11.68 -25.75 -1.51
N GLN C 290 -12.22 -25.22 -0.41
CA GLN C 290 -11.41 -24.41 0.49
C GLN C 290 -10.50 -25.33 1.28
N GLU C 291 -9.19 -25.16 1.10
CA GLU C 291 -8.24 -25.99 1.82
C GLU C 291 -8.33 -25.71 3.33
N GLN C 292 -7.70 -26.59 4.09
CA GLN C 292 -7.71 -26.48 5.54
C GLN C 292 -7.25 -25.11 5.99
N LEU C 293 -8.08 -24.42 6.77
CA LEU C 293 -7.80 -23.07 7.23
C LEU C 293 -7.07 -23.12 8.56
N ASN C 294 -5.92 -22.44 8.62
CA ASN C 294 -5.12 -22.36 9.83
C ASN C 294 -5.03 -20.91 10.27
N MET C 295 -5.41 -20.64 11.51
CA MET C 295 -5.41 -19.30 12.07
C MET C 295 -4.78 -19.33 13.45
N PHE C 296 -4.08 -18.24 13.79
CA PHE C 296 -3.51 -18.02 15.12
C PHE C 296 -4.10 -16.72 15.64
N VAL C 297 -5.25 -16.81 16.31
CA VAL C 297 -6.00 -15.65 16.75
C VAL C 297 -5.41 -15.10 18.05
N PRO C 298 -4.85 -13.90 18.05
CA PRO C 298 -4.35 -13.31 19.30
C PRO C 298 -5.51 -12.87 20.18
N LEU C 299 -5.30 -12.98 21.49
CA LEU C 299 -6.27 -12.52 22.48
C LEU C 299 -5.93 -11.09 22.87
N LEU C 300 -6.83 -10.16 22.55
CA LEU C 300 -6.54 -8.74 22.65
C LEU C 300 -6.74 -8.22 24.07
N PHE C 301 -6.07 -8.85 25.05
CA PHE C 301 -6.14 -8.41 26.43
C PHE C 301 -4.99 -7.45 26.74
N TRP C 302 -5.11 -6.78 27.90
CA TRP C 302 -4.12 -5.79 28.29
C TRP C 302 -2.75 -6.44 28.54
N PHE C 303 -2.74 -7.62 29.16
CA PHE C 303 -1.48 -8.24 29.57
C PHE C 303 -0.67 -8.82 28.43
N ARG C 304 -1.11 -8.64 27.17
CA ARG C 304 -0.24 -8.95 26.05
C ARG C 304 1.04 -8.13 26.11
N ASP C 305 0.97 -6.95 26.73
CA ASP C 305 2.15 -6.15 27.03
C ASP C 305 3.03 -6.90 28.03
N PRO C 306 4.32 -7.11 27.73
CA PRO C 306 5.19 -7.79 28.70
C PRO C 306 5.30 -7.09 30.03
N ARG C 307 5.34 -5.75 30.05
CA ARG C 307 5.38 -5.01 31.29
C ARG C 307 4.20 -5.34 32.20
N LEU C 308 3.08 -5.75 31.60
CA LEU C 308 1.86 -6.02 32.33
C LEU C 308 1.60 -7.51 32.51
N ALA C 309 2.65 -8.34 32.41
CA ALA C 309 2.49 -9.78 32.61
C ALA C 309 1.92 -10.06 33.99
N ILE C 310 1.06 -11.07 34.06
CA ILE C 310 0.26 -11.35 35.24
C ILE C 310 0.98 -12.39 36.09
N ALA C 311 1.24 -12.06 37.35
CA ALA C 311 1.94 -12.97 38.26
C ALA C 311 1.10 -14.22 38.50
N SER C 312 1.75 -15.38 38.38
CA SER C 312 1.02 -16.65 38.44
C SER C 312 0.46 -16.90 39.84
N VAL C 313 1.24 -16.61 40.89
CA VAL C 313 0.77 -16.84 42.25
C VAL C 313 -0.39 -15.91 42.60
N SER C 314 -0.56 -14.80 41.87
CA SER C 314 -1.61 -13.84 42.16
C SER C 314 -3.00 -14.35 41.80
N ILE C 315 -3.10 -15.43 41.02
CA ILE C 315 -4.41 -15.97 40.66
C ILE C 315 -4.40 -17.47 40.95
N PRO C 316 -5.39 -17.99 41.68
CA PRO C 316 -5.44 -19.42 41.95
C PRO C 316 -5.63 -20.22 40.67
N TYR C 317 -5.08 -21.43 40.66
CA TYR C 317 -5.25 -22.31 39.52
C TYR C 317 -6.64 -22.94 39.48
N GLY C 318 -7.35 -22.96 40.62
CA GLY C 318 -8.65 -23.61 40.64
C GLY C 318 -9.64 -23.01 39.66
N GLN C 319 -9.72 -21.67 39.63
CA GLN C 319 -10.72 -20.97 38.83
C GLN C 319 -10.04 -19.82 38.06
N ARG C 320 -9.17 -20.17 37.12
CA ARG C 320 -8.67 -19.20 36.14
C ARG C 320 -8.76 -19.84 34.76
N PHE C 321 -9.43 -19.15 33.83
CA PHE C 321 -9.76 -19.75 32.56
C PHE C 321 -9.72 -18.71 31.45
N ILE C 322 -9.50 -19.19 30.23
CA ILE C 322 -9.81 -18.46 29.01
C ILE C 322 -11.00 -19.17 28.36
N THR C 323 -12.12 -18.46 28.24
CA THR C 323 -13.36 -19.03 27.75
C THR C 323 -13.77 -18.31 26.48
N VAL C 324 -13.98 -19.07 25.41
CA VAL C 324 -14.27 -18.51 24.08
C VAL C 324 -15.57 -19.11 23.58
N ASP C 325 -16.52 -18.23 23.21
CA ASP C 325 -17.72 -18.64 22.51
C ASP C 325 -17.47 -18.61 21.01
N ILE C 326 -17.78 -19.73 20.34
CA ILE C 326 -17.47 -19.89 18.92
C ILE C 326 -18.71 -19.56 18.10
N GLU C 327 -18.53 -18.74 17.06
CA GLU C 327 -19.61 -18.41 16.15
C GLU C 327 -20.09 -19.65 15.41
N GLN C 328 -21.30 -19.56 14.85
CA GLN C 328 -21.86 -20.65 14.08
C GLN C 328 -21.23 -20.71 12.69
N GLN C 329 -21.25 -21.91 12.09
CA GLN C 329 -20.65 -22.09 10.78
C GLN C 329 -21.35 -21.27 9.71
N SER C 330 -22.67 -21.09 9.84
CA SER C 330 -23.43 -20.35 8.85
C SER C 330 -23.05 -18.87 8.78
N ASN C 331 -22.31 -18.36 9.77
CA ASN C 331 -21.81 -17.00 9.75
C ASN C 331 -20.35 -16.92 9.31
N ILE C 332 -19.69 -18.05 9.10
CA ILE C 332 -18.27 -18.10 8.80
C ILE C 332 -18.01 -18.61 7.39
N LEU C 333 -18.74 -19.64 6.96
CA LEU C 333 -18.53 -20.28 5.67
C LEU C 333 -19.79 -20.11 4.82
N PHE C 334 -19.61 -19.71 3.56
CA PHE C 334 -20.71 -19.41 2.67
C PHE C 334 -20.50 -20.07 1.32
N THR C 335 -21.61 -20.38 0.66
CA THR C 335 -21.56 -20.84 -0.73
C THR C 335 -21.48 -19.64 -1.68
N ALA C 336 -20.89 -19.89 -2.84
CA ALA C 336 -20.77 -18.88 -3.88
C ALA C 336 -20.84 -19.57 -5.22
N PRO C 337 -21.21 -18.85 -6.28
CA PRO C 337 -21.29 -19.47 -7.61
C PRO C 337 -19.94 -20.09 -8.02
N GLY C 338 -20.01 -21.24 -8.65
CA GLY C 338 -18.83 -21.92 -9.12
C GLY C 338 -18.62 -21.79 -10.61
N ASN C 339 -18.36 -22.90 -11.29
CA ASN C 339 -18.13 -22.90 -12.73
C ASN C 339 -19.45 -22.98 -13.48
N LEU C 340 -20.29 -21.97 -13.24
CA LEU C 340 -21.62 -21.90 -13.84
C LEU C 340 -21.95 -20.43 -14.08
N PHE C 341 -22.34 -20.10 -15.30
CA PHE C 341 -22.59 -18.73 -15.68
C PHE C 341 -23.84 -18.63 -16.55
N LEU C 342 -24.66 -17.63 -16.27
CA LEU C 342 -25.79 -17.31 -17.14
C LEU C 342 -25.33 -16.40 -18.27
N GLN C 343 -25.51 -16.86 -19.51
CA GLN C 343 -25.15 -16.08 -20.68
C GLN C 343 -26.41 -15.41 -21.23
N THR C 344 -26.42 -14.08 -21.23
CA THR C 344 -27.54 -13.29 -21.74
C THR C 344 -27.10 -12.61 -23.03
N THR C 345 -27.74 -12.98 -24.14
CA THR C 345 -27.34 -12.49 -25.46
C THR C 345 -28.54 -11.83 -26.14
N VAL C 346 -28.31 -10.63 -26.66
CA VAL C 346 -29.30 -9.91 -27.46
C VAL C 346 -28.71 -9.72 -28.85
N GLU C 347 -29.50 -10.05 -29.88
CA GLU C 347 -29.08 -9.92 -31.27
C GLU C 347 -30.11 -9.10 -32.02
N THR C 348 -29.63 -8.09 -32.77
CA THR C 348 -30.48 -7.28 -33.62
C THR C 348 -30.08 -7.49 -35.07
N LEU C 349 -31.08 -7.77 -35.92
CA LEU C 349 -30.88 -7.96 -37.35
C LEU C 349 -31.68 -6.91 -38.10
N LEU C 350 -30.99 -6.05 -38.84
CA LEU C 350 -31.63 -4.99 -39.60
C LEU C 350 -31.77 -5.45 -41.05
N THR C 351 -32.99 -5.77 -41.46
CA THR C 351 -33.31 -6.08 -42.84
C THR C 351 -34.13 -4.96 -43.46
N THR C 352 -34.09 -4.87 -44.79
CA THR C 352 -34.75 -3.78 -45.50
C THR C 352 -35.79 -4.25 -46.51
N GLY C 353 -35.91 -5.55 -46.75
CA GLY C 353 -36.82 -6.07 -47.74
C GLY C 353 -38.17 -6.47 -47.17
N ALA C 354 -38.85 -7.37 -47.88
CA ALA C 354 -40.15 -7.83 -47.45
C ALA C 354 -40.04 -8.62 -46.14
N GLY C 355 -40.96 -8.35 -45.23
CA GLY C 355 -40.94 -8.97 -43.92
C GLY C 355 -39.93 -8.39 -42.96
N LYS C 356 -39.38 -7.20 -43.25
CA LYS C 356 -38.37 -6.61 -42.39
C LYS C 356 -38.91 -6.45 -40.97
N GLY C 357 -38.01 -6.61 -40.00
CA GLY C 357 -38.38 -6.56 -38.60
C GLY C 357 -38.88 -7.87 -38.03
N THR C 358 -39.11 -8.88 -38.86
CA THR C 358 -39.52 -10.21 -38.42
C THR C 358 -38.43 -11.21 -38.78
N ALA C 359 -38.65 -12.46 -38.37
CA ALA C 359 -37.67 -13.51 -38.62
C ALA C 359 -37.57 -13.87 -40.09
N THR C 360 -38.53 -13.46 -40.91
CA THR C 360 -38.54 -13.77 -42.32
C THR C 360 -38.14 -12.59 -43.19
N GLY C 361 -37.61 -11.52 -42.61
CA GLY C 361 -37.17 -10.38 -43.40
C GLY C 361 -35.91 -10.70 -44.17
N VAL C 362 -35.82 -10.15 -45.38
CA VAL C 362 -34.73 -10.46 -46.29
C VAL C 362 -33.81 -9.25 -46.42
N LEU C 363 -32.62 -9.49 -46.97
CA LEU C 363 -31.58 -8.47 -47.18
C LEU C 363 -31.11 -7.91 -45.84
N LEU C 364 -30.17 -8.62 -45.20
CA LEU C 364 -29.63 -8.20 -43.91
C LEU C 364 -28.45 -7.26 -44.10
N THR C 365 -28.59 -6.03 -43.63
CA THR C 365 -27.58 -5.00 -43.82
C THR C 365 -26.70 -4.78 -42.59
N GLN C 366 -27.26 -4.87 -41.39
CA GLN C 366 -26.50 -4.62 -40.17
C GLN C 366 -26.86 -5.64 -39.12
N TYR C 367 -25.85 -6.22 -38.46
CA TYR C 367 -26.02 -7.18 -37.39
C TYR C 367 -25.26 -6.72 -36.16
N ASN C 368 -25.87 -6.88 -34.99
CA ASN C 368 -25.25 -6.53 -33.72
C ASN C 368 -25.51 -7.63 -32.71
N ARG C 369 -24.50 -7.91 -31.89
CA ARG C 369 -24.63 -8.88 -30.80
C ARG C 369 -24.11 -8.28 -29.50
N TYR C 370 -24.87 -8.47 -28.43
CA TYR C 370 -24.50 -8.02 -27.10
C TYR C 370 -24.60 -9.21 -26.15
N THR C 371 -23.58 -9.42 -25.33
CA THR C 371 -23.53 -10.61 -24.48
C THR C 371 -22.87 -10.29 -23.15
N THR C 372 -23.53 -10.66 -22.06
CA THR C 372 -22.99 -10.61 -20.71
C THR C 372 -22.97 -12.00 -20.11
N TYR C 373 -22.24 -12.15 -19.02
CA TYR C 373 -22.17 -13.40 -18.26
C TYR C 373 -22.41 -13.10 -16.79
N THR C 374 -23.27 -13.88 -16.15
CA THR C 374 -23.58 -13.69 -14.74
C THR C 374 -23.30 -14.97 -13.96
N PRO C 375 -22.39 -14.95 -12.99
CA PRO C 375 -22.21 -16.14 -12.14
C PRO C 375 -23.51 -16.50 -11.43
N THR C 376 -23.84 -17.78 -11.43
CA THR C 376 -25.13 -18.25 -10.98
C THR C 376 -24.96 -19.35 -9.94
N LEU C 377 -25.81 -19.31 -8.91
CA LEU C 377 -25.82 -20.35 -7.89
C LEU C 377 -26.49 -21.61 -8.41
N ALA C 378 -25.89 -22.76 -8.09
CA ALA C 378 -26.51 -24.04 -8.39
C ALA C 378 -27.58 -24.35 -7.36
N SER C 379 -28.66 -24.97 -7.79
CA SER C 379 -29.76 -25.30 -6.89
C SER C 379 -29.39 -26.47 -6.00
N GLY C 380 -29.71 -26.35 -4.72
CA GLY C 380 -29.51 -27.46 -3.80
C GLY C 380 -28.06 -27.77 -3.45
N SER C 381 -27.16 -26.79 -3.56
CA SER C 381 -25.75 -26.97 -3.24
C SER C 381 -25.40 -25.98 -2.13
N SER C 382 -25.29 -26.49 -0.90
CA SER C 382 -25.03 -25.67 0.28
C SER C 382 -23.74 -26.12 0.94
N ILE C 383 -23.38 -25.43 2.03
CA ILE C 383 -22.14 -25.73 2.73
C ILE C 383 -22.25 -27.09 3.43
N ASP C 384 -21.10 -27.72 3.63
CA ASP C 384 -21.04 -28.98 4.38
C ASP C 384 -21.19 -28.66 5.86
N GLY C 385 -22.32 -29.07 6.44
CA GLY C 385 -22.55 -28.85 7.86
C GLY C 385 -21.70 -29.72 8.77
N THR C 386 -21.07 -30.76 8.23
CA THR C 386 -20.23 -31.65 9.02
C THR C 386 -18.77 -31.21 9.08
N GLN C 387 -18.45 -30.00 8.61
CA GLN C 387 -17.07 -29.54 8.63
C GLN C 387 -16.54 -29.51 10.06
N ALA C 388 -15.45 -30.23 10.29
CA ALA C 388 -14.94 -30.42 11.63
C ALA C 388 -13.99 -29.29 12.02
N VAL C 389 -14.11 -28.83 13.26
CA VAL C 389 -13.08 -28.02 13.90
C VAL C 389 -11.99 -29.01 14.33
N GLN C 390 -10.92 -29.11 13.53
CA GLN C 390 -9.97 -30.20 13.70
C GLN C 390 -9.07 -30.02 14.91
N ASN C 391 -8.72 -28.78 15.26
CA ASN C 391 -7.83 -28.56 16.39
C ASN C 391 -7.99 -27.13 16.89
N ILE C 392 -7.92 -26.96 18.21
CA ILE C 392 -7.88 -25.64 18.83
C ILE C 392 -7.00 -25.73 20.07
N GLU C 393 -6.07 -24.81 20.20
CA GLU C 393 -5.09 -24.86 21.29
C GLU C 393 -4.69 -23.45 21.71
N LEU C 394 -4.57 -23.26 23.02
CA LEU C 394 -4.21 -21.97 23.58
C LEU C 394 -2.70 -21.92 23.79
N TYR C 395 -2.05 -20.93 23.19
CA TYR C 395 -0.62 -20.69 23.38
C TYR C 395 -0.46 -19.57 24.41
N ILE C 396 0.30 -19.84 25.47
CA ILE C 396 0.51 -18.89 26.55
C ILE C 396 2.00 -18.65 26.71
N ASN C 397 2.39 -17.39 26.69
CA ASN C 397 3.78 -17.01 26.92
C ASN C 397 4.03 -16.96 28.43
N ASN C 398 4.94 -17.80 28.92
CA ASN C 398 5.25 -17.90 30.33
C ASN C 398 6.62 -17.29 30.60
N ILE C 399 6.68 -16.34 31.52
CA ILE C 399 7.89 -15.60 31.84
C ILE C 399 8.43 -16.11 33.17
N PHE C 400 9.75 -16.32 33.23
CA PHE C 400 10.43 -16.82 34.42
C PHE C 400 11.44 -15.78 34.90
N VAL C 401 11.53 -15.61 36.21
CA VAL C 401 12.47 -14.68 36.83
C VAL C 401 13.18 -15.40 37.98
N THR C 402 14.20 -14.75 38.51
CA THR C 402 14.95 -15.33 39.63
C THR C 402 14.08 -15.32 40.90
N PRO C 403 14.34 -16.25 41.82
CA PRO C 403 13.52 -16.29 43.04
C PRO C 403 13.58 -15.02 43.87
N GLU C 404 14.75 -14.38 43.93
CA GLU C 404 14.90 -13.18 44.76
C GLU C 404 14.01 -12.05 44.26
N ILE C 405 14.04 -11.79 42.96
CA ILE C 405 13.27 -10.68 42.41
C ILE C 405 11.77 -10.96 42.51
N HIS C 406 11.38 -12.23 42.31
CA HIS C 406 9.96 -12.59 42.39
C HIS C 406 9.40 -12.27 43.77
N ASP C 407 10.11 -12.66 44.83
CA ASP C 407 9.64 -12.39 46.18
C ASP C 407 9.57 -10.90 46.45
N ILE C 408 10.55 -10.14 45.96
CA ILE C 408 10.53 -8.68 46.11
C ILE C 408 9.36 -8.10 45.34
N TYR C 409 9.07 -8.63 44.15
CA TYR C 409 8.05 -8.03 43.29
C TYR C 409 6.65 -8.20 43.89
N ILE C 410 6.35 -9.37 44.45
CA ILE C 410 5.02 -9.60 45.01
C ILE C 410 4.78 -8.69 46.21
N LYS C 411 5.79 -8.54 47.07
CA LYS C 411 5.64 -7.78 48.29
C LYS C 411 5.66 -6.27 48.09
N ARG C 412 6.07 -5.80 46.91
CA ARG C 412 6.29 -4.36 46.70
C ARG C 412 5.51 -3.77 45.54
N ILE C 413 4.79 -4.57 44.75
CA ILE C 413 4.10 -4.02 43.59
C ILE C 413 2.75 -3.42 43.96
N GLY C 414 2.07 -3.97 44.97
CA GLY C 414 0.79 -3.42 45.39
C GLY C 414 -0.35 -3.68 44.43
N PHE C 415 -0.28 -3.08 43.25
CA PHE C 415 -1.34 -3.22 42.26
C PHE C 415 -0.77 -3.00 40.87
N THR C 416 -1.59 -3.25 39.87
CA THR C 416 -1.26 -2.95 38.48
C THR C 416 -2.43 -2.22 37.84
N LEU C 417 -2.11 -1.27 36.96
CA LEU C 417 -3.11 -0.59 36.18
C LEU C 417 -3.46 -1.42 34.95
N ILE C 418 -4.76 -1.62 34.72
CA ILE C 418 -5.22 -2.48 33.64
C ILE C 418 -6.22 -1.72 32.78
N ARG C 419 -6.46 -2.25 31.59
CA ARG C 419 -7.49 -1.74 30.68
C ARG C 419 -8.46 -2.87 30.35
N VAL C 420 -9.75 -2.53 30.29
CA VAL C 420 -10.81 -3.49 30.04
C VAL C 420 -11.76 -2.94 28.99
N TYR C 421 -12.54 -3.83 28.41
CA TYR C 421 -13.57 -3.48 27.44
C TYR C 421 -14.92 -3.33 28.14
N ARG C 422 -15.72 -2.40 27.63
CA ARG C 422 -17.10 -2.21 28.08
C ARG C 422 -17.95 -1.96 26.85
N GLU C 423 -18.89 -2.87 26.56
CA GLU C 423 -19.63 -2.89 25.32
C GLU C 423 -21.09 -2.52 25.54
N GLN C 424 -21.66 -1.78 24.60
CA GLN C 424 -23.09 -1.53 24.54
C GLN C 424 -23.52 -1.46 23.08
N VAL C 425 -24.61 -2.16 22.76
CA VAL C 425 -25.20 -2.13 21.43
C VAL C 425 -26.67 -1.78 21.59
N GLN C 426 -27.10 -0.72 20.89
CA GLN C 426 -28.46 -0.23 20.98
C GLN C 426 -29.08 -0.22 19.59
N ARG C 427 -30.17 -0.96 19.42
CA ARG C 427 -30.86 -1.00 18.13
C ARG C 427 -31.62 0.30 17.92
N GLU C 428 -31.50 0.86 16.72
CA GLU C 428 -32.07 2.17 16.40
C GLU C 428 -32.88 2.10 15.11
N VAL C 429 -34.01 2.80 15.11
CA VAL C 429 -34.78 3.10 13.91
C VAL C 429 -34.97 4.60 13.74
N ASN C 430 -34.29 5.40 14.56
CA ASN C 430 -34.44 6.86 14.56
C ASN C 430 -33.34 7.50 13.74
N ALA C 431 -33.69 8.56 13.01
CA ALA C 431 -32.68 9.34 12.31
C ALA C 431 -31.82 10.14 13.29
N ALA C 432 -32.37 10.47 14.46
CA ALA C 432 -31.62 11.17 15.50
C ALA C 432 -32.10 10.68 16.85
N ASP C 433 -31.16 10.42 17.75
CA ASP C 433 -31.50 9.94 19.07
C ASP C 433 -30.35 10.19 20.02
N GLN C 434 -30.67 10.21 21.31
CA GLN C 434 -29.70 10.42 22.39
C GLN C 434 -29.72 9.15 23.25
N VAL C 435 -28.62 8.41 23.24
CA VAL C 435 -28.58 7.06 23.75
C VAL C 435 -27.76 7.04 25.04
N LEU C 436 -28.43 6.79 26.17
CA LEU C 436 -27.74 6.65 27.43
C LEU C 436 -26.88 5.39 27.42
N GLN C 437 -25.61 5.53 27.76
CA GLN C 437 -24.63 4.45 27.72
C GLN C 437 -24.56 3.81 29.10
N SER C 438 -25.37 2.77 29.31
CA SER C 438 -25.58 2.19 30.63
C SER C 438 -24.56 1.13 31.01
N GLN C 439 -23.72 0.68 30.07
CA GLN C 439 -22.63 -0.24 30.40
C GLN C 439 -21.31 0.48 30.61
N LEU C 440 -21.30 1.81 30.48
CA LEU C 440 -20.11 2.62 30.67
C LEU C 440 -20.03 3.01 32.14
N LYS C 441 -19.00 2.55 32.85
CA LYS C 441 -18.99 2.72 34.29
C LYS C 441 -17.61 2.74 34.94
N TRP C 442 -16.57 3.07 34.19
CA TRP C 442 -15.24 3.21 34.78
C TRP C 442 -14.53 4.38 34.10
N PRO C 443 -13.33 4.80 34.56
CA PRO C 443 -12.58 5.81 33.81
C PRO C 443 -12.33 5.39 32.38
N VAL C 444 -12.98 6.08 31.43
CA VAL C 444 -12.96 5.69 30.02
C VAL C 444 -11.88 6.52 29.31
N GLU C 445 -10.92 5.83 28.69
CA GLU C 445 -9.92 6.51 27.89
C GLU C 445 -10.48 6.97 26.55
N PHE C 446 -11.24 6.11 25.88
CA PHE C 446 -11.84 6.45 24.60
C PHE C 446 -12.95 5.44 24.29
N ILE C 447 -13.73 5.74 23.26
CA ILE C 447 -14.86 4.92 22.85
C ILE C 447 -14.81 4.75 21.34
N TYR C 448 -14.81 3.50 20.89
CA TYR C 448 -15.10 3.21 19.49
C TYR C 448 -16.59 3.33 19.25
N LEU C 449 -16.97 3.98 18.16
CA LEU C 449 -18.38 4.25 17.87
C LEU C 449 -18.70 3.90 16.43
N GLY C 450 -19.87 3.31 16.23
CA GLY C 450 -20.34 2.98 14.89
C GLY C 450 -21.83 2.76 14.88
N LEU C 451 -22.41 2.84 13.67
CA LEU C 451 -23.84 2.64 13.44
C LEU C 451 -23.98 1.65 12.28
N ARG C 452 -23.91 0.36 12.61
CA ARG C 452 -23.89 -0.68 11.59
C ARG C 452 -25.32 -1.05 11.19
N PRO C 453 -25.67 -0.99 9.91
CA PRO C 453 -27.01 -1.41 9.49
C PRO C 453 -27.25 -2.88 9.80
N ALA C 454 -28.49 -3.19 10.19
CA ALA C 454 -28.83 -4.57 10.54
C ALA C 454 -28.66 -5.51 9.35
N ASN C 455 -28.81 -4.99 8.12
CA ASN C 455 -28.69 -5.84 6.94
C ASN C 455 -27.29 -6.38 6.73
N ASN C 456 -26.27 -5.71 7.29
CA ASN C 456 -24.89 -6.18 7.12
C ASN C 456 -24.67 -7.56 7.71
N ILE C 457 -25.48 -7.96 8.69
CA ILE C 457 -25.35 -9.26 9.33
C ILE C 457 -26.57 -10.15 9.08
N ALA C 458 -27.37 -9.80 8.08
CA ALA C 458 -28.59 -10.54 7.77
C ALA C 458 -28.28 -11.70 6.85
N ALA C 459 -28.88 -12.86 7.16
CA ALA C 459 -28.72 -14.03 6.30
C ALA C 459 -29.27 -13.80 4.90
N GLY C 460 -30.22 -12.85 4.75
CA GLY C 460 -30.74 -12.51 3.44
C GLY C 460 -29.83 -11.63 2.60
N ASN C 461 -28.78 -11.07 3.19
CA ASN C 461 -27.81 -10.26 2.47
C ASN C 461 -26.77 -11.19 1.85
N THR C 462 -26.80 -11.28 0.52
CA THR C 462 -25.85 -12.14 -0.19
C THR C 462 -24.41 -11.65 -0.07
N TYR C 463 -24.19 -10.47 0.51
CA TYR C 463 -22.85 -9.93 0.76
C TYR C 463 -22.54 -9.85 2.24
N GLN C 464 -23.20 -10.67 3.07
CA GLN C 464 -22.90 -10.67 4.50
C GLN C 464 -21.48 -11.12 4.77
N TRP C 465 -20.97 -12.06 3.98
CA TRP C 465 -19.58 -12.52 4.14
C TRP C 465 -18.60 -11.37 4.10
N ARG C 466 -18.96 -10.28 3.43
CA ARG C 466 -18.12 -9.10 3.32
C ARG C 466 -18.60 -7.93 4.17
N ASP C 467 -19.92 -7.69 4.23
CA ASP C 467 -20.46 -6.51 4.89
C ASP C 467 -20.49 -6.62 6.41
N TRP C 468 -20.28 -7.81 6.98
CA TRP C 468 -20.58 -8.02 8.39
C TRP C 468 -19.77 -7.11 9.29
N HIS C 469 -18.52 -6.82 8.92
CA HIS C 469 -17.66 -5.98 9.75
C HIS C 469 -17.67 -4.51 9.33
N HIS C 470 -18.36 -4.18 8.25
CA HIS C 470 -18.48 -2.78 7.84
C HIS C 470 -19.48 -2.06 8.72
N LEU C 471 -19.19 -0.78 9.00
CA LEU C 471 -20.05 0.06 9.83
C LEU C 471 -20.86 1.04 9.01
N THR C 472 -21.07 0.75 7.73
CA THR C 472 -21.86 1.59 6.84
C THR C 472 -22.80 0.73 6.03
N SER C 473 -23.67 1.38 5.27
CA SER C 473 -24.50 0.69 4.28
C SER C 473 -23.72 0.59 2.98
N VAL C 474 -23.48 -0.64 2.54
CA VAL C 474 -22.64 -0.91 1.37
C VAL C 474 -23.55 -1.38 0.24
N THR C 475 -23.55 -0.63 -0.85
CA THR C 475 -24.17 -1.04 -2.10
C THR C 475 -23.10 -1.42 -3.11
N ASN C 476 -23.49 -2.20 -4.11
CA ASN C 476 -22.55 -2.80 -5.05
C ASN C 476 -22.75 -2.19 -6.43
N GLU C 477 -21.74 -1.44 -6.89
CA GLU C 477 -21.79 -0.79 -8.19
C GLU C 477 -20.97 -1.59 -9.18
N PRO C 478 -21.55 -2.09 -10.27
CA PRO C 478 -20.78 -2.88 -11.23
C PRO C 478 -19.89 -2.01 -12.10
N VAL C 479 -18.71 -2.55 -12.42
CA VAL C 479 -17.80 -1.96 -13.39
C VAL C 479 -17.56 -2.99 -14.48
N TYR C 480 -17.80 -2.59 -15.73
CA TYR C 480 -17.79 -3.50 -16.86
C TYR C 480 -16.54 -3.31 -17.71
N ASP C 481 -15.92 -4.43 -18.09
CA ASP C 481 -14.90 -4.47 -19.14
C ASP C 481 -15.56 -5.10 -20.37
N VAL C 482 -15.71 -4.32 -21.43
CA VAL C 482 -16.48 -4.71 -22.60
C VAL C 482 -15.55 -4.78 -23.80
N SER C 483 -15.59 -5.89 -24.52
CA SER C 483 -14.81 -6.07 -25.75
C SER C 483 -15.69 -5.70 -26.94
N GLN C 484 -15.29 -4.66 -27.66
CA GLN C 484 -16.00 -4.23 -28.87
C GLN C 484 -15.31 -4.80 -30.10
N SER C 485 -16.11 -5.25 -31.07
CA SER C 485 -15.60 -5.78 -32.32
C SER C 485 -16.40 -5.20 -33.47
N TYR C 486 -15.76 -5.10 -34.64
CA TYR C 486 -16.40 -4.64 -35.86
C TYR C 486 -15.93 -5.50 -37.02
N ALA C 487 -16.81 -5.65 -38.01
CA ALA C 487 -16.46 -6.42 -39.19
C ALA C 487 -17.34 -5.97 -40.36
N ARG C 488 -16.73 -5.84 -41.53
CA ARG C 488 -17.42 -5.56 -42.77
C ARG C 488 -17.01 -6.61 -43.81
N VAL C 489 -17.99 -7.06 -44.60
CA VAL C 489 -17.76 -8.09 -45.61
C VAL C 489 -18.59 -7.77 -46.84
N SER C 490 -17.97 -7.85 -48.02
CA SER C 490 -18.68 -7.71 -49.28
C SER C 490 -19.09 -9.10 -49.79
N ILE C 491 -20.37 -9.25 -50.12
CA ILE C 491 -20.91 -10.54 -50.54
C ILE C 491 -21.04 -10.63 -52.06
N ASP C 492 -20.64 -9.60 -52.79
CA ASP C 492 -20.78 -9.57 -54.25
C ASP C 492 -19.45 -9.06 -54.82
N ASP C 493 -18.63 -9.98 -55.34
CA ASP C 493 -17.31 -9.63 -55.85
C ASP C 493 -17.35 -8.82 -57.15
N THR C 494 -18.53 -8.45 -57.64
CA THR C 494 -18.64 -7.68 -58.88
C THR C 494 -19.18 -6.27 -58.66
N VAL C 495 -19.57 -5.92 -57.44
CA VAL C 495 -20.12 -4.61 -57.12
C VAL C 495 -19.22 -3.94 -56.09
N ALA C 496 -18.94 -2.66 -56.31
CA ALA C 496 -18.08 -1.91 -55.40
C ALA C 496 -18.69 -1.88 -54.01
N PRO C 497 -17.92 -2.21 -52.96
CA PRO C 497 -18.52 -2.23 -51.62
C PRO C 497 -18.90 -0.86 -51.10
N VAL C 498 -18.07 0.16 -51.32
CA VAL C 498 -18.32 1.48 -50.74
C VAL C 498 -19.66 2.00 -51.22
N GLY C 499 -20.58 2.20 -50.27
CA GLY C 499 -21.88 2.76 -50.59
C GLY C 499 -22.91 1.77 -51.07
N SER C 500 -22.69 0.47 -50.87
CA SER C 500 -23.59 -0.57 -51.34
C SER C 500 -24.09 -1.41 -50.17
N THR C 501 -25.30 -1.94 -50.31
CA THR C 501 -25.86 -2.83 -49.30
C THR C 501 -25.27 -4.24 -49.37
N THR C 502 -24.42 -4.52 -50.36
CA THR C 502 -23.64 -5.75 -50.35
C THR C 502 -22.41 -5.64 -49.45
N PHE C 503 -22.18 -4.47 -48.85
CA PHE C 503 -21.07 -4.22 -47.93
C PHE C 503 -21.65 -4.34 -46.52
N LYS C 504 -21.67 -5.55 -45.99
CA LYS C 504 -22.40 -5.84 -44.76
C LYS C 504 -21.69 -5.26 -43.54
N GLN C 505 -22.45 -5.12 -42.46
CA GLN C 505 -21.96 -4.60 -41.20
C GLN C 505 -22.23 -5.60 -40.08
N SER C 506 -21.24 -5.77 -39.20
CA SER C 506 -21.39 -6.64 -38.05
C SER C 506 -20.57 -6.08 -36.90
N ALA C 507 -21.12 -6.16 -35.69
CA ALA C 507 -20.44 -5.66 -34.51
C ALA C 507 -20.84 -6.53 -33.32
N SER C 508 -20.02 -6.47 -32.26
CA SER C 508 -20.29 -7.29 -31.08
C SER C 508 -19.72 -6.61 -29.84
N GLN C 509 -20.49 -6.69 -28.75
CA GLN C 509 -20.05 -6.25 -27.42
C GLN C 509 -20.16 -7.45 -26.49
N VAL C 510 -19.02 -7.95 -26.01
CA VAL C 510 -18.98 -9.12 -25.14
C VAL C 510 -18.36 -8.71 -23.82
N MET C 511 -18.98 -9.16 -22.72
CA MET C 511 -18.46 -8.86 -21.39
C MET C 511 -17.16 -9.60 -21.16
N GLN C 512 -16.08 -8.86 -20.93
CA GLN C 512 -14.78 -9.44 -20.67
C GLN C 512 -14.59 -9.80 -19.20
N ASN C 513 -15.07 -8.95 -18.30
CA ASN C 513 -15.00 -9.16 -16.87
C ASN C 513 -15.90 -8.12 -16.22
N GLN C 514 -16.21 -8.33 -14.93
CA GLN C 514 -17.04 -7.39 -14.19
C GLN C 514 -16.53 -7.29 -12.76
N TYR C 515 -16.27 -6.06 -12.33
CA TYR C 515 -15.86 -5.77 -10.96
C TYR C 515 -17.05 -5.25 -10.16
N ILE C 516 -16.95 -5.38 -8.85
CA ILE C 516 -17.96 -4.90 -7.92
C ILE C 516 -17.31 -3.86 -7.02
N VAL C 517 -17.74 -2.61 -7.15
CA VAL C 517 -17.23 -1.51 -6.33
C VAL C 517 -18.09 -1.44 -5.07
N PRO C 518 -17.54 -1.70 -3.88
CA PRO C 518 -18.31 -1.55 -2.64
C PRO C 518 -18.43 -0.08 -2.27
N VAL C 519 -19.63 0.48 -2.46
CA VAL C 519 -19.89 1.90 -2.25
C VAL C 519 -20.50 2.09 -0.86
N GLU C 520 -19.79 2.83 -0.01
CA GLU C 520 -20.23 3.07 1.36
C GLU C 520 -21.10 4.32 1.43
N THR C 521 -22.27 4.19 2.04
CA THR C 521 -23.12 5.32 2.39
C THR C 521 -23.10 5.44 3.91
N GLU C 522 -22.53 6.53 4.41
CA GLU C 522 -22.36 6.69 5.85
C GLU C 522 -23.71 6.75 6.56
N THR C 523 -23.73 6.24 7.79
CA THR C 523 -24.95 6.21 8.60
C THR C 523 -24.97 7.27 9.68
N LEU C 524 -23.83 7.88 10.00
CA LEU C 524 -23.73 8.91 11.02
C LEU C 524 -23.42 10.25 10.36
N ASP C 525 -24.27 11.25 10.60
CA ASP C 525 -24.00 12.59 10.13
C ASP C 525 -23.24 13.41 11.17
N THR C 526 -23.76 13.48 12.40
CA THR C 526 -23.12 14.20 13.48
C THR C 526 -23.16 13.36 14.76
N VAL C 527 -22.21 13.62 15.65
CA VAL C 527 -22.11 12.94 16.93
C VAL C 527 -21.90 13.98 18.03
N ARG C 528 -22.56 13.76 19.17
CA ARG C 528 -22.44 14.65 20.32
C ARG C 528 -22.31 13.80 21.58
N VAL C 529 -21.39 14.21 22.47
CA VAL C 529 -21.13 13.49 23.71
C VAL C 529 -21.47 14.41 24.87
N LYS C 530 -22.45 14.01 25.67
CA LYS C 530 -23.02 14.84 26.73
C LYS C 530 -23.05 14.06 28.03
N ALA C 531 -22.66 14.70 29.12
CA ALA C 531 -22.65 14.09 30.44
C ALA C 531 -23.23 15.07 31.45
N HIS C 532 -24.40 14.73 32.00
CA HIS C 532 -25.14 15.57 32.93
C HIS C 532 -25.40 16.96 32.35
N GLY C 533 -26.07 16.97 31.20
CA GLY C 533 -26.44 18.20 30.54
C GLY C 533 -25.25 19.10 30.27
N ILE C 534 -24.08 18.51 30.05
CA ILE C 534 -22.85 19.25 29.81
C ILE C 534 -22.11 18.60 28.65
N GLU C 535 -21.78 19.40 27.64
CA GLU C 535 -21.11 18.89 26.45
C GLU C 535 -19.67 18.49 26.75
N LEU C 536 -19.36 17.21 26.54
CA LEU C 536 -17.96 16.78 26.43
C LEU C 536 -17.45 16.95 25.00
N TYR C 537 -18.33 16.68 24.03
CA TYR C 537 -18.07 16.95 22.62
C TYR C 537 -19.33 17.61 22.05
N ALA C 538 -19.17 18.78 21.46
CA ALA C 538 -20.30 19.42 20.81
C ALA C 538 -20.71 18.62 19.57
N GLN C 539 -21.84 19.03 18.97
CA GLN C 539 -22.36 18.34 17.79
C GLN C 539 -21.45 18.62 16.61
N TYR C 540 -20.60 17.66 16.26
CA TYR C 540 -19.66 17.77 15.16
C TYR C 540 -19.95 16.72 14.11
N ARG C 541 -19.53 17.01 12.88
CA ARG C 541 -19.68 16.06 11.79
C ARG C 541 -18.93 14.77 12.11
N ALA C 542 -19.50 13.64 11.69
CA ALA C 542 -18.86 12.35 11.95
C ALA C 542 -17.44 12.30 11.39
N GLN C 543 -17.17 13.08 10.34
CA GLN C 543 -15.84 13.11 9.75
C GLN C 543 -14.79 13.70 10.70
N PHE C 544 -15.22 14.45 11.73
CA PHE C 544 -14.29 14.93 12.74
C PHE C 544 -13.77 13.78 13.59
N TYR C 545 -14.62 12.81 13.91
CA TYR C 545 -14.22 11.70 14.77
C TYR C 545 -13.57 10.56 13.99
N ARG C 546 -13.90 10.41 12.71
CA ARG C 546 -13.32 9.33 11.91
C ARG C 546 -11.97 9.70 11.35
N ASP C 547 -11.81 10.93 10.88
CA ASP C 547 -10.61 11.37 10.18
C ASP C 547 -9.66 12.18 11.07
N TYR C 548 -10.16 13.21 11.75
CA TYR C 548 -9.26 14.14 12.40
C TYR C 548 -8.68 13.58 13.70
N ILE C 549 -9.54 13.06 14.59
CA ILE C 549 -9.05 12.54 15.86
C ILE C 549 -8.05 11.40 15.68
N PRO C 550 -8.33 10.36 14.87
CA PRO C 550 -7.31 9.33 14.64
C PRO C 550 -6.10 9.84 13.87
N TRP C 551 -6.22 10.94 13.13
CA TRP C 551 -5.05 11.50 12.46
C TRP C 551 -4.14 12.22 13.44
N ASN C 552 -4.71 12.99 14.36
CA ASN C 552 -3.91 13.86 15.23
C ASN C 552 -3.30 13.09 16.39
N TYR C 553 -4.05 12.16 16.97
CA TYR C 553 -3.64 11.47 18.18
C TYR C 553 -3.10 10.08 17.88
N GLY C 554 -2.38 9.53 18.86
CA GLY C 554 -2.07 8.11 18.90
C GLY C 554 -0.75 7.70 18.28
N SER C 555 -0.17 8.52 17.40
CA SER C 555 1.05 8.15 16.69
C SER C 555 0.87 6.82 15.97
N PHE C 556 1.88 5.95 16.04
CA PHE C 556 1.80 4.65 15.37
C PHE C 556 0.87 3.67 16.08
N ASN C 557 0.29 4.05 17.21
CA ASN C 557 -0.69 3.21 17.89
C ASN C 557 -2.10 3.39 17.36
N LEU C 558 -2.34 4.46 16.61
CA LEU C 558 -3.68 4.81 16.14
C LEU C 558 -3.65 4.93 14.62
N VAL C 559 -4.42 4.09 13.96
CA VAL C 559 -4.49 4.04 12.50
C VAL C 559 -5.75 4.76 12.06
N THR C 560 -5.61 5.66 11.09
CA THR C 560 -6.77 6.30 10.49
C THR C 560 -7.60 5.23 9.78
N PRO C 561 -8.85 5.01 10.20
CA PRO C 561 -9.60 3.84 9.72
C PRO C 561 -9.97 3.95 8.25
N GLN C 562 -9.97 2.79 7.59
CA GLN C 562 -10.45 2.73 6.21
C GLN C 562 -11.97 2.85 6.17
N ASP C 563 -12.65 2.09 7.03
CA ASP C 563 -14.10 2.13 7.13
C ASP C 563 -14.58 3.56 7.33
N LYS C 564 -15.47 4.01 6.44
CA LYS C 564 -16.04 5.36 6.55
C LYS C 564 -16.99 5.50 7.73
N GLY C 565 -17.24 4.45 8.51
CA GLY C 565 -18.18 4.54 9.60
C GLY C 565 -17.55 4.34 10.98
N ALA C 566 -16.24 4.18 11.03
CA ALA C 566 -15.53 3.94 12.28
C ALA C 566 -15.12 5.27 12.91
N LEU C 567 -15.64 5.54 14.11
CA LEU C 567 -15.41 6.81 14.79
C LEU C 567 -14.71 6.57 16.12
N PHE C 568 -13.93 7.57 16.55
CA PHE C 568 -13.05 7.45 17.71
C PHE C 568 -13.33 8.63 18.65
N LEU C 569 -14.06 8.38 19.73
CA LEU C 569 -14.34 9.40 20.75
C LEU C 569 -13.19 9.36 21.75
N ASN C 570 -12.30 10.34 21.68
CA ASN C 570 -11.06 10.33 22.44
C ASN C 570 -11.16 11.23 23.66
N PHE C 571 -10.55 10.79 24.78
CA PHE C 571 -10.54 11.56 26.01
C PHE C 571 -9.16 11.63 26.63
N CYS C 572 -8.13 11.11 25.97
CA CYS C 572 -6.76 11.12 26.49
C CYS C 572 -5.83 11.68 25.42
N LEU C 573 -4.61 11.99 25.84
CA LEU C 573 -3.63 12.59 24.95
C LEU C 573 -2.80 11.56 24.19
N TYR C 574 -2.67 10.34 24.70
CA TYR C 574 -1.82 9.32 24.08
C TYR C 574 -2.58 8.00 24.10
N PRO C 575 -3.51 7.82 23.16
CA PRO C 575 -4.43 6.67 23.22
C PRO C 575 -3.76 5.30 23.25
N GLY C 576 -2.55 5.17 22.73
CA GLY C 576 -1.93 3.86 22.66
C GLY C 576 -1.03 3.52 23.83
N THR C 577 -0.61 4.53 24.59
CA THR C 577 0.42 4.33 25.60
C THR C 577 -0.17 3.80 26.90
N TYR C 578 0.71 3.26 27.74
CA TYR C 578 0.29 2.72 29.03
C TYR C 578 0.09 3.82 30.07
N GLN C 579 0.96 4.83 30.07
CA GLN C 579 0.85 5.93 31.01
C GLN C 579 -0.49 6.63 30.86
N PRO C 580 -1.29 6.74 31.92
CA PRO C 580 -2.59 7.42 31.80
C PRO C 580 -2.40 8.88 31.40
N SER C 581 -3.31 9.36 30.54
CA SER C 581 -3.21 10.72 30.02
C SER C 581 -4.57 11.35 29.80
N GLY C 582 -5.56 11.02 30.62
CA GLY C 582 -6.89 11.59 30.51
C GLY C 582 -7.97 10.53 30.47
N HIS C 583 -9.12 10.87 31.03
CA HIS C 583 -10.24 9.93 31.11
C HIS C 583 -11.51 10.70 31.48
N VAL C 584 -12.64 10.01 31.38
CA VAL C 584 -13.93 10.48 31.86
C VAL C 584 -14.40 9.48 32.89
N ASN C 585 -14.54 9.92 34.14
CA ASN C 585 -14.89 9.03 35.23
C ASN C 585 -16.40 8.94 35.39
N ILE C 586 -16.85 7.77 35.82
CA ILE C 586 -18.25 7.43 36.03
C ILE C 586 -18.41 6.73 37.39
N SER C 587 -18.48 7.49 38.48
CA SER C 587 -18.41 8.95 38.41
C SER C 587 -19.74 9.55 37.99
N ARG C 588 -19.80 10.87 37.94
CA ARG C 588 -21.03 11.58 37.56
C ARG C 588 -21.42 11.25 36.12
N ALA C 589 -20.79 10.23 35.56
CA ALA C 589 -21.06 9.81 34.19
C ALA C 589 -22.34 9.00 34.12
N ARG C 590 -23.10 8.98 35.21
CA ARG C 590 -24.35 8.24 35.27
C ARG C 590 -25.19 8.46 34.01
N GLU C 591 -25.39 9.72 33.66
CA GLU C 591 -26.17 10.08 32.48
C GLU C 591 -25.24 10.43 31.31
N PHE C 592 -24.50 9.42 30.88
CA PHE C 592 -23.58 9.55 29.76
C PHE C 592 -24.35 9.30 28.47
N TYR C 593 -24.37 10.28 27.58
CA TYR C 593 -25.16 10.22 26.37
C TYR C 593 -24.28 10.38 25.14
N ILE C 594 -24.50 9.53 24.15
CA ILE C 594 -23.98 9.69 22.80
C ILE C 594 -25.16 10.01 21.90
N GLU C 595 -25.15 11.20 21.31
CA GLU C 595 -26.23 11.68 20.46
C GLU C 595 -25.76 11.66 19.01
N TYR C 596 -26.57 11.09 18.13
CA TYR C 596 -26.22 10.97 16.72
C TYR C 596 -27.29 11.60 15.84
N THR C 597 -26.90 11.86 14.60
CA THR C 597 -27.81 12.23 13.52
C THR C 597 -27.54 11.30 12.35
N SER C 598 -28.61 10.86 11.69
CA SER C 598 -28.49 9.91 10.59
C SER C 598 -29.34 10.34 9.41
N SER C 599 -28.77 10.26 8.22
CA SER C 599 -29.52 10.36 6.98
C SER C 599 -29.92 9.00 6.44
N PHE C 600 -29.50 7.92 7.09
CA PHE C 600 -29.78 6.56 6.66
C PHE C 600 -30.77 5.82 7.55
N CYS C 601 -30.59 5.91 8.86
CA CYS C 601 -31.37 5.10 9.79
C CYS C 601 -32.81 5.59 9.85
N ASP C 602 -33.74 4.68 9.56
CA ASP C 602 -35.17 4.94 9.70
C ASP C 602 -35.85 3.60 9.98
N SER C 603 -37.19 3.60 9.90
CA SER C 603 -37.93 2.37 10.14
C SER C 603 -37.62 1.30 9.08
N SER C 604 -37.25 1.72 7.88
CA SER C 604 -36.92 0.80 6.81
C SER C 604 -35.47 0.33 6.83
N ASN C 605 -34.61 1.00 7.60
CA ASN C 605 -33.18 0.66 7.66
C ASN C 605 -32.71 0.72 9.11
N PRO C 606 -33.09 -0.26 9.93
CA PRO C 606 -32.62 -0.27 11.32
C PRO C 606 -31.13 -0.53 11.40
N CYS C 607 -30.51 0.09 12.41
CA CYS C 607 -29.07 -0.03 12.62
C CYS C 607 -28.79 -0.28 14.09
N ASP C 608 -27.58 -0.73 14.37
CA ASP C 608 -27.09 -0.94 15.73
C ASP C 608 -26.05 0.12 16.05
N LEU C 609 -26.35 0.98 17.01
CA LEU C 609 -25.37 1.94 17.50
C LEU C 609 -24.40 1.20 18.40
N ILE C 610 -23.17 0.98 17.92
CA ILE C 610 -22.17 0.21 18.63
C ILE C 610 -21.19 1.18 19.29
N SER C 611 -21.03 1.05 20.61
CA SER C 611 -20.09 1.86 21.36
C SER C 611 -19.27 0.95 22.27
N ILE C 612 -17.97 0.89 22.01
CA ILE C 612 -17.05 0.06 22.78
C ILE C 612 -15.99 0.96 23.39
N ALA C 613 -15.92 0.96 24.72
CA ALA C 613 -14.98 1.80 25.44
C ALA C 613 -13.88 0.96 26.08
N LYS C 614 -12.68 1.53 26.10
CA LYS C 614 -11.56 0.97 26.86
C LYS C 614 -11.45 1.77 28.16
N CYS C 615 -11.55 1.07 29.28
CA CYS C 615 -11.59 1.69 30.59
C CYS C 615 -10.37 1.30 31.40
N ILE C 616 -10.05 2.12 32.39
CA ILE C 616 -8.97 1.86 33.33
C ILE C 616 -9.54 1.21 34.58
N ASN C 617 -8.93 0.12 35.02
CA ASN C 617 -9.27 -0.49 36.31
C ASN C 617 -7.96 -0.91 36.97
N PHE C 618 -8.05 -1.58 38.10
CA PHE C 618 -6.89 -1.91 38.90
C PHE C 618 -6.98 -3.34 39.42
N LEU C 619 -5.86 -4.05 39.35
CA LEU C 619 -5.76 -5.43 39.81
C LEU C 619 -4.73 -5.48 40.93
N LEU C 620 -5.14 -6.00 42.09
CA LEU C 620 -4.29 -6.02 43.27
C LEU C 620 -3.59 -7.36 43.38
N ILE C 621 -2.26 -7.33 43.39
CA ILE C 621 -1.44 -8.54 43.38
C ILE C 621 -0.92 -8.85 44.78
#